data_8FOA
#
_entry.id   8FOA
#
_cell.length_a   1.00
_cell.length_b   1.00
_cell.length_c   1.00
_cell.angle_alpha   90.00
_cell.angle_beta   90.00
_cell.angle_gamma   90.00
#
_symmetry.space_group_name_H-M   'P 1'
#
loop_
_entity.id
_entity.type
_entity.pdbx_description
1 polymer 'Transient receptor potential cation channel subfamily V member 6'
2 non-polymer 'CHOLESTEROL HEMISUCCINATE'
3 non-polymer '(2S)-3-(hexadecanoyloxy)-2-[(9Z)-octadec-9-enoyloxy]propyl 2-(trimethylammonio)ethyl phosphate'
4 non-polymer 'ZINC ION'
5 non-polymer 'CALCIUM ION'
6 non-polymer GENISTEIN
#
_entity_poly.entity_id   1
_entity_poly.type   'polypeptide(L)'
_entity_poly.pdbx_seq_one_letter_code
;MGLSLPKEKGLILCLWSKFCRWFQRRESWAQSRDEQNLLQQKRIWESPLLLAAKDNDVQALNKLLKYEDCKVHQRGAMGE
TALHIAALYDNLEAAMVLMEAAPELVFEPMTSELYEGQTALHIAVVNQNMNLVRALLARRASVSARATGTAFRRSPCNLI
YFGEHPLSFAACVNSEEIVRLLIEHGADIRAQDSLGNTVLHILILQPNKTFACQMYNLLLSYDRHGDHLQPLDLVPNHQG
LTPFKLAGVEGNTVMFQHLMQKRKHTQWTYGPLTSTLYDLTEIDSSGDEQSLLELIITTKKREARQILDQTPVKELVSLK
WKRYGRPYFCMLGAIYLLYIICFTMCCIYRPLKPRTNNRTSPRDNTLLQQKLLQEAYMTPKDDIRLVGELVTVIGAIIIL
LVEVPDIFRMGVTRFFGQTILGGPFHVLIITYAFMVLVTMVMRLISASGEVVPMSFALVLGWCNVMYFARGFQMLGPFTI
MIQKMIFGDLMRFCWLMAVVILGFASAFYIIFQTEDPEELGHFYDYPMALFSTFELFLTIIDGPANYNVDLPFMYSITYA
AFAIIATLLMLNLLIAMMGDTHWRVAHERDELWRAQIVATTVMLERKLPRCLWPRSGICGREYGLGDRWFLRVEDRQDLN
RQRIQRYAQAFHTRGSEDLDKDSVEKLELGCPFSPHLSLPMPSVSRSTSRSSANWERLRQGTLRRDLRGIINRGLEDGES
WEYQI
;
_entity_poly.pdbx_strand_id   A,B,C,D
#
# COMPACT_ATOMS: atom_id res chain seq x y z
N GLU A 27 18.63 4.83 38.23
CA GLU A 27 17.76 5.31 39.29
C GLU A 27 18.59 5.97 40.40
N SER A 28 18.81 5.23 41.48
CA SER A 28 19.66 5.73 42.55
C SER A 28 21.12 5.75 42.13
N TRP A 29 21.51 4.83 41.24
CA TRP A 29 22.89 4.79 40.77
C TRP A 29 23.14 5.82 39.68
N ALA A 30 22.12 6.08 38.84
CA ALA A 30 22.27 7.10 37.81
C ALA A 30 22.30 8.51 38.42
N GLN A 31 21.59 8.69 39.54
CA GLN A 31 21.71 9.92 40.31
C GLN A 31 23.08 10.03 40.96
N SER A 32 23.70 8.89 41.26
CA SER A 32 24.99 8.90 41.95
C SER A 32 26.12 9.27 41.00
N ARG A 33 26.04 8.85 39.73
CA ARG A 33 27.04 9.25 38.75
C ARG A 33 26.97 10.74 38.47
N ASP A 34 25.75 11.30 38.45
CA ASP A 34 25.58 12.69 38.05
C ASP A 34 26.08 13.64 39.13
N GLU A 35 25.83 13.30 40.40
CA GLU A 35 26.37 14.09 41.49
C GLU A 35 27.88 13.93 41.61
N GLN A 36 28.41 12.80 41.13
CA GLN A 36 29.85 12.55 41.19
C GLN A 36 30.59 13.42 40.19
N ASN A 37 29.97 13.71 39.04
CA ASN A 37 30.62 14.56 38.04
C ASN A 37 30.48 16.03 38.39
N LEU A 38 29.45 16.40 39.16
CA LEU A 38 29.27 17.79 39.54
C LEU A 38 30.19 18.19 40.70
N LEU A 39 30.46 17.26 41.62
CA LEU A 39 31.41 17.61 42.68
C LEU A 39 32.84 17.39 42.24
N GLN A 40 33.05 16.82 41.04
CA GLN A 40 34.37 16.85 40.43
C GLN A 40 34.67 18.26 39.92
N GLN A 41 33.71 18.88 39.25
CA GLN A 41 33.91 20.22 38.72
C GLN A 41 33.83 21.26 39.83
N LYS A 42 33.24 20.89 40.97
CA LYS A 42 33.18 21.78 42.11
C LYS A 42 34.53 21.85 42.81
N ARG A 43 35.23 20.71 42.90
CA ARG A 43 36.53 20.68 43.55
C ARG A 43 37.67 21.05 42.62
N ILE A 44 37.41 21.15 41.31
CA ILE A 44 38.44 21.65 40.41
C ILE A 44 38.44 23.17 40.38
N TRP A 45 37.37 23.81 40.84
CA TRP A 45 37.29 25.26 40.88
C TRP A 45 37.77 25.84 42.20
N GLU A 46 37.59 25.12 43.29
CA GLU A 46 37.97 25.59 44.62
C GLU A 46 39.38 25.14 45.01
N SER A 47 40.18 24.73 44.03
CA SER A 47 41.59 24.41 44.25
C SER A 47 42.39 24.99 43.07
N PRO A 48 43.41 25.81 43.35
CA PRO A 48 44.02 26.59 42.25
C PRO A 48 44.94 25.79 41.35
N LEU A 49 45.65 24.79 41.88
CA LEU A 49 46.57 24.03 41.04
C LEU A 49 45.81 23.02 40.18
N LEU A 50 44.66 22.55 40.66
CA LEU A 50 43.77 21.76 39.82
C LEU A 50 43.13 22.62 38.75
N LEU A 51 42.88 23.89 39.07
CA LEU A 51 42.20 24.78 38.13
C LEU A 51 43.13 25.23 37.02
N ALA A 52 44.39 25.54 37.37
CA ALA A 52 45.33 26.01 36.37
C ALA A 52 45.78 24.87 35.46
N ALA A 53 45.73 23.63 35.96
CA ALA A 53 45.96 22.48 35.10
C ALA A 53 44.83 22.31 34.10
N LYS A 54 43.60 22.63 34.52
CA LYS A 54 42.47 22.62 33.60
C LYS A 54 42.53 23.79 32.62
N ASP A 55 42.77 25.00 33.13
CA ASP A 55 42.68 26.22 32.32
C ASP A 55 43.96 26.49 31.54
N ASN A 56 44.96 25.62 31.68
CA ASN A 56 46.25 25.67 31.00
C ASN A 56 46.97 26.99 31.29
N ASP A 57 46.90 27.39 32.56
CA ASP A 57 47.55 28.61 33.03
C ASP A 57 48.99 28.25 33.40
N VAL A 58 49.88 28.36 32.40
CA VAL A 58 51.23 27.83 32.55
C VAL A 58 52.05 28.69 33.50
N GLN A 59 51.68 29.96 33.65
CA GLN A 59 52.38 30.82 34.60
C GLN A 59 51.87 30.59 36.02
N ALA A 60 50.66 30.05 36.15
CA ALA A 60 50.10 29.82 37.49
C ALA A 60 50.63 28.53 38.09
N LEU A 61 51.24 27.67 37.26
CA LEU A 61 51.87 26.46 37.80
C LEU A 61 53.21 26.78 38.44
N ASN A 62 53.98 27.68 37.82
CA ASN A 62 55.33 28.00 38.28
C ASN A 62 55.34 28.70 39.63
N LYS A 63 54.32 29.53 39.89
CA LYS A 63 54.24 30.22 41.18
C LYS A 63 53.85 29.27 42.29
N LEU A 64 52.85 28.43 42.05
CA LEU A 64 52.31 27.57 43.11
C LEU A 64 53.26 26.43 43.43
N LEU A 65 53.97 25.90 42.42
CA LEU A 65 54.85 24.77 42.66
C LEU A 65 56.16 25.18 43.32
N LYS A 66 56.59 26.42 43.16
CA LYS A 66 57.77 26.89 43.87
C LYS A 66 57.46 27.30 45.30
N TYR A 67 56.19 27.28 45.70
CA TYR A 67 55.82 27.59 47.08
C TYR A 67 55.87 26.34 47.96
N GLU A 68 56.99 25.61 47.88
CA GLU A 68 57.25 24.35 48.59
C GLU A 68 56.17 23.31 48.30
N ASP A 69 56.07 22.96 47.00
CA ASP A 69 55.39 21.82 46.37
C ASP A 69 54.11 21.34 47.06
N CYS A 70 53.16 22.28 47.22
CA CYS A 70 52.20 22.36 48.33
C CYS A 70 51.50 21.07 48.74
N LYS A 71 50.66 20.53 47.86
CA LYS A 71 49.99 19.26 48.13
C LYS A 71 49.91 18.46 46.81
N VAL A 72 51.07 18.27 46.18
CA VAL A 72 51.21 17.64 44.86
C VAL A 72 50.60 16.25 44.77
N HIS A 73 50.46 15.55 45.90
CA HIS A 73 49.68 14.32 45.96
C HIS A 73 48.23 14.68 46.24
N GLN A 74 47.55 15.15 45.20
CA GLN A 74 46.14 15.52 45.25
C GLN A 74 45.27 14.29 45.16
N ARG A 75 44.13 14.34 45.84
CA ARG A 75 43.04 13.40 45.62
C ARG A 75 41.76 14.19 45.49
N GLY A 76 41.27 14.34 44.26
CA GLY A 76 40.05 15.06 43.98
C GLY A 76 38.81 14.24 44.27
N ALA A 77 37.84 14.34 43.37
CA ALA A 77 36.62 13.54 43.52
C ALA A 77 36.90 12.08 43.22
N MET A 78 37.34 11.78 42.00
CA MET A 78 37.63 10.40 41.64
C MET A 78 39.08 10.04 41.88
N GLY A 79 39.61 10.35 43.07
CA GLY A 79 40.98 10.07 43.45
C GLY A 79 42.05 10.61 42.51
N GLU A 80 41.78 11.76 41.92
CA GLU A 80 42.58 12.29 40.82
C GLU A 80 43.74 13.10 41.35
N THR A 81 44.86 13.03 40.64
CA THR A 81 45.99 13.91 40.83
C THR A 81 45.95 14.99 39.75
N ALA A 82 46.83 15.97 39.85
CA ALA A 82 46.80 17.09 38.92
C ALA A 82 47.31 16.70 37.54
N LEU A 83 47.98 15.55 37.42
CA LEU A 83 48.39 15.05 36.12
C LEU A 83 47.18 14.50 35.36
N HIS A 84 46.21 13.96 36.09
CA HIS A 84 45.01 13.41 35.47
C HIS A 84 44.15 14.51 34.86
N ILE A 85 44.08 15.66 35.52
CA ILE A 85 43.31 16.80 34.99
C ILE A 85 43.99 17.35 33.74
N ALA A 86 45.31 17.49 33.77
CA ALA A 86 46.02 18.07 32.63
C ALA A 86 46.00 17.16 31.42
N ALA A 87 45.98 15.84 31.65
CA ALA A 87 45.90 14.90 30.55
C ALA A 87 44.49 14.85 29.96
N LEU A 88 43.47 15.11 30.81
CA LEU A 88 42.09 14.92 30.39
C LEU A 88 41.62 16.03 29.47
N TYR A 89 42.05 17.26 29.73
CA TYR A 89 41.63 18.42 28.95
C TYR A 89 42.61 18.78 27.85
N ASP A 90 43.56 17.89 27.55
CA ASP A 90 44.55 18.02 26.47
C ASP A 90 45.41 19.28 26.64
N ASN A 91 45.84 19.52 27.87
CA ASN A 91 46.74 20.63 28.17
C ASN A 91 48.17 20.12 28.23
N LEU A 92 48.81 20.11 27.05
CA LEU A 92 50.17 19.57 26.93
C LEU A 92 51.19 20.46 27.62
N GLU A 93 50.96 21.78 27.58
CA GLU A 93 51.92 22.70 28.17
C GLU A 93 51.85 22.66 29.70
N ALA A 94 50.65 22.42 30.25
CA ALA A 94 50.51 22.36 31.69
C ALA A 94 50.92 21.00 32.23
N ALA A 95 50.86 19.97 31.40
CA ALA A 95 51.17 18.62 31.86
C ALA A 95 52.67 18.40 32.00
N MET A 96 53.47 19.22 31.30
CA MET A 96 54.91 19.12 31.41
C MET A 96 55.40 19.56 32.79
N VAL A 97 54.83 20.66 33.31
CA VAL A 97 55.28 21.31 34.53
C VAL A 97 55.05 20.41 35.74
N LEU A 98 54.02 19.57 35.67
CA LEU A 98 53.75 18.61 36.74
C LEU A 98 54.81 17.53 36.80
N MET A 99 55.49 17.26 35.68
CA MET A 99 56.41 16.13 35.62
C MET A 99 57.74 16.45 36.32
N GLU A 100 58.36 17.58 35.98
CA GLU A 100 59.64 17.91 36.60
C GLU A 100 59.46 18.37 38.04
N ALA A 101 58.26 18.80 38.40
CA ALA A 101 57.99 19.16 39.79
C ALA A 101 57.91 17.94 40.70
N ALA A 102 57.30 16.86 40.24
CA ALA A 102 57.23 15.60 40.98
C ALA A 102 57.03 14.46 39.99
N PRO A 103 58.10 13.74 39.63
CA PRO A 103 57.96 12.66 38.62
C PRO A 103 57.22 11.44 39.12
N GLU A 104 56.90 11.35 40.41
CA GLU A 104 56.19 10.20 40.96
C GLU A 104 54.69 10.23 40.71
N LEU A 105 54.18 11.21 39.95
CA LEU A 105 52.75 11.26 39.65
C LEU A 105 52.39 10.44 38.41
N VAL A 106 53.37 10.05 37.61
CA VAL A 106 53.06 9.24 36.43
C VAL A 106 52.77 7.79 36.78
N PHE A 107 53.09 7.37 38.00
CA PHE A 107 52.82 6.01 38.44
C PHE A 107 51.57 5.97 39.32
N GLU A 108 50.71 6.98 39.19
CA GLU A 108 49.58 7.09 40.10
C GLU A 108 48.27 6.86 39.36
N PRO A 109 47.45 5.94 39.85
CA PRO A 109 46.13 5.72 39.25
C PRO A 109 45.06 6.59 39.88
N MET A 110 43.83 6.51 39.37
CA MET A 110 42.69 7.02 40.11
C MET A 110 42.21 5.94 41.09
N THR A 111 41.74 6.37 42.26
CA THR A 111 41.48 5.45 43.35
C THR A 111 40.01 5.26 43.69
N SER A 112 39.10 5.96 43.02
CA SER A 112 37.68 5.78 43.28
C SER A 112 37.19 4.46 42.69
N GLU A 113 35.97 4.04 43.04
CA GLU A 113 35.46 2.77 42.52
C GLU A 113 35.08 2.89 41.05
N LEU A 114 34.70 4.09 40.62
CA LEU A 114 34.18 4.28 39.27
C LEU A 114 35.29 4.25 38.22
N TYR A 115 36.45 4.79 38.56
CA TYR A 115 37.58 4.87 37.63
C TYR A 115 38.82 4.25 38.23
N GLU A 116 38.69 3.05 38.80
CA GLU A 116 39.76 2.43 39.55
C GLU A 116 40.88 1.96 38.64
N GLY A 117 42.12 2.33 38.97
CA GLY A 117 43.29 1.85 38.28
C GLY A 117 43.71 2.68 37.08
N GLN A 118 42.88 3.64 36.66
CA GLN A 118 43.19 4.41 35.47
C GLN A 118 44.30 5.40 35.74
N THR A 119 45.40 5.25 35.02
CA THR A 119 46.55 6.13 35.14
C THR A 119 46.45 7.22 34.08
N ALA A 120 47.44 8.10 34.05
CA ALA A 120 47.43 9.19 33.07
C ALA A 120 47.76 8.68 31.69
N LEU A 121 48.39 7.50 31.60
CA LEU A 121 48.75 6.94 30.30
C LEU A 121 47.50 6.45 29.57
N HIS A 122 46.51 5.97 30.32
CA HIS A 122 45.23 5.59 29.73
C HIS A 122 44.53 6.79 29.11
N ILE A 123 44.60 7.94 29.79
CA ILE A 123 43.80 9.11 29.41
C ILE A 123 44.34 9.74 28.13
N ALA A 124 45.66 9.84 28.02
CA ALA A 124 46.27 10.47 26.84
C ALA A 124 46.11 9.60 25.60
N VAL A 125 46.03 8.28 25.77
CA VAL A 125 45.83 7.38 24.64
C VAL A 125 44.42 7.52 24.08
N VAL A 126 43.42 7.59 24.96
CA VAL A 126 42.03 7.75 24.51
C VAL A 126 41.82 9.12 23.88
N ASN A 127 42.45 10.15 24.45
CA ASN A 127 42.34 11.49 23.89
C ASN A 127 43.24 11.71 22.68
N GLN A 128 44.06 10.72 22.32
CA GLN A 128 44.93 10.74 21.13
C GLN A 128 45.91 11.91 21.15
N ASN A 129 46.57 12.08 22.29
CA ASN A 129 47.54 13.16 22.48
C ASN A 129 48.92 12.54 22.22
N MET A 130 49.48 12.86 21.06
CA MET A 130 50.71 12.21 20.62
C MET A 130 51.93 12.72 21.37
N ASN A 131 52.00 14.04 21.59
CA ASN A 131 53.18 14.61 22.23
C ASN A 131 53.22 14.30 23.71
N LEU A 132 52.05 14.09 24.32
CA LEU A 132 52.02 13.77 25.75
C LEU A 132 52.41 12.31 25.99
N VAL A 133 51.98 11.41 25.11
CA VAL A 133 52.15 9.98 25.37
C VAL A 133 53.61 9.58 25.14
N ARG A 134 54.37 10.35 24.36
CA ARG A 134 55.80 10.11 24.27
C ARG A 134 56.49 10.52 25.57
N ALA A 135 56.07 11.65 26.15
CA ALA A 135 56.69 12.14 27.37
C ALA A 135 56.32 11.28 28.57
N LEU A 136 55.20 10.58 28.48
CA LEU A 136 54.86 9.61 29.52
C LEU A 136 55.74 8.37 29.42
N LEU A 137 55.95 7.86 28.22
CA LEU A 137 56.83 6.72 28.01
C LEU A 137 58.29 7.10 28.23
N ALA A 138 58.61 8.38 28.08
CA ALA A 138 59.96 8.88 28.34
C ALA A 138 60.30 8.79 29.82
N ARG A 139 59.29 8.85 30.68
CA ARG A 139 59.50 8.71 32.11
C ARG A 139 59.01 7.36 32.60
N ARG A 140 59.00 6.38 31.69
CA ARG A 140 58.77 4.96 31.99
C ARG A 140 57.40 4.69 32.58
N ALA A 141 56.36 5.10 31.86
CA ALA A 141 54.99 4.80 32.26
C ALA A 141 54.69 3.34 31.99
N SER A 142 53.99 2.70 32.93
CA SER A 142 53.65 1.28 32.82
C SER A 142 52.60 1.06 31.73
N VAL A 143 52.96 0.24 30.74
CA VAL A 143 52.07 -0.06 29.63
C VAL A 143 51.17 -1.26 29.93
N SER A 144 51.25 -1.80 31.15
CA SER A 144 50.47 -2.98 31.52
C SER A 144 49.63 -2.69 32.75
N ALA A 145 49.12 -1.46 32.84
CA ALA A 145 48.24 -1.09 33.94
C ALA A 145 46.83 -1.59 33.67
N ARG A 146 46.02 -1.74 34.71
CA ARG A 146 44.69 -2.32 34.53
C ARG A 146 43.60 -1.45 35.14
N ALA A 147 42.82 -0.80 34.30
CA ALA A 147 41.71 0.02 34.75
C ALA A 147 40.53 -0.86 35.19
N THR A 148 40.52 -1.27 36.45
CA THR A 148 39.54 -2.21 36.96
C THR A 148 38.23 -1.56 37.40
N GLY A 149 38.02 -0.28 37.09
CA GLY A 149 36.88 0.44 37.59
C GLY A 149 35.57 0.01 36.96
N THR A 150 34.48 0.43 37.61
CA THR A 150 33.15 0.03 37.17
C THR A 150 32.71 0.73 35.89
N ALA A 151 33.39 1.81 35.50
CA ALA A 151 33.10 2.43 34.22
C ALA A 151 33.89 1.82 33.07
N PHE A 152 34.78 0.87 33.35
CA PHE A 152 35.56 0.22 32.31
C PHE A 152 35.16 -1.24 32.16
N ARG A 153 33.88 -1.53 32.37
CA ARG A 153 33.38 -2.89 32.31
C ARG A 153 32.24 -2.91 31.31
N ARG A 154 32.06 -4.04 30.64
CA ARG A 154 31.01 -4.15 29.64
C ARG A 154 29.64 -4.18 30.31
N SER A 155 28.83 -3.19 30.00
CA SER A 155 27.54 -2.99 30.63
C SER A 155 26.69 -2.10 29.74
N PRO A 156 25.36 -2.29 29.71
CA PRO A 156 24.52 -1.36 28.94
C PRO A 156 24.42 0.01 29.57
N CYS A 157 24.74 0.15 30.85
CA CYS A 157 24.77 1.47 31.48
C CYS A 157 26.02 2.23 31.07
N ASN A 158 27.15 1.54 30.96
CA ASN A 158 28.34 2.14 30.38
C ASN A 158 28.14 2.35 28.89
N LEU A 159 28.83 3.35 28.35
CA LEU A 159 28.61 3.74 26.98
C LEU A 159 29.77 3.37 26.06
N ILE A 160 30.95 3.15 26.61
CA ILE A 160 32.09 2.61 25.86
C ILE A 160 32.65 1.43 26.63
N TYR A 161 33.09 0.40 25.91
CA TYR A 161 33.84 -0.72 26.46
C TYR A 161 35.12 -0.87 25.65
N PHE A 162 36.22 -0.36 26.20
CA PHE A 162 37.47 -0.32 25.45
C PHE A 162 38.52 -1.26 26.01
N GLY A 163 38.16 -2.15 26.92
CA GLY A 163 39.12 -3.06 27.50
C GLY A 163 39.66 -2.61 28.84
N GLU A 164 40.90 -2.99 29.15
CA GLU A 164 41.44 -2.73 30.48
C GLU A 164 42.92 -2.36 30.39
N HIS A 165 43.46 -2.31 29.19
CA HIS A 165 44.88 -2.07 28.96
C HIS A 165 45.05 -0.87 28.05
N PRO A 166 46.21 -0.19 28.12
CA PRO A 166 46.43 0.95 27.20
C PRO A 166 46.53 0.56 25.74
N LEU A 167 47.00 -0.66 25.46
CA LEU A 167 47.00 -1.14 24.08
C LEU A 167 45.58 -1.44 23.61
N SER A 168 44.71 -1.81 24.56
CA SER A 168 43.31 -1.99 24.21
C SER A 168 42.62 -0.66 23.96
N PHE A 169 43.08 0.41 24.64
CA PHE A 169 42.47 1.72 24.46
C PHE A 169 42.89 2.33 23.13
N ALA A 170 44.12 2.04 22.69
CA ALA A 170 44.62 2.60 21.44
C ALA A 170 43.96 1.95 20.24
N ALA A 171 43.61 0.67 20.35
CA ALA A 171 43.01 -0.03 19.23
C ALA A 171 41.57 0.42 19.00
N CYS A 172 40.86 0.76 20.08
CA CYS A 172 39.45 1.08 19.96
C CYS A 172 39.19 2.51 19.50
N VAL A 173 40.13 3.43 19.75
CA VAL A 173 39.97 4.80 19.25
C VAL A 173 40.55 4.97 17.85
N ASN A 174 41.04 3.89 17.24
CA ASN A 174 41.60 3.84 15.89
C ASN A 174 42.78 4.80 15.73
N SER A 175 43.87 4.53 16.45
CA SER A 175 45.09 5.31 16.29
C SER A 175 46.21 4.32 16.04
N GLU A 176 46.62 4.21 14.77
CA GLU A 176 47.62 3.24 14.36
C GLU A 176 49.00 3.57 14.94
N GLU A 177 49.30 4.87 15.07
CA GLU A 177 50.63 5.28 15.47
C GLU A 177 50.87 5.04 16.96
N ILE A 178 49.81 5.06 17.76
CA ILE A 178 49.95 4.75 19.18
C ILE A 178 50.21 3.26 19.39
N VAL A 179 49.54 2.43 18.59
CA VAL A 179 49.67 0.97 18.70
C VAL A 179 51.09 0.54 18.33
N ARG A 180 51.66 1.17 17.31
CA ARG A 180 53.04 0.91 16.94
C ARG A 180 54.00 1.44 18.00
N LEU A 181 53.57 2.45 18.76
CA LEU A 181 54.44 3.04 19.76
C LEU A 181 54.38 2.26 21.07
N LEU A 182 53.20 1.73 21.41
CA LEU A 182 53.03 1.04 22.70
C LEU A 182 53.68 -0.34 22.68
N ILE A 183 53.56 -1.07 21.57
CA ILE A 183 54.12 -2.41 21.48
C ILE A 183 55.65 -2.34 21.45
N GLU A 184 56.17 -1.27 20.83
CA GLU A 184 57.59 -0.97 20.80
C GLU A 184 58.15 -0.77 22.20
N HIS A 185 57.34 -0.21 23.10
CA HIS A 185 57.75 -0.04 24.49
C HIS A 185 57.41 -1.26 25.33
N GLY A 186 56.79 -2.27 24.74
CA GLY A 186 56.63 -3.53 25.43
C GLY A 186 55.21 -3.92 25.78
N ALA A 187 54.24 -3.50 24.97
CA ALA A 187 52.86 -3.86 25.24
C ALA A 187 52.61 -5.33 24.88
N ASP A 188 51.76 -5.97 25.67
CA ASP A 188 51.43 -7.39 25.52
C ASP A 188 50.07 -7.49 24.85
N ILE A 189 50.06 -8.01 23.62
CA ILE A 189 48.82 -8.15 22.86
C ILE A 189 48.08 -9.41 23.28
N ARG A 190 48.73 -10.25 24.07
CA ARG A 190 48.10 -11.45 24.63
C ARG A 190 47.38 -11.17 25.93
N ALA A 191 47.40 -9.92 26.40
CA ALA A 191 46.80 -9.60 27.68
C ALA A 191 45.28 -9.65 27.59
N GLN A 192 44.64 -10.03 28.70
CA GLN A 192 43.21 -10.24 28.72
C GLN A 192 42.56 -9.42 29.82
N ASP A 193 41.24 -9.31 29.73
CA ASP A 193 40.46 -8.53 30.67
C ASP A 193 39.99 -9.39 31.84
N SER A 194 39.09 -8.86 32.64
CA SER A 194 38.37 -9.64 33.64
C SER A 194 37.32 -10.55 33.03
N LEU A 195 36.87 -10.24 31.82
CA LEU A 195 36.02 -11.13 31.04
C LEU A 195 36.81 -12.09 30.17
N GLY A 196 38.14 -12.05 30.23
CA GLY A 196 38.98 -12.90 29.42
C GLY A 196 39.21 -12.44 28.00
N ASN A 197 38.61 -11.32 27.60
CA ASN A 197 38.75 -10.85 26.23
C ASN A 197 40.14 -10.27 26.00
N THR A 198 40.79 -10.74 24.93
CA THR A 198 42.05 -10.13 24.52
C THR A 198 41.77 -8.95 23.61
N VAL A 199 42.83 -8.38 23.03
CA VAL A 199 42.70 -7.12 22.30
C VAL A 199 42.02 -7.34 20.95
N LEU A 200 41.89 -8.60 20.52
CA LEU A 200 41.20 -8.86 19.26
C LEU A 200 39.73 -9.18 19.49
N HIS A 201 39.37 -9.63 20.71
CA HIS A 201 37.96 -9.81 21.04
C HIS A 201 37.24 -8.47 21.13
N ILE A 202 37.95 -7.43 21.57
CA ILE A 202 37.32 -6.16 21.88
C ILE A 202 36.98 -5.39 20.60
N LEU A 203 37.81 -5.54 19.56
CA LEU A 203 37.58 -4.83 18.30
C LEU A 203 36.31 -5.30 17.59
N ILE A 204 35.88 -6.53 17.86
CA ILE A 204 34.64 -7.03 17.30
C ILE A 204 33.45 -6.38 17.99
N LEU A 205 33.63 -5.97 19.24
CA LEU A 205 32.56 -5.34 20.02
C LEU A 205 32.39 -3.87 19.71
N GLN A 206 33.27 -3.29 18.89
CA GLN A 206 33.26 -1.85 18.66
C GLN A 206 32.16 -1.50 17.65
N PRO A 207 31.57 -0.29 17.76
CA PRO A 207 30.43 0.04 16.89
C PRO A 207 30.79 0.31 15.44
N ASN A 208 31.94 0.93 15.18
CA ASN A 208 32.33 1.19 13.80
C ASN A 208 33.10 -0.02 13.27
N LYS A 209 32.49 -0.75 12.33
CA LYS A 209 33.02 -2.05 11.94
C LYS A 209 34.20 -1.92 11.00
N THR A 210 34.18 -0.93 10.11
CA THR A 210 35.18 -0.85 9.04
C THR A 210 36.53 -0.42 9.61
N PHE A 211 36.53 0.51 10.57
CA PHE A 211 37.77 0.92 11.21
C PHE A 211 38.34 -0.18 12.09
N ALA A 212 37.48 -1.06 12.60
CA ALA A 212 37.95 -2.17 13.43
C ALA A 212 38.53 -3.28 12.56
N CYS A 213 38.15 -3.31 11.28
CA CYS A 213 38.66 -4.32 10.36
C CYS A 213 40.13 -4.06 10.01
N GLN A 214 40.50 -2.78 9.90
CA GLN A 214 41.89 -2.45 9.61
C GLN A 214 42.77 -2.67 10.84
N MET A 215 42.22 -2.44 12.03
CA MET A 215 43.01 -2.63 13.25
C MET A 215 43.18 -4.11 13.58
N TYR A 216 42.29 -4.95 13.06
CA TYR A 216 42.42 -6.39 13.25
C TYR A 216 43.64 -6.92 12.51
N ASN A 217 43.80 -6.50 11.26
CA ASN A 217 44.93 -6.94 10.44
C ASN A 217 46.25 -6.42 10.98
N LEU A 218 46.22 -5.27 11.64
CA LEU A 218 47.43 -4.69 12.21
C LEU A 218 47.92 -5.50 13.40
N LEU A 219 47.00 -5.90 14.28
CA LEU A 219 47.40 -6.58 15.51
C LEU A 219 47.80 -8.03 15.24
N LEU A 220 47.33 -8.60 14.13
CA LEU A 220 47.76 -9.96 13.76
C LEU A 220 49.16 -9.95 13.18
N SER A 221 49.55 -8.82 12.58
CA SER A 221 50.87 -8.73 11.95
C SER A 221 51.98 -8.67 12.99
N TYR A 222 51.67 -8.23 14.19
CA TYR A 222 52.65 -8.22 15.26
C TYR A 222 52.64 -9.51 16.08
N ASP A 223 51.83 -10.49 15.69
CA ASP A 223 51.88 -11.81 16.29
C ASP A 223 52.86 -12.69 15.52
N ARG A 224 54.15 -12.33 15.52
CA ARG A 224 55.15 -13.13 14.83
C ARG A 224 55.27 -14.49 15.51
N HIS A 225 55.84 -14.50 16.72
CA HIS A 225 55.54 -15.34 17.88
C HIS A 225 55.08 -16.76 17.59
N GLY A 226 55.90 -17.55 16.88
CA GLY A 226 55.50 -18.90 16.52
C GLY A 226 55.77 -19.96 17.57
N ASP A 227 55.72 -19.57 18.85
CA ASP A 227 55.99 -20.50 19.94
C ASP A 227 55.06 -20.29 21.12
N HIS A 228 53.99 -19.53 20.93
CA HIS A 228 53.04 -19.25 22.00
C HIS A 228 52.00 -20.35 22.20
N LEU A 229 52.12 -21.46 21.47
CA LEU A 229 51.29 -22.68 21.56
C LEU A 229 49.84 -22.48 21.11
N GLN A 230 49.43 -21.25 20.78
CA GLN A 230 48.12 -20.89 20.26
C GLN A 230 48.27 -19.67 19.37
N PRO A 231 47.84 -19.73 18.11
CA PRO A 231 47.60 -18.50 17.34
C PRO A 231 46.58 -17.64 18.04
N LEU A 232 46.81 -16.33 18.10
CA LEU A 232 46.13 -15.46 19.06
C LEU A 232 44.65 -15.31 18.69
N ASP A 233 44.33 -15.46 17.40
CA ASP A 233 42.92 -15.51 17.02
C ASP A 233 42.36 -16.92 17.08
N LEU A 234 42.67 -17.64 18.16
CA LEU A 234 42.03 -18.90 18.53
C LEU A 234 41.84 -18.89 20.04
N VAL A 235 42.48 -17.95 20.71
CA VAL A 235 42.53 -17.86 22.17
C VAL A 235 41.16 -17.49 22.70
N PRO A 236 40.54 -18.33 23.52
CA PRO A 236 39.17 -18.05 23.98
C PRO A 236 39.14 -17.12 25.18
N ASN A 237 37.96 -16.53 25.38
CA ASN A 237 37.66 -15.77 26.58
C ASN A 237 37.12 -16.70 27.67
N HIS A 238 36.53 -16.10 28.70
CA HIS A 238 36.05 -16.90 29.83
C HIS A 238 34.72 -17.58 29.53
N GLN A 239 34.12 -17.29 28.38
CA GLN A 239 32.99 -18.06 27.89
C GLN A 239 33.38 -19.10 26.85
N GLY A 240 34.66 -19.22 26.53
CA GLY A 240 35.13 -20.16 25.55
C GLY A 240 35.06 -19.70 24.11
N LEU A 241 34.49 -18.52 23.86
CA LEU A 241 34.31 -18.04 22.50
C LEU A 241 35.62 -17.55 21.91
N THR A 242 35.83 -17.88 20.65
CA THR A 242 36.91 -17.39 19.81
C THR A 242 36.53 -16.05 19.22
N PRO A 243 37.47 -15.31 18.60
CA PRO A 243 37.05 -14.13 17.81
C PRO A 243 36.15 -14.44 16.62
N PHE A 244 36.18 -15.68 16.11
CA PHE A 244 35.26 -16.05 15.05
C PHE A 244 33.84 -16.21 15.61
N LYS A 245 33.70 -16.95 16.71
CA LYS A 245 32.37 -17.19 17.27
C LYS A 245 31.77 -15.92 17.85
N LEU A 246 32.61 -15.03 18.38
CA LEU A 246 32.12 -13.78 18.95
C LEU A 246 31.58 -12.86 17.86
N ALA A 247 32.14 -12.94 16.65
CA ALA A 247 31.60 -12.17 15.54
C ALA A 247 30.27 -12.75 15.07
N GLY A 248 30.08 -14.05 15.26
CA GLY A 248 28.81 -14.67 14.91
C GLY A 248 27.74 -14.41 15.94
N VAL A 249 28.13 -14.36 17.22
CA VAL A 249 27.18 -14.06 18.29
C VAL A 249 26.75 -12.60 18.27
N GLU A 250 27.68 -11.67 18.15
CA GLU A 250 27.36 -10.25 18.26
C GLU A 250 26.80 -9.65 16.98
N GLY A 251 26.60 -10.46 15.95
CA GLY A 251 26.03 -9.95 14.71
C GLY A 251 26.95 -9.10 13.88
N ASN A 252 28.26 -9.20 14.11
CA ASN A 252 29.24 -8.40 13.38
C ASN A 252 29.49 -9.10 12.04
N THR A 253 28.72 -8.69 11.03
CA THR A 253 28.78 -9.34 9.72
C THR A 253 30.02 -8.94 8.95
N VAL A 254 30.55 -7.74 9.21
CA VAL A 254 31.72 -7.27 8.49
C VAL A 254 32.95 -8.06 8.90
N MET A 255 33.11 -8.30 10.20
CA MET A 255 34.23 -9.10 10.66
C MET A 255 33.99 -10.58 10.44
N PHE A 256 32.73 -11.00 10.29
CA PHE A 256 32.44 -12.40 10.04
C PHE A 256 32.89 -12.81 8.64
N GLN A 257 32.60 -11.97 7.65
CA GLN A 257 33.03 -12.25 6.28
C GLN A 257 34.54 -12.12 6.14
N HIS A 258 35.15 -11.23 6.93
CA HIS A 258 36.60 -11.07 6.89
C HIS A 258 37.30 -12.30 7.45
N LEU A 259 36.77 -12.86 8.54
CA LEU A 259 37.36 -14.04 9.14
C LEU A 259 37.06 -15.32 8.37
N MET A 260 36.19 -15.27 7.36
CA MET A 260 35.80 -16.49 6.68
C MET A 260 36.73 -16.81 5.51
N GLN A 261 37.53 -15.83 5.04
CA GLN A 261 38.53 -16.14 4.03
C GLN A 261 39.68 -16.96 4.60
N LYS A 262 39.82 -16.98 5.92
CA LYS A 262 40.78 -17.88 6.54
C LYS A 262 40.29 -19.33 6.49
N ARG A 263 38.99 -19.52 6.28
CA ARG A 263 38.40 -20.85 6.31
C ARG A 263 37.95 -21.35 4.93
N LYS A 264 38.15 -20.57 3.87
CA LYS A 264 37.78 -21.04 2.56
C LYS A 264 38.93 -21.79 1.91
N HIS A 265 38.60 -22.49 0.82
CA HIS A 265 39.60 -23.18 0.01
C HIS A 265 39.00 -23.35 -1.37
N THR A 266 39.49 -22.58 -2.33
CA THR A 266 39.00 -22.67 -3.70
C THR A 266 39.61 -23.91 -4.37
N GLN A 267 38.76 -24.76 -4.93
CA GLN A 267 39.22 -25.99 -5.55
C GLN A 267 39.64 -25.76 -7.00
N TRP A 268 38.72 -25.25 -7.81
CA TRP A 268 38.98 -24.97 -9.22
C TRP A 268 38.08 -23.83 -9.68
N THR A 269 38.46 -23.24 -10.81
CA THR A 269 37.69 -22.19 -11.46
C THR A 269 37.56 -22.57 -12.93
N TYR A 270 36.36 -22.98 -13.35
CA TYR A 270 36.14 -23.43 -14.73
C TYR A 270 35.32 -22.36 -15.43
N GLY A 271 36.02 -21.37 -15.97
CA GLY A 271 35.40 -20.24 -16.62
C GLY A 271 34.64 -19.37 -15.65
N PRO A 272 33.31 -19.34 -15.76
CA PRO A 272 32.50 -18.61 -14.78
C PRO A 272 32.20 -19.39 -13.52
N LEU A 273 32.51 -20.68 -13.46
CA LEU A 273 32.21 -21.50 -12.30
C LEU A 273 33.35 -21.47 -11.30
N THR A 274 33.00 -21.75 -10.04
CA THR A 274 33.98 -21.79 -8.96
C THR A 274 33.48 -22.77 -7.91
N SER A 275 34.35 -23.69 -7.49
CA SER A 275 34.02 -24.63 -6.43
C SER A 275 34.79 -24.27 -5.17
N THR A 276 34.09 -23.67 -4.21
CA THR A 276 34.66 -23.25 -2.94
C THR A 276 34.34 -24.30 -1.88
N LEU A 277 35.29 -24.53 -0.98
CA LEU A 277 35.16 -25.53 0.07
C LEU A 277 35.32 -24.85 1.42
N TYR A 278 34.26 -24.89 2.24
CA TYR A 278 34.19 -24.17 3.51
C TYR A 278 34.46 -25.11 4.67
N ASP A 279 34.94 -24.54 5.78
CA ASP A 279 35.53 -25.35 6.85
C ASP A 279 34.47 -26.07 7.68
N LEU A 280 33.51 -25.32 8.25
CA LEU A 280 32.41 -25.84 9.07
C LEU A 280 32.87 -26.62 10.29
N THR A 281 33.94 -26.17 10.93
CA THR A 281 34.38 -26.76 12.18
C THR A 281 33.82 -26.05 13.40
N GLU A 282 33.84 -24.73 13.42
CA GLU A 282 33.28 -23.94 14.49
C GLU A 282 31.82 -23.54 14.22
N ILE A 283 31.22 -24.05 13.15
CA ILE A 283 29.88 -23.66 12.77
C ILE A 283 28.85 -24.76 13.05
N ASP A 284 29.12 -25.99 12.66
CA ASP A 284 28.15 -27.07 12.76
C ASP A 284 28.23 -27.73 14.13
N SER A 285 27.11 -28.30 14.56
CA SER A 285 27.03 -28.89 15.90
C SER A 285 27.74 -30.24 15.93
N SER A 286 28.44 -30.50 17.05
CA SER A 286 29.07 -31.78 17.29
C SER A 286 28.46 -32.51 18.47
N GLY A 287 27.43 -31.93 19.11
CA GLY A 287 26.80 -32.55 20.26
C GLY A 287 27.48 -32.23 21.57
N ASP A 288 28.77 -32.54 21.66
CA ASP A 288 29.52 -32.33 22.90
C ASP A 288 29.83 -30.85 23.16
N GLU A 289 29.74 -30.00 22.15
CA GLU A 289 30.09 -28.60 22.30
C GLU A 289 28.99 -27.75 21.69
N GLN A 290 28.76 -26.59 22.31
CA GLN A 290 27.85 -25.59 21.78
C GLN A 290 28.43 -24.99 20.50
N SER A 291 27.58 -24.90 19.48
CA SER A 291 27.99 -24.47 18.15
C SER A 291 27.55 -23.04 17.87
N LEU A 292 27.96 -22.55 16.70
CA LEU A 292 27.64 -21.17 16.32
C LEU A 292 26.16 -21.02 15.99
N LEU A 293 25.53 -22.09 15.51
CA LEU A 293 24.11 -22.04 15.16
C LEU A 293 23.24 -21.88 16.40
N GLU A 294 23.65 -22.54 17.49
CA GLU A 294 22.91 -22.46 18.74
C GLU A 294 23.08 -21.09 19.40
N LEU A 295 24.31 -20.56 19.35
CA LEU A 295 24.63 -19.33 20.07
C LEU A 295 24.02 -18.10 19.42
N ILE A 296 23.64 -18.19 18.15
CA ILE A 296 22.87 -17.12 17.53
C ILE A 296 21.46 -17.04 18.11
N ILE A 297 20.87 -18.19 18.44
CA ILE A 297 19.49 -18.26 18.91
C ILE A 297 19.37 -17.73 20.33
N THR A 298 20.23 -18.22 21.23
CA THR A 298 20.20 -17.83 22.64
C THR A 298 20.65 -16.40 22.89
N THR A 299 21.24 -15.75 21.88
CA THR A 299 21.65 -14.36 21.98
C THR A 299 20.42 -13.45 22.01
N LYS A 300 19.40 -13.80 21.22
CA LYS A 300 18.13 -13.09 21.04
C LYS A 300 18.32 -11.67 20.52
N LYS A 301 19.40 -11.41 19.78
CA LYS A 301 19.68 -10.09 19.23
C LYS A 301 19.11 -10.03 17.81
N ARG A 302 18.93 -8.83 17.27
CA ARG A 302 18.36 -8.68 15.94
C ARG A 302 19.46 -8.75 14.91
N GLU A 303 20.67 -8.32 15.28
CA GLU A 303 21.80 -8.36 14.36
C GLU A 303 22.42 -9.75 14.24
N ALA A 304 22.22 -10.62 15.23
CA ALA A 304 22.78 -11.96 15.17
C ALA A 304 22.11 -12.83 14.13
N ARG A 305 20.84 -12.55 13.82
CA ARG A 305 20.14 -13.31 12.78
C ARG A 305 20.60 -12.96 11.38
N GLN A 306 21.41 -11.91 11.23
CA GLN A 306 21.97 -11.58 9.93
C GLN A 306 23.13 -12.50 9.59
N ILE A 307 23.71 -13.15 10.61
CA ILE A 307 24.80 -14.11 10.39
C ILE A 307 24.26 -15.36 9.68
N LEU A 308 22.99 -15.66 9.87
CA LEU A 308 22.36 -16.81 9.23
C LEU A 308 22.15 -16.61 7.74
N ASP A 309 22.38 -15.39 7.25
CA ASP A 309 22.26 -15.05 5.84
C ASP A 309 23.59 -15.18 5.10
N GLN A 310 24.65 -15.63 5.77
CA GLN A 310 25.98 -15.61 5.19
C GLN A 310 26.30 -16.93 4.48
N THR A 311 27.14 -16.84 3.45
CA THR A 311 27.39 -17.89 2.45
C THR A 311 27.97 -19.23 2.90
N PRO A 312 28.58 -19.42 4.08
CA PRO A 312 28.70 -20.80 4.57
C PRO A 312 27.50 -21.27 5.39
N VAL A 313 26.82 -20.34 6.08
CA VAL A 313 25.82 -20.73 7.06
C VAL A 313 24.47 -20.89 6.39
N LYS A 314 24.18 -20.04 5.41
CA LYS A 314 22.91 -20.04 4.69
C LYS A 314 22.69 -21.33 3.92
N GLU A 315 23.77 -21.89 3.37
CA GLU A 315 23.68 -23.14 2.62
C GLU A 315 23.66 -24.34 3.55
N LEU A 316 24.01 -24.14 4.82
CA LEU A 316 24.01 -25.27 5.76
C LEU A 316 22.63 -25.48 6.36
N VAL A 317 21.94 -24.39 6.69
CA VAL A 317 20.62 -24.46 7.31
C VAL A 317 19.60 -25.04 6.34
N SER A 318 19.69 -24.62 5.08
CA SER A 318 18.76 -25.10 4.06
C SER A 318 19.08 -26.52 3.64
N LEU A 319 20.31 -26.97 3.89
CA LEU A 319 20.67 -28.34 3.52
C LEU A 319 20.03 -29.36 4.46
N LYS A 320 20.07 -29.09 5.76
CA LYS A 320 19.53 -30.05 6.71
C LYS A 320 18.05 -29.80 7.01
N TRP A 321 17.52 -28.64 6.65
CA TRP A 321 16.07 -28.48 6.59
C TRP A 321 15.61 -28.72 5.14
N LYS A 322 16.11 -29.76 4.51
CA LYS A 322 15.54 -30.23 3.25
C LYS A 322 15.65 -31.74 3.24
N ARG A 323 16.49 -32.26 4.13
CA ARG A 323 16.94 -33.63 4.03
C ARG A 323 16.68 -34.45 5.28
N TYR A 324 16.87 -33.89 6.48
CA TYR A 324 16.52 -34.63 7.68
C TYR A 324 15.55 -33.85 8.55
N GLY A 325 15.84 -32.56 8.77
CA GLY A 325 15.08 -31.71 9.66
C GLY A 325 13.61 -31.51 9.34
N ARG A 326 13.29 -31.17 8.10
CA ARG A 326 11.89 -31.07 7.69
C ARG A 326 11.16 -32.41 7.55
N PRO A 327 11.75 -33.52 6.94
CA PRO A 327 11.00 -34.79 6.92
C PRO A 327 10.70 -35.40 8.28
N TYR A 328 11.60 -35.22 9.24
CA TYR A 328 11.34 -35.71 10.58
C TYR A 328 10.37 -34.81 11.33
N PHE A 329 10.23 -33.57 10.89
CA PHE A 329 9.25 -32.68 11.50
C PHE A 329 7.84 -33.05 11.08
N CYS A 330 7.68 -33.51 9.84
CA CYS A 330 6.36 -33.88 9.37
C CYS A 330 6.01 -35.30 9.79
N MET A 331 7.01 -36.11 10.10
CA MET A 331 6.75 -37.47 10.56
C MET A 331 6.31 -37.49 12.01
N LEU A 332 6.87 -36.60 12.84
CA LEU A 332 6.42 -36.49 14.22
C LEU A 332 5.04 -35.86 14.31
N GLY A 333 4.69 -35.04 13.32
CA GLY A 333 3.36 -34.43 13.32
C GLY A 333 2.30 -35.37 12.81
N ALA A 334 2.69 -36.37 12.03
CA ALA A 334 1.73 -37.36 11.54
C ALA A 334 1.45 -38.40 12.62
N ILE A 335 2.42 -38.67 13.49
CA ILE A 335 2.19 -39.58 14.60
C ILE A 335 1.37 -38.91 15.68
N TYR A 336 1.55 -37.60 15.86
CA TYR A 336 0.74 -36.84 16.80
C TYR A 336 -0.70 -36.75 16.34
N LEU A 337 -0.93 -36.77 15.02
CA LEU A 337 -2.30 -36.69 14.52
C LEU A 337 -3.04 -38.00 14.75
N LEU A 338 -2.32 -39.14 14.70
CA LEU A 338 -2.96 -40.41 15.03
C LEU A 338 -3.22 -40.54 16.52
N TYR A 339 -2.44 -39.83 17.34
CA TYR A 339 -2.66 -39.86 18.78
C TYR A 339 -3.90 -39.07 19.17
N ILE A 340 -4.14 -37.94 18.49
CA ILE A 340 -5.29 -37.10 18.82
C ILE A 340 -6.57 -37.72 18.27
N ILE A 341 -6.50 -38.43 17.14
CA ILE A 341 -7.67 -39.14 16.63
C ILE A 341 -8.03 -40.30 17.56
N CYS A 342 -7.02 -40.97 18.10
CA CYS A 342 -7.27 -42.04 19.06
C CYS A 342 -7.82 -41.49 20.38
N PHE A 343 -7.42 -40.28 20.73
CA PHE A 343 -8.01 -39.62 21.90
C PHE A 343 -9.42 -39.16 21.64
N THR A 344 -9.71 -38.73 20.40
CA THR A 344 -11.02 -38.22 20.05
C THR A 344 -12.07 -39.32 20.06
N MET A 345 -11.69 -40.53 19.65
CA MET A 345 -12.63 -41.64 19.62
C MET A 345 -13.02 -42.09 21.02
N CYS A 346 -12.12 -41.91 21.99
CA CYS A 346 -12.40 -42.35 23.35
C CYS A 346 -13.27 -41.34 24.08
N CYS A 347 -13.32 -40.11 23.58
CA CYS A 347 -14.21 -39.12 24.17
C CYS A 347 -15.62 -39.23 23.60
N ILE A 348 -15.73 -39.57 22.32
CA ILE A 348 -17.03 -39.78 21.69
C ILE A 348 -17.76 -40.97 22.28
N TYR A 349 -17.06 -42.08 22.50
CA TYR A 349 -17.66 -43.29 23.06
C TYR A 349 -17.50 -43.39 24.56
N ARG A 350 -17.48 -42.27 25.27
CA ARG A 350 -17.34 -42.26 26.73
C ARG A 350 -18.57 -42.88 27.38
N PRO A 351 -18.42 -43.59 28.49
CA PRO A 351 -19.54 -44.36 29.06
C PRO A 351 -20.60 -43.47 29.68
N LEU A 352 -21.86 -43.67 29.24
CA LEU A 352 -22.98 -42.86 29.69
C LEU A 352 -24.21 -43.73 29.88
N LYS A 353 -25.01 -43.40 30.87
CA LYS A 353 -26.24 -44.11 31.19
C LYS A 353 -27.36 -43.11 31.41
N PRO A 354 -28.62 -43.54 31.30
CA PRO A 354 -29.74 -42.64 31.67
C PRO A 354 -29.71 -42.31 33.15
N ARG A 355 -30.24 -41.12 33.47
CA ARG A 355 -30.10 -40.59 34.81
C ARG A 355 -31.02 -41.32 35.78
N THR A 356 -30.59 -41.38 37.04
CA THR A 356 -31.29 -42.11 38.09
C THR A 356 -32.28 -41.24 38.85
N ASN A 357 -31.90 -40.03 39.19
CA ASN A 357 -32.81 -39.12 39.88
C ASN A 357 -33.81 -38.52 38.90
N ASN A 358 -34.75 -37.75 39.43
CA ASN A 358 -35.75 -37.09 38.62
C ASN A 358 -35.33 -35.66 38.31
N ARG A 359 -36.01 -35.07 37.33
CA ARG A 359 -35.72 -33.70 36.94
C ARG A 359 -36.17 -32.72 38.03
N THR A 360 -35.25 -31.87 38.47
CA THR A 360 -35.53 -31.00 39.60
C THR A 360 -36.32 -29.76 39.18
N SER A 361 -35.71 -28.92 38.35
CA SER A 361 -36.33 -27.69 37.90
C SER A 361 -36.83 -27.90 36.47
N PRO A 362 -37.74 -27.07 35.96
CA PRO A 362 -38.07 -27.13 34.52
C PRO A 362 -37.01 -26.54 33.61
N ARG A 363 -35.95 -25.93 34.16
CA ARG A 363 -34.80 -25.50 33.40
C ARG A 363 -33.70 -26.55 33.35
N ASP A 364 -34.00 -27.79 33.70
CA ASP A 364 -33.01 -28.86 33.76
C ASP A 364 -33.14 -29.69 32.49
N ASN A 365 -32.10 -29.67 31.66
CA ASN A 365 -32.17 -30.27 30.33
C ASN A 365 -31.53 -31.66 30.29
N THR A 366 -30.92 -32.11 31.38
CA THR A 366 -30.01 -33.24 31.34
C THR A 366 -30.77 -34.56 31.31
N LEU A 367 -30.44 -35.39 30.32
CA LEU A 367 -31.03 -36.71 30.20
C LEU A 367 -30.12 -37.84 30.65
N LEU A 368 -28.82 -37.75 30.39
CA LEU A 368 -27.88 -38.83 30.62
C LEU A 368 -26.90 -38.45 31.72
N GLN A 369 -26.16 -39.42 32.22
CA GLN A 369 -25.10 -39.18 33.18
C GLN A 369 -24.02 -40.24 33.00
N GLN A 370 -22.90 -40.07 33.69
CA GLN A 370 -21.76 -40.96 33.55
C GLN A 370 -22.00 -42.26 34.27
N LYS A 371 -21.38 -43.33 33.78
CA LYS A 371 -21.43 -44.60 34.49
C LYS A 371 -20.32 -44.68 35.53
N LEU A 372 -20.54 -45.53 36.52
CA LEU A 372 -19.52 -45.77 37.53
C LEU A 372 -18.46 -46.73 36.97
N LEU A 373 -17.36 -46.86 37.70
CA LEU A 373 -16.20 -47.62 37.22
C LEU A 373 -16.52 -49.10 37.07
N GLN A 374 -17.38 -49.64 37.94
CA GLN A 374 -17.74 -51.05 37.86
C GLN A 374 -18.59 -51.32 36.64
N GLU A 375 -19.54 -50.42 36.35
CA GLU A 375 -20.41 -50.60 35.20
C GLU A 375 -19.87 -49.94 33.94
N ALA A 376 -18.65 -49.40 33.97
CA ALA A 376 -18.08 -48.79 32.77
C ALA A 376 -17.51 -49.84 31.83
N TYR A 377 -16.99 -50.94 32.36
CA TYR A 377 -16.30 -51.95 31.56
C TYR A 377 -16.93 -53.31 31.83
N MET A 378 -18.04 -53.60 31.16
CA MET A 378 -18.60 -54.94 31.22
C MET A 378 -19.17 -55.43 29.88
N THR A 379 -18.50 -55.12 28.79
CA THR A 379 -18.84 -55.69 27.49
C THR A 379 -17.54 -55.77 26.70
N PRO A 380 -17.44 -56.63 25.67
CA PRO A 380 -16.20 -56.64 24.87
C PRO A 380 -15.96 -55.38 24.06
N LYS A 381 -16.99 -54.56 23.84
CA LYS A 381 -16.79 -53.32 23.11
C LYS A 381 -16.17 -52.25 24.02
N ASP A 382 -16.31 -52.42 25.33
CA ASP A 382 -15.61 -51.52 26.25
C ASP A 382 -14.14 -51.88 26.36
N ASP A 383 -13.81 -53.16 26.12
CA ASP A 383 -12.42 -53.59 26.18
C ASP A 383 -11.64 -53.07 24.98
N ILE A 384 -12.32 -52.86 23.86
CA ILE A 384 -11.68 -52.19 22.72
C ILE A 384 -11.45 -50.72 23.05
N ARG A 385 -12.36 -50.11 23.82
CA ARG A 385 -12.17 -48.73 24.24
C ARG A 385 -11.07 -48.64 25.29
N LEU A 386 -10.93 -49.66 26.13
CA LEU A 386 -9.93 -49.65 27.19
C LEU A 386 -8.52 -49.70 26.62
N VAL A 387 -8.34 -50.37 25.48
CA VAL A 387 -7.07 -50.34 24.76
C VAL A 387 -6.79 -48.92 24.28
N GLY A 388 -7.82 -48.26 23.75
CA GLY A 388 -7.63 -46.90 23.25
C GLY A 388 -7.44 -45.88 24.36
N GLU A 389 -7.97 -46.17 25.54
CA GLU A 389 -7.80 -45.24 26.66
C GLU A 389 -6.42 -45.38 27.29
N LEU A 390 -5.78 -46.53 27.11
CA LEU A 390 -4.44 -46.73 27.65
C LEU A 390 -3.36 -46.20 26.71
N VAL A 391 -3.64 -46.23 25.40
CA VAL A 391 -2.75 -45.58 24.43
C VAL A 391 -2.68 -44.08 24.68
N THR A 392 -3.80 -43.50 25.11
CA THR A 392 -3.87 -42.07 25.40
C THR A 392 -3.06 -41.70 26.63
N VAL A 393 -3.18 -42.50 27.70
CA VAL A 393 -2.52 -42.16 28.97
C VAL A 393 -1.01 -42.37 28.87
N ILE A 394 -0.60 -43.49 28.26
CA ILE A 394 0.82 -43.76 28.03
C ILE A 394 1.43 -42.69 27.13
N GLY A 395 0.68 -42.27 26.12
CA GLY A 395 1.15 -41.20 25.25
C GLY A 395 1.16 -39.85 25.93
N ALA A 396 0.38 -39.70 27.01
CA ALA A 396 0.36 -38.43 27.71
C ALA A 396 1.51 -38.32 28.71
N ILE A 397 2.02 -39.46 29.18
CA ILE A 397 3.16 -39.45 30.08
C ILE A 397 4.44 -39.15 29.29
N ILE A 398 4.51 -39.67 28.06
CA ILE A 398 5.66 -39.45 27.19
C ILE A 398 5.82 -37.96 26.84
N ILE A 399 4.69 -37.25 26.73
CA ILE A 399 4.72 -35.81 26.54
C ILE A 399 5.37 -35.13 27.75
N LEU A 400 5.08 -35.63 28.95
CA LEU A 400 5.69 -35.04 30.14
C LEU A 400 7.14 -35.48 30.30
N LEU A 401 7.47 -36.71 29.90
CA LEU A 401 8.83 -37.21 30.10
C LEU A 401 9.84 -36.66 29.09
N VAL A 402 9.41 -35.92 28.08
CA VAL A 402 10.37 -35.42 27.10
C VAL A 402 10.34 -33.91 27.04
N GLU A 403 9.44 -33.27 27.78
CA GLU A 403 9.25 -31.84 27.55
C GLU A 403 9.34 -31.02 28.83
N VAL A 404 9.03 -31.65 29.98
CA VAL A 404 9.37 -31.02 31.26
C VAL A 404 10.87 -30.76 31.40
N PRO A 405 11.78 -31.63 30.87
CA PRO A 405 13.14 -31.13 30.61
C PRO A 405 13.23 -30.00 29.60
N ASP A 406 12.46 -30.05 28.48
CA ASP A 406 12.67 -29.12 27.37
C ASP A 406 12.36 -27.68 27.74
N ILE A 407 11.17 -27.40 28.29
CA ILE A 407 10.82 -26.03 28.67
C ILE A 407 11.68 -25.49 29.80
N PHE A 408 12.38 -26.35 30.54
CA PHE A 408 13.41 -25.88 31.46
C PHE A 408 14.69 -25.53 30.69
N ARG A 409 15.13 -26.44 29.80
CA ARG A 409 16.29 -26.23 28.94
C ARG A 409 16.07 -25.07 27.97
N MET A 410 15.05 -25.20 27.12
CA MET A 410 14.74 -24.16 26.14
C MET A 410 14.33 -22.85 26.80
N GLY A 411 13.18 -22.86 27.47
CA GLY A 411 12.44 -21.66 27.84
C GLY A 411 13.13 -20.58 28.65
N VAL A 412 13.44 -20.86 29.91
CA VAL A 412 13.94 -19.87 30.84
C VAL A 412 15.46 -19.74 30.75
N THR A 413 16.13 -20.72 30.15
CA THR A 413 17.58 -20.71 30.12
C THR A 413 18.12 -20.07 28.84
N ARG A 414 17.64 -20.50 27.67
CA ARG A 414 18.20 -19.98 26.43
C ARG A 414 17.23 -19.09 25.63
N PHE A 415 16.09 -19.62 25.23
CA PHE A 415 15.19 -18.91 24.32
C PHE A 415 13.75 -19.42 24.45
N PHE A 416 12.79 -18.60 24.03
CA PHE A 416 11.40 -19.01 24.08
C PHE A 416 10.56 -18.27 23.06
N GLY A 417 9.83 -19.01 22.24
CA GLY A 417 8.89 -18.41 21.31
C GLY A 417 9.46 -17.83 20.05
N GLN A 418 10.60 -18.34 19.57
CA GLN A 418 11.15 -17.88 18.31
C GLN A 418 11.54 -19.03 17.38
N THR A 419 10.83 -20.16 17.47
CA THR A 419 11.01 -21.29 16.57
C THR A 419 9.74 -21.45 15.74
N ILE A 420 9.72 -22.46 14.86
CA ILE A 420 8.43 -22.96 14.40
C ILE A 420 8.02 -24.00 15.43
N LEU A 421 6.71 -24.33 15.47
CA LEU A 421 6.10 -25.14 16.54
C LEU A 421 6.36 -24.49 17.91
N GLY A 422 6.34 -23.16 17.95
CA GLY A 422 6.98 -22.44 19.03
C GLY A 422 6.11 -21.37 19.64
N GLY A 423 6.32 -21.14 20.93
CA GLY A 423 5.61 -20.11 21.64
C GLY A 423 4.54 -20.70 22.52
N PRO A 424 3.29 -20.54 22.13
CA PRO A 424 2.20 -21.20 22.85
C PRO A 424 1.97 -22.64 22.43
N PHE A 425 2.92 -23.28 21.77
CA PHE A 425 2.81 -24.73 21.55
C PHE A 425 3.15 -25.47 22.84
N HIS A 426 4.28 -25.13 23.45
CA HIS A 426 4.78 -25.90 24.58
C HIS A 426 3.97 -25.64 25.84
N VAL A 427 3.33 -24.47 25.93
CA VAL A 427 2.43 -24.21 27.04
C VAL A 427 1.16 -25.04 26.89
N LEU A 428 0.70 -25.19 25.65
CA LEU A 428 -0.58 -25.87 25.39
C LEU A 428 -0.44 -27.39 25.43
N ILE A 429 0.66 -27.95 24.96
CA ILE A 429 0.77 -29.41 24.94
C ILE A 429 1.13 -29.95 26.33
N ILE A 430 1.77 -29.13 27.17
CA ILE A 430 1.89 -29.48 28.58
C ILE A 430 0.54 -29.36 29.26
N THR A 431 -0.26 -28.37 28.89
CA THR A 431 -1.62 -28.23 29.45
C THR A 431 -2.53 -29.36 28.95
N TYR A 432 -2.24 -29.89 27.76
CA TYR A 432 -2.97 -31.06 27.26
C TYR A 432 -2.72 -32.29 28.12
N ALA A 433 -1.45 -32.61 28.38
CA ALA A 433 -1.11 -33.84 29.08
C ALA A 433 -1.49 -33.76 30.55
N PHE A 434 -1.62 -32.54 31.08
CA PHE A 434 -2.14 -32.39 32.44
C PHE A 434 -3.64 -32.69 32.47
N MET A 435 -4.38 -32.28 31.44
CA MET A 435 -5.82 -32.49 31.42
C MET A 435 -6.17 -33.96 31.18
N VAL A 436 -5.28 -34.71 30.52
CA VAL A 436 -5.54 -36.13 30.30
C VAL A 436 -5.36 -36.90 31.60
N LEU A 437 -4.38 -36.51 32.42
CA LEU A 437 -4.15 -37.20 33.68
C LEU A 437 -5.18 -36.83 34.72
N VAL A 438 -5.82 -35.67 34.58
CA VAL A 438 -6.95 -35.32 35.45
C VAL A 438 -8.16 -36.18 35.09
N THR A 439 -8.33 -36.47 33.81
CA THR A 439 -9.44 -37.32 33.37
C THR A 439 -9.23 -38.76 33.84
N MET A 440 -7.98 -39.17 34.00
CA MET A 440 -7.70 -40.51 34.51
C MET A 440 -8.06 -40.63 35.99
N VAL A 441 -7.75 -39.60 36.78
CA VAL A 441 -8.05 -39.61 38.21
C VAL A 441 -9.55 -39.58 38.43
N MET A 442 -10.27 -38.77 37.67
CA MET A 442 -11.71 -38.65 37.84
C MET A 442 -12.42 -39.90 37.33
N ARG A 443 -11.78 -40.66 36.44
CA ARG A 443 -12.33 -41.94 36.03
C ARG A 443 -12.15 -42.99 37.11
N LEU A 444 -11.04 -42.91 37.86
CA LEU A 444 -10.75 -43.92 38.88
C LEU A 444 -11.58 -43.73 40.14
N ILE A 445 -11.71 -42.49 40.61
CA ILE A 445 -12.44 -42.24 41.85
C ILE A 445 -13.92 -42.05 41.57
N SER A 446 -14.30 -42.15 40.30
CA SER A 446 -15.68 -42.01 39.80
C SER A 446 -16.29 -40.66 40.19
N ALA A 447 -15.58 -39.60 39.83
CA ALA A 447 -16.05 -38.25 40.05
C ALA A 447 -16.93 -37.80 38.89
N SER A 448 -17.79 -36.84 39.17
CA SER A 448 -18.68 -36.29 38.17
C SER A 448 -18.05 -35.05 37.55
N GLY A 449 -18.26 -34.90 36.25
CA GLY A 449 -17.76 -33.76 35.52
C GLY A 449 -16.53 -34.01 34.69
N GLU A 450 -16.39 -35.19 34.08
CA GLU A 450 -15.22 -35.47 33.25
C GLU A 450 -15.29 -34.74 31.92
N VAL A 451 -16.44 -34.15 31.59
CA VAL A 451 -16.60 -33.38 30.37
C VAL A 451 -15.77 -32.11 30.45
N VAL A 452 -15.51 -31.62 31.66
CA VAL A 452 -14.71 -30.40 31.84
C VAL A 452 -13.24 -30.65 31.52
N PRO A 453 -12.54 -31.68 32.02
CA PRO A 453 -11.16 -31.90 31.53
C PRO A 453 -11.09 -32.40 30.10
N MET A 454 -12.14 -33.06 29.60
CA MET A 454 -12.11 -33.53 28.21
C MET A 454 -12.27 -32.38 27.23
N SER A 455 -13.19 -31.43 27.52
CA SER A 455 -13.47 -30.36 26.57
C SER A 455 -12.29 -29.41 26.43
N PHE A 456 -11.51 -29.25 27.50
CA PHE A 456 -10.23 -28.58 27.37
C PHE A 456 -9.28 -29.39 26.50
N ALA A 457 -9.24 -30.71 26.70
CA ALA A 457 -8.22 -31.53 26.07
C ALA A 457 -8.50 -31.75 24.58
N LEU A 458 -9.77 -31.71 24.16
CA LEU A 458 -10.07 -31.75 22.74
C LEU A 458 -9.61 -30.47 22.05
N VAL A 459 -9.87 -29.32 22.66
CA VAL A 459 -9.49 -28.04 22.08
C VAL A 459 -7.97 -27.88 22.13
N LEU A 460 -7.36 -28.18 23.27
CA LEU A 460 -5.91 -28.06 23.44
C LEU A 460 -5.17 -29.04 22.53
N GLY A 461 -5.74 -30.23 22.34
CA GLY A 461 -5.06 -31.25 21.55
C GLY A 461 -5.14 -30.99 20.06
N TRP A 462 -6.30 -30.53 19.58
CA TRP A 462 -6.44 -30.28 18.15
C TRP A 462 -5.84 -28.95 17.73
N CYS A 463 -5.79 -27.96 18.63
CA CYS A 463 -5.16 -26.69 18.27
C CYS A 463 -3.65 -26.82 18.16
N ASN A 464 -3.06 -27.89 18.68
CA ASN A 464 -1.63 -28.11 18.51
C ASN A 464 -1.31 -28.65 17.12
N VAL A 465 -2.32 -29.15 16.41
CA VAL A 465 -2.10 -29.72 15.08
C VAL A 465 -1.84 -28.60 14.08
N MET A 466 -2.33 -27.39 14.37
CA MET A 466 -2.14 -26.22 13.53
C MET A 466 -0.68 -25.79 13.49
N TYR A 467 0.05 -26.16 14.54
CA TYR A 467 1.44 -25.76 14.67
C TYR A 467 2.37 -26.69 13.91
N PHE A 468 1.96 -27.95 13.71
CA PHE A 468 2.72 -28.87 12.86
C PHE A 468 2.44 -28.58 11.40
N ALA A 469 1.32 -27.91 11.14
CA ALA A 469 0.94 -27.45 9.81
C ALA A 469 1.73 -26.25 9.36
N ARG A 470 2.53 -25.68 10.25
CA ARG A 470 3.39 -24.56 9.96
C ARG A 470 4.68 -24.99 9.28
N GLY A 471 5.06 -26.26 9.42
CA GLY A 471 6.25 -26.76 8.78
C GLY A 471 6.01 -27.44 7.45
N PHE A 472 4.75 -27.44 6.99
CA PHE A 472 4.38 -27.89 5.65
C PHE A 472 4.46 -26.77 4.63
N GLN A 473 5.26 -25.73 4.90
CA GLN A 473 5.27 -24.51 4.11
C GLN A 473 6.67 -24.33 3.53
N MET A 474 6.77 -23.46 2.54
CA MET A 474 8.04 -23.19 1.89
C MET A 474 8.83 -22.08 2.57
N LEU A 475 8.32 -21.57 3.70
CA LEU A 475 9.04 -20.68 4.61
C LEU A 475 9.55 -19.39 3.97
N GLY A 476 8.65 -18.52 3.55
CA GLY A 476 9.03 -17.20 3.13
C GLY A 476 9.51 -16.37 4.30
N PRO A 477 10.13 -15.23 4.04
CA PRO A 477 10.69 -14.42 5.13
C PRO A 477 9.63 -13.71 5.96
N PHE A 478 8.40 -13.65 5.48
CA PHE A 478 7.33 -12.93 6.17
C PHE A 478 6.06 -13.78 6.21
N THR A 479 6.18 -15.03 6.64
CA THR A 479 5.02 -15.91 6.76
C THR A 479 4.67 -16.21 8.21
N ILE A 480 5.62 -16.73 8.99
CA ILE A 480 5.32 -17.13 10.36
C ILE A 480 5.24 -15.92 11.27
N MET A 481 6.05 -14.90 11.01
CA MET A 481 6.04 -13.72 11.87
C MET A 481 4.79 -12.88 11.65
N ILE A 482 4.17 -13.00 10.48
CA ILE A 482 2.91 -12.29 10.24
C ILE A 482 1.77 -13.02 10.93
N GLN A 483 1.83 -14.35 10.98
CA GLN A 483 0.87 -15.14 11.74
C GLN A 483 1.01 -14.88 13.22
N LYS A 484 2.25 -14.73 13.71
CA LYS A 484 2.47 -14.39 15.11
C LYS A 484 1.99 -12.98 15.43
N MET A 485 2.07 -12.08 14.45
CA MET A 485 1.73 -10.68 14.66
C MET A 485 0.23 -10.49 14.81
N ILE A 486 -0.55 -11.14 13.93
CA ILE A 486 -2.00 -10.98 13.85
C ILE A 486 -2.64 -11.54 15.12
N PHE A 487 -2.06 -12.60 15.67
CA PHE A 487 -2.51 -13.10 16.96
C PHE A 487 -2.16 -12.14 18.09
N GLY A 488 -1.05 -11.41 17.94
CA GLY A 488 -0.64 -10.47 18.98
C GLY A 488 -1.50 -9.22 18.99
N ASP A 489 -2.01 -8.81 17.84
CA ASP A 489 -2.87 -7.64 17.78
C ASP A 489 -4.29 -7.97 18.21
N LEU A 490 -4.73 -9.21 17.98
CA LEU A 490 -6.08 -9.61 18.38
C LEU A 490 -6.17 -9.71 19.90
N MET A 491 -5.09 -10.10 20.56
CA MET A 491 -5.11 -10.17 22.01
C MET A 491 -5.05 -8.79 22.64
N ARG A 492 -4.45 -7.83 21.95
CA ARG A 492 -4.49 -6.44 22.41
C ARG A 492 -5.86 -5.83 22.15
N PHE A 493 -6.55 -6.31 21.13
CA PHE A 493 -7.91 -5.87 20.85
C PHE A 493 -8.88 -6.42 21.88
N CYS A 494 -8.60 -7.59 22.45
CA CYS A 494 -9.46 -8.16 23.47
C CYS A 494 -9.39 -7.45 24.81
N TRP A 495 -8.28 -6.77 25.10
CA TRP A 495 -8.23 -5.95 26.31
C TRP A 495 -9.08 -4.69 26.17
N LEU A 496 -9.08 -4.10 24.99
CA LEU A 496 -9.85 -2.88 24.78
C LEU A 496 -11.34 -3.15 24.61
N MET A 497 -11.71 -4.34 24.20
CA MET A 497 -13.12 -4.66 24.03
C MET A 497 -13.75 -5.29 25.26
N ALA A 498 -12.96 -5.60 26.28
CA ALA A 498 -13.54 -6.08 27.53
C ALA A 498 -14.26 -4.96 28.26
N VAL A 499 -13.76 -3.73 28.17
CA VAL A 499 -14.41 -2.63 28.85
C VAL A 499 -15.60 -2.12 28.06
N VAL A 500 -15.66 -2.42 26.76
CA VAL A 500 -16.81 -2.01 25.97
C VAL A 500 -17.97 -2.98 26.18
N ILE A 501 -17.66 -4.26 26.38
CA ILE A 501 -18.68 -5.25 26.69
C ILE A 501 -19.24 -5.02 28.09
N LEU A 502 -18.35 -4.79 29.07
CA LEU A 502 -18.78 -4.60 30.46
C LEU A 502 -19.61 -3.34 30.66
N GLY A 503 -19.40 -2.32 29.83
CA GLY A 503 -20.24 -1.14 29.91
C GLY A 503 -21.62 -1.38 29.36
N PHE A 504 -21.71 -2.06 28.21
CA PHE A 504 -23.00 -2.28 27.57
C PHE A 504 -23.73 -3.49 28.12
N ALA A 505 -23.02 -4.50 28.65
CA ALA A 505 -23.72 -5.62 29.26
C ALA A 505 -24.34 -5.23 30.58
N SER A 506 -23.68 -4.33 31.33
CA SER A 506 -24.25 -3.82 32.56
C SER A 506 -25.45 -2.94 32.26
N ALA A 507 -25.41 -2.20 31.16
CA ALA A 507 -26.54 -1.37 30.77
C ALA A 507 -27.71 -2.21 30.30
N PHE A 508 -27.44 -3.21 29.45
CA PHE A 508 -28.48 -4.12 28.96
C PHE A 508 -29.10 -4.93 30.10
N TYR A 509 -28.32 -5.19 31.16
CA TYR A 509 -28.84 -5.97 32.27
C TYR A 509 -29.86 -5.18 33.07
N ILE A 510 -29.58 -3.91 33.37
CA ILE A 510 -30.50 -3.15 34.21
C ILE A 510 -31.69 -2.62 33.44
N ILE A 511 -31.62 -2.58 32.09
CA ILE A 511 -32.79 -2.26 31.30
C ILE A 511 -33.82 -3.38 31.37
N PHE A 512 -33.37 -4.63 31.23
CA PHE A 512 -34.27 -5.77 31.24
C PHE A 512 -34.40 -6.39 32.63
N GLN A 513 -34.01 -5.66 33.66
CA GLN A 513 -34.07 -6.18 35.02
C GLN A 513 -35.47 -6.11 35.58
N THR A 514 -36.36 -5.33 34.98
CA THR A 514 -37.75 -5.22 35.41
C THR A 514 -38.71 -5.87 34.43
N GLU A 515 -38.21 -6.67 33.50
CA GLU A 515 -39.01 -7.24 32.43
C GLU A 515 -39.19 -8.74 32.65
N ASP A 516 -40.05 -9.33 31.84
CA ASP A 516 -40.34 -10.75 31.92
C ASP A 516 -39.40 -11.51 30.99
N PRO A 517 -38.55 -12.40 31.51
CA PRO A 517 -37.56 -13.06 30.63
C PRO A 517 -38.11 -14.19 29.77
N GLU A 518 -39.40 -14.54 29.87
CA GLU A 518 -39.96 -15.50 28.93
C GLU A 518 -40.05 -14.93 27.51
N GLU A 519 -40.22 -13.62 27.37
CA GLU A 519 -40.35 -13.02 26.05
C GLU A 519 -39.02 -12.60 25.45
N LEU A 520 -38.07 -12.16 26.28
CA LEU A 520 -36.73 -11.83 25.81
C LEU A 520 -35.75 -12.11 26.94
N GLY A 521 -35.10 -13.27 26.89
CA GLY A 521 -34.28 -13.73 27.98
C GLY A 521 -32.80 -13.70 27.70
N HIS A 522 -32.39 -12.81 26.80
CA HIS A 522 -30.99 -12.62 26.44
C HIS A 522 -30.13 -12.16 27.61
N PHE A 523 -30.72 -11.50 28.61
CA PHE A 523 -29.96 -10.85 29.66
C PHE A 523 -30.57 -11.18 31.02
N TYR A 524 -30.93 -12.45 31.23
CA TYR A 524 -31.77 -12.77 32.39
C TYR A 524 -31.00 -12.75 33.70
N ASP A 525 -29.75 -13.17 33.71
CA ASP A 525 -28.85 -12.85 34.81
C ASP A 525 -27.57 -12.25 34.26
N TYR A 526 -26.69 -11.85 35.17
CA TYR A 526 -25.54 -11.06 34.76
C TYR A 526 -24.44 -11.84 34.04
N PRO A 527 -24.14 -13.11 34.35
CA PRO A 527 -23.21 -13.84 33.46
C PRO A 527 -23.75 -14.12 32.06
N MET A 528 -25.07 -14.25 31.90
CA MET A 528 -25.63 -14.44 30.56
C MET A 528 -25.63 -13.14 29.78
N ALA A 529 -25.86 -12.01 30.46
CA ALA A 529 -25.84 -10.71 29.81
C ALA A 529 -24.45 -10.35 29.31
N LEU A 530 -23.42 -10.86 29.99
CA LEU A 530 -22.05 -10.66 29.55
C LEU A 530 -21.75 -11.48 28.31
N PHE A 531 -22.29 -12.69 28.24
CA PHE A 531 -22.01 -13.58 27.13
C PHE A 531 -22.87 -13.23 25.92
N SER A 532 -24.03 -12.63 26.15
CA SER A 532 -24.85 -12.17 25.04
C SER A 532 -24.22 -10.95 24.37
N THR A 533 -23.65 -10.05 25.16
CA THR A 533 -23.06 -8.83 24.62
C THR A 533 -21.75 -9.12 23.90
N PHE A 534 -21.03 -10.15 24.36
CA PHE A 534 -19.87 -10.66 23.61
C PHE A 534 -20.30 -11.21 22.26
N GLU A 535 -21.42 -11.92 22.22
CA GLU A 535 -21.90 -12.50 20.97
C GLU A 535 -22.50 -11.47 20.04
N LEU A 536 -23.17 -10.46 20.60
CA LEU A 536 -23.69 -9.37 19.78
C LEU A 536 -22.57 -8.47 19.26
N PHE A 537 -21.44 -8.42 19.95
CA PHE A 537 -20.31 -7.64 19.46
C PHE A 537 -19.73 -8.26 18.20
N LEU A 538 -19.56 -9.57 18.19
CA LEU A 538 -19.04 -10.27 17.03
C LEU A 538 -20.09 -10.54 15.97
N THR A 539 -21.34 -10.17 16.23
CA THR A 539 -22.51 -10.41 15.38
C THR A 539 -22.66 -11.89 15.03
N ILE A 540 -22.60 -12.74 16.04
CA ILE A 540 -22.75 -14.18 15.84
C ILE A 540 -24.07 -14.70 16.43
N ILE A 541 -24.86 -13.83 17.06
CA ILE A 541 -26.27 -14.06 17.31
C ILE A 541 -27.00 -12.81 16.83
N ASP A 542 -28.31 -12.94 16.61
CA ASP A 542 -29.09 -11.81 16.14
C ASP A 542 -29.42 -10.86 17.30
N GLY A 543 -29.70 -9.62 16.95
CA GLY A 543 -30.17 -8.64 17.89
C GLY A 543 -31.50 -9.04 18.48
N PRO A 544 -31.69 -8.80 19.78
CA PRO A 544 -32.92 -9.22 20.44
C PRO A 544 -34.13 -8.46 19.94
N ALA A 545 -35.20 -9.18 19.63
CA ALA A 545 -36.42 -8.60 19.10
C ALA A 545 -37.57 -9.55 19.37
N ASN A 546 -38.75 -9.00 19.65
CA ASN A 546 -39.91 -9.86 19.83
C ASN A 546 -41.04 -9.49 18.87
N TYR A 547 -41.39 -8.20 18.82
CA TYR A 547 -42.41 -7.55 17.98
C TYR A 547 -43.85 -7.88 18.40
N ASN A 548 -44.02 -8.78 19.36
CA ASN A 548 -45.33 -9.07 19.93
C ASN A 548 -45.53 -8.41 21.27
N VAL A 549 -44.51 -7.74 21.80
CA VAL A 549 -44.55 -7.13 23.12
C VAL A 549 -43.74 -5.85 23.05
N ASP A 550 -44.01 -4.92 23.96
CA ASP A 550 -43.31 -3.64 23.98
C ASP A 550 -42.02 -3.74 24.77
N LEU A 551 -40.92 -3.59 24.08
CA LEU A 551 -39.60 -3.56 24.70
C LEU A 551 -39.35 -2.19 25.30
N PRO A 552 -38.47 -2.08 26.30
CA PRO A 552 -38.17 -0.76 26.87
C PRO A 552 -37.50 0.17 25.88
N PHE A 553 -37.82 1.47 26.00
CA PHE A 553 -37.30 2.45 25.04
C PHE A 553 -35.80 2.66 25.21
N MET A 554 -35.30 2.42 26.41
CA MET A 554 -33.88 2.64 26.68
C MET A 554 -33.04 1.55 26.03
N TYR A 555 -33.65 0.41 25.70
CA TYR A 555 -32.96 -0.66 24.99
C TYR A 555 -32.62 -0.26 23.55
N SER A 556 -33.55 0.40 22.86
CA SER A 556 -33.39 0.67 21.44
C SER A 556 -32.30 1.70 21.17
N ILE A 557 -32.15 2.67 22.06
CA ILE A 557 -31.13 3.68 21.84
C ILE A 557 -29.78 3.21 22.34
N THR A 558 -29.78 2.28 23.29
CA THR A 558 -28.52 1.72 23.77
C THR A 558 -27.97 0.72 22.77
N TYR A 559 -28.85 -0.07 22.16
CA TYR A 559 -28.39 -1.07 21.21
C TYR A 559 -28.05 -0.46 19.87
N ALA A 560 -28.66 0.68 19.53
CA ALA A 560 -28.26 1.40 18.34
C ALA A 560 -26.90 2.06 18.54
N ALA A 561 -26.60 2.46 19.78
CA ALA A 561 -25.29 3.01 20.08
C ALA A 561 -24.24 1.90 20.16
N PHE A 562 -24.64 0.72 20.62
CA PHE A 562 -23.72 -0.41 20.73
C PHE A 562 -23.37 -0.96 19.36
N ALA A 563 -24.32 -0.94 18.43
CA ALA A 563 -24.11 -1.56 17.13
C ALA A 563 -23.22 -0.70 16.24
N ILE A 564 -23.26 0.62 16.43
CA ILE A 564 -22.39 1.52 15.67
C ILE A 564 -20.97 1.43 16.19
N ILE A 565 -20.82 1.36 17.51
CA ILE A 565 -19.51 1.23 18.15
C ILE A 565 -18.86 -0.10 17.79
N ALA A 566 -19.63 -1.19 17.82
CA ALA A 566 -19.08 -2.52 17.55
C ALA A 566 -18.70 -2.67 16.08
N THR A 567 -19.45 -2.02 15.18
CA THR A 567 -19.12 -2.06 13.76
C THR A 567 -17.85 -1.29 13.46
N LEU A 568 -17.72 -0.09 14.05
CA LEU A 568 -16.54 0.73 13.80
C LEU A 568 -15.28 0.13 14.42
N LEU A 569 -15.43 -0.52 15.58
CA LEU A 569 -14.26 -1.11 16.23
C LEU A 569 -13.80 -2.37 15.53
N MET A 570 -14.72 -3.13 14.93
CA MET A 570 -14.30 -4.30 14.17
C MET A 570 -13.70 -3.92 12.83
N LEU A 571 -14.13 -2.81 12.25
CA LEU A 571 -13.53 -2.35 10.99
C LEU A 571 -12.18 -1.70 11.23
N ASN A 572 -12.01 -1.03 12.37
CA ASN A 572 -10.71 -0.43 12.69
C ASN A 572 -9.68 -1.50 13.06
N LEU A 573 -10.14 -2.65 13.55
CA LEU A 573 -9.25 -3.76 13.81
C LEU A 573 -8.59 -4.27 12.53
N LEU A 574 -9.38 -4.39 11.46
CA LEU A 574 -8.85 -4.84 10.18
C LEU A 574 -7.87 -3.85 9.58
N ILE A 575 -8.13 -2.55 9.75
CA ILE A 575 -7.24 -1.54 9.20
C ILE A 575 -5.96 -1.47 10.02
N ALA A 576 -6.06 -1.71 11.33
CA ALA A 576 -4.88 -1.66 12.19
C ALA A 576 -3.99 -2.87 11.96
N MET A 577 -4.56 -4.01 11.59
CA MET A 577 -3.73 -5.16 11.23
C MET A 577 -3.05 -4.96 9.89
N MET A 578 -3.70 -4.23 8.98
CA MET A 578 -3.06 -3.88 7.71
C MET A 578 -1.94 -2.89 7.89
N GLY A 579 -2.12 -1.89 8.76
CA GLY A 579 -1.09 -0.89 8.96
C GLY A 579 0.07 -1.41 9.76
N ASP A 580 -0.17 -2.42 10.59
CA ASP A 580 0.91 -3.02 11.38
C ASP A 580 1.63 -4.09 10.59
N THR A 581 0.98 -4.64 9.57
CA THR A 581 1.65 -5.59 8.68
C THR A 581 2.65 -4.87 7.79
N HIS A 582 2.29 -3.67 7.34
CA HIS A 582 3.16 -2.89 6.46
C HIS A 582 4.41 -2.42 7.20
N TRP A 583 4.29 -2.11 8.48
CA TRP A 583 5.42 -1.57 9.22
C TRP A 583 6.46 -2.65 9.51
N ARG A 584 6.04 -3.91 9.59
CA ARG A 584 6.99 -4.95 9.94
C ARG A 584 7.54 -5.66 8.72
N VAL A 585 6.98 -5.41 7.54
CA VAL A 585 7.49 -6.00 6.32
C VAL A 585 8.38 -4.99 5.62
N ALA A 586 7.93 -3.75 5.54
CA ALA A 586 8.66 -2.72 4.80
C ALA A 586 9.60 -1.89 5.67
N HIS A 587 9.37 -1.79 6.97
CA HIS A 587 10.16 -0.84 7.75
C HIS A 587 10.98 -1.50 8.85
N GLU A 588 10.43 -2.49 9.55
CA GLU A 588 11.19 -3.16 10.61
C GLU A 588 12.29 -4.02 10.01
N ARG A 589 12.03 -4.61 8.84
CA ARG A 589 13.00 -5.31 7.99
C ARG A 589 13.73 -6.43 8.71
N ASP A 590 13.04 -7.19 9.54
CA ASP A 590 13.68 -8.28 10.28
C ASP A 590 13.23 -9.60 9.68
N GLU A 591 14.22 -10.49 9.49
CA GLU A 591 14.01 -11.76 8.81
C GLU A 591 13.09 -12.70 9.57
N LEU A 592 13.54 -13.14 10.75
CA LEU A 592 12.88 -14.08 11.67
C LEU A 592 12.72 -15.50 11.14
N TRP A 593 13.09 -15.79 9.89
CA TRP A 593 12.64 -17.03 9.27
C TRP A 593 13.74 -18.07 9.25
N ARG A 594 14.99 -17.64 9.43
CA ARG A 594 16.07 -18.61 9.47
C ARG A 594 16.36 -19.04 10.91
N ALA A 595 16.08 -18.16 11.88
CA ALA A 595 16.28 -18.55 13.27
C ALA A 595 15.22 -19.54 13.73
N GLN A 596 14.07 -19.55 13.05
CA GLN A 596 13.02 -20.49 13.40
C GLN A 596 13.35 -21.90 12.92
N ILE A 597 13.96 -22.01 11.74
CA ILE A 597 14.28 -23.34 11.22
C ILE A 597 15.61 -23.84 11.76
N VAL A 598 16.48 -22.94 12.24
CA VAL A 598 17.67 -23.38 12.97
C VAL A 598 17.27 -24.00 14.30
N ALA A 599 16.48 -23.28 15.10
CA ALA A 599 16.20 -23.70 16.46
C ALA A 599 15.21 -24.86 16.50
N THR A 600 14.54 -25.14 15.39
CA THR A 600 13.79 -26.37 15.26
C THR A 600 14.71 -27.54 14.97
N THR A 601 15.74 -27.30 14.16
CA THR A 601 16.62 -28.39 13.73
C THR A 601 17.58 -28.78 14.86
N VAL A 602 17.86 -27.84 15.77
CA VAL A 602 18.71 -28.13 16.92
C VAL A 602 17.97 -29.06 17.89
N MET A 603 16.66 -28.84 18.05
CA MET A 603 15.85 -29.66 18.94
C MET A 603 15.72 -31.10 18.45
N LEU A 604 15.47 -31.29 17.15
CA LEU A 604 15.29 -32.65 16.63
C LEU A 604 16.61 -33.40 16.53
N GLU A 605 17.73 -32.69 16.57
CA GLU A 605 19.02 -33.36 16.45
C GLU A 605 19.48 -33.89 17.80
N ARG A 606 19.06 -33.22 18.88
CA ARG A 606 19.43 -33.71 20.22
C ARG A 606 18.52 -34.84 20.66
N LYS A 607 17.30 -34.91 20.12
CA LYS A 607 16.36 -35.94 20.52
C LYS A 607 16.59 -37.27 19.79
N LEU A 608 16.79 -37.24 18.50
CA LEU A 608 17.01 -38.45 17.73
C LEU A 608 18.42 -38.98 17.92
N PRO A 609 18.64 -40.29 17.79
CA PRO A 609 20.00 -40.81 17.89
C PRO A 609 20.82 -40.47 16.66
N ARG A 610 22.13 -40.74 16.78
CA ARG A 610 23.10 -40.41 15.75
C ARG A 610 22.92 -41.23 14.47
N CYS A 611 22.47 -42.47 14.58
CA CYS A 611 22.31 -43.34 13.41
C CYS A 611 21.25 -42.86 12.43
N LEU A 612 20.26 -42.11 12.89
CA LEU A 612 19.26 -41.53 12.02
C LEU A 612 19.65 -40.14 11.53
N TRP A 613 20.72 -39.56 12.06
CA TRP A 613 21.18 -38.21 11.70
C TRP A 613 22.63 -38.28 11.26
N PRO A 614 22.89 -38.43 9.96
CA PRO A 614 24.25 -38.28 9.47
C PRO A 614 24.71 -36.83 9.57
N ARG A 615 26.01 -36.64 9.81
CA ARG A 615 26.53 -35.29 9.93
C ARG A 615 26.65 -34.63 8.55
N SER A 616 26.30 -33.35 8.51
CA SER A 616 26.30 -32.59 7.27
C SER A 616 27.73 -32.26 6.86
N GLY A 617 27.97 -32.24 5.56
CA GLY A 617 29.31 -32.09 5.03
C GLY A 617 30.02 -33.42 4.89
N ILE A 618 31.23 -33.37 4.36
CA ILE A 618 32.04 -34.55 4.14
C ILE A 618 33.34 -34.43 4.90
N CYS A 619 33.83 -35.57 5.41
CA CYS A 619 34.98 -35.59 6.29
C CYS A 619 36.27 -35.80 5.51
N GLY A 620 37.39 -35.55 6.18
CA GLY A 620 38.69 -35.81 5.62
C GLY A 620 39.13 -37.25 5.86
N ARG A 621 40.46 -37.46 5.84
CA ARG A 621 41.18 -38.72 6.07
C ARG A 621 41.00 -39.75 4.94
N GLU A 622 40.12 -39.46 3.98
CA GLU A 622 39.97 -40.27 2.78
C GLU A 622 40.11 -39.34 1.60
N TYR A 623 40.27 -38.04 1.90
CA TYR A 623 40.51 -37.02 0.91
C TYR A 623 41.65 -36.14 1.38
N GLY A 624 42.09 -36.37 2.61
CA GLY A 624 43.30 -35.76 3.14
C GLY A 624 43.22 -34.27 3.41
N LEU A 625 42.40 -33.87 4.37
CA LEU A 625 42.34 -32.47 4.75
C LEU A 625 42.38 -32.31 6.26
N GLY A 626 42.20 -33.40 6.98
CA GLY A 626 42.17 -33.41 8.43
C GLY A 626 40.99 -34.20 8.95
N ASP A 627 40.59 -33.87 10.17
CA ASP A 627 39.38 -34.42 10.77
C ASP A 627 38.18 -33.53 10.56
N ARG A 628 38.27 -32.57 9.66
CA ARG A 628 37.32 -31.48 9.59
C ARG A 628 36.25 -31.77 8.54
N TRP A 629 35.04 -31.28 8.80
CA TRP A 629 33.86 -31.60 8.00
C TRP A 629 33.54 -30.47 7.05
N PHE A 630 33.97 -30.59 5.80
CA PHE A 630 33.92 -29.51 4.83
C PHE A 630 32.62 -29.51 4.04
N LEU A 631 32.22 -28.33 3.57
CA LEU A 631 31.03 -28.14 2.75
C LEU A 631 31.42 -27.49 1.43
N ARG A 632 31.10 -28.14 0.33
CA ARG A 632 31.41 -27.64 -1.01
C ARG A 632 30.24 -26.81 -1.55
N VAL A 633 30.55 -25.60 -2.01
CA VAL A 633 29.57 -24.70 -2.60
C VAL A 633 30.06 -24.34 -4.00
N GLU A 634 29.29 -24.71 -5.02
CA GLU A 634 29.59 -24.36 -6.40
C GLU A 634 28.62 -23.29 -6.89
N ASP A 635 29.16 -22.25 -7.53
CA ASP A 635 28.31 -21.15 -7.97
C ASP A 635 28.80 -20.61 -9.31
N ARG A 636 28.10 -19.58 -9.78
CA ARG A 636 28.38 -18.90 -11.04
C ARG A 636 28.58 -17.42 -10.77
N GLN A 637 29.67 -16.85 -11.29
CA GLN A 637 29.98 -15.45 -11.00
C GLN A 637 29.13 -14.49 -11.81
N ASP A 638 28.95 -14.78 -13.10
CA ASP A 638 28.34 -13.89 -14.11
C ASP A 638 28.98 -12.50 -14.14
N GLU B 27 19.64 -34.48 -2.73
CA GLU B 27 19.55 -35.91 -2.96
C GLU B 27 20.90 -36.57 -2.81
N SER B 28 21.01 -37.82 -3.28
CA SER B 28 22.29 -38.49 -3.32
C SER B 28 23.11 -38.14 -4.57
N TRP B 29 22.53 -37.35 -5.48
CA TRP B 29 23.27 -36.93 -6.67
C TRP B 29 24.36 -35.94 -6.29
N ALA B 30 24.03 -34.97 -5.43
CA ALA B 30 25.03 -34.02 -4.97
C ALA B 30 26.01 -34.66 -4.01
N GLN B 31 25.60 -35.73 -3.32
CA GLN B 31 26.51 -36.47 -2.45
C GLN B 31 27.55 -37.23 -3.28
N SER B 32 27.14 -37.71 -4.45
CA SER B 32 28.09 -38.36 -5.35
C SER B 32 28.88 -37.34 -6.15
N ARG B 33 28.33 -36.14 -6.33
CA ARG B 33 29.04 -35.12 -7.10
C ARG B 33 30.11 -34.44 -6.26
N ASP B 34 29.84 -34.21 -4.98
CA ASP B 34 30.79 -33.50 -4.13
C ASP B 34 31.96 -34.40 -3.74
N GLU B 35 31.75 -35.72 -3.72
CA GLU B 35 32.82 -36.62 -3.32
C GLU B 35 33.84 -36.81 -4.45
N GLN B 36 33.43 -36.55 -5.69
CA GLN B 36 34.34 -36.70 -6.81
C GLN B 36 35.25 -35.48 -6.94
N ASN B 37 34.75 -34.30 -6.57
CA ASN B 37 35.57 -33.09 -6.61
C ASN B 37 36.63 -33.11 -5.51
N LEU B 38 36.37 -33.83 -4.42
CA LEU B 38 37.39 -34.01 -3.40
C LEU B 38 38.32 -35.16 -3.75
N LEU B 39 37.80 -36.16 -4.46
CA LEU B 39 38.64 -37.25 -4.95
C LEU B 39 39.59 -36.75 -6.04
N GLN B 40 39.15 -35.76 -6.82
CA GLN B 40 39.99 -35.12 -7.83
C GLN B 40 41.17 -34.40 -7.18
N GLN B 41 40.89 -33.57 -6.17
CA GLN B 41 41.94 -32.81 -5.51
C GLN B 41 42.84 -33.72 -4.67
N LYS B 42 42.33 -34.89 -4.29
CA LYS B 42 43.13 -35.89 -3.59
C LYS B 42 44.22 -36.45 -4.50
N ARG B 43 43.83 -36.93 -5.68
CA ARG B 43 44.77 -37.64 -6.54
C ARG B 43 45.72 -36.69 -7.25
N ILE B 44 45.36 -35.40 -7.32
CA ILE B 44 46.33 -34.38 -7.71
C ILE B 44 47.40 -34.26 -6.63
N TRP B 45 46.96 -34.27 -5.37
CA TRP B 45 47.88 -34.13 -4.25
C TRP B 45 48.71 -35.38 -4.04
N GLU B 46 48.20 -36.54 -4.45
CA GLU B 46 48.94 -37.79 -4.33
C GLU B 46 50.09 -37.86 -5.34
N SER B 47 49.77 -37.76 -6.63
CA SER B 47 50.75 -37.91 -7.69
C SER B 47 51.66 -36.68 -7.78
N PRO B 48 52.99 -36.87 -7.86
CA PRO B 48 53.88 -35.72 -7.98
C PRO B 48 53.80 -35.04 -9.35
N LEU B 49 53.44 -35.78 -10.38
CA LEU B 49 53.28 -35.20 -11.71
C LEU B 49 52.05 -34.32 -11.78
N LEU B 50 50.95 -34.77 -11.18
CA LEU B 50 49.71 -34.00 -11.20
C LEU B 50 49.80 -32.78 -10.29
N LEU B 51 50.65 -32.86 -9.26
CA LEU B 51 50.73 -31.77 -8.29
C LEU B 51 51.53 -30.60 -8.85
N ALA B 52 52.67 -30.89 -9.47
CA ALA B 52 53.56 -29.83 -9.93
C ALA B 52 53.00 -29.13 -11.17
N ALA B 53 52.17 -29.84 -11.94
CA ALA B 53 51.46 -29.23 -13.05
C ALA B 53 50.35 -28.32 -12.53
N LYS B 54 49.70 -28.75 -11.44
CA LYS B 54 48.67 -27.94 -10.80
C LYS B 54 49.25 -26.69 -10.17
N ASP B 55 50.42 -26.79 -9.56
CA ASP B 55 51.04 -25.65 -8.90
C ASP B 55 51.97 -24.85 -9.80
N ASN B 56 52.06 -25.23 -11.09
CA ASN B 56 52.96 -24.65 -12.09
C ASN B 56 54.42 -24.72 -11.61
N ASP B 57 54.78 -25.86 -11.04
CA ASP B 57 56.15 -26.11 -10.60
C ASP B 57 56.88 -26.92 -11.68
N VAL B 58 57.34 -26.19 -12.69
CA VAL B 58 57.91 -26.80 -13.89
C VAL B 58 59.28 -27.42 -13.65
N GLN B 59 59.88 -27.17 -12.49
CA GLN B 59 61.17 -27.76 -12.13
C GLN B 59 61.01 -29.26 -11.93
N ALA B 60 59.93 -29.68 -11.25
CA ALA B 60 59.69 -31.10 -11.06
C ALA B 60 59.16 -31.77 -12.31
N LEU B 61 58.66 -30.98 -13.26
CA LEU B 61 58.22 -31.51 -14.56
C LEU B 61 59.41 -32.05 -15.35
N ASN B 62 60.55 -31.36 -15.26
CA ASN B 62 61.74 -31.82 -15.95
C ASN B 62 62.37 -33.00 -15.22
N LYS B 63 62.11 -33.13 -13.92
CA LYS B 63 62.68 -34.22 -13.15
C LYS B 63 61.95 -35.53 -13.43
N LEU B 64 60.61 -35.49 -13.42
CA LEU B 64 59.83 -36.72 -13.51
C LEU B 64 59.82 -37.31 -14.91
N LEU B 65 60.15 -36.51 -15.93
CA LEU B 65 60.23 -37.06 -17.28
C LEU B 65 61.60 -37.69 -17.54
N LYS B 66 62.67 -37.10 -17.01
CA LYS B 66 63.99 -37.65 -17.24
C LYS B 66 64.29 -38.85 -16.34
N TYR B 67 63.48 -39.06 -15.30
CA TYR B 67 63.55 -40.31 -14.54
C TYR B 67 63.18 -41.51 -15.39
N GLU B 68 62.02 -41.45 -16.04
CA GLU B 68 61.49 -42.52 -16.87
C GLU B 68 60.35 -41.93 -17.71
N ASP B 69 60.12 -42.47 -18.91
CA ASP B 69 58.88 -42.19 -19.62
C ASP B 69 57.74 -42.94 -18.92
N CYS B 70 57.22 -42.34 -17.85
CA CYS B 70 56.37 -43.04 -16.89
C CYS B 70 54.94 -43.19 -17.40
N LYS B 71 54.04 -43.58 -16.49
CA LYS B 71 52.63 -43.63 -16.81
C LYS B 71 52.10 -42.20 -16.91
N VAL B 72 52.24 -41.60 -18.09
CA VAL B 72 51.79 -40.23 -18.34
C VAL B 72 50.41 -40.28 -18.97
N HIS B 73 49.82 -41.47 -18.98
CA HIS B 73 48.45 -41.67 -19.43
C HIS B 73 47.63 -42.26 -18.30
N GLN B 74 47.80 -41.71 -17.10
CA GLN B 74 47.09 -42.15 -15.91
C GLN B 74 45.85 -41.27 -15.79
N ARG B 75 44.79 -41.79 -15.19
CA ARG B 75 43.54 -41.05 -15.10
C ARG B 75 43.17 -40.88 -13.64
N GLY B 76 42.82 -39.66 -13.25
CA GLY B 76 42.43 -39.37 -11.89
C GLY B 76 40.98 -39.70 -11.60
N ALA B 77 40.27 -38.78 -10.94
CA ALA B 77 38.87 -39.01 -10.62
C ALA B 77 37.99 -38.89 -11.85
N MET B 78 38.00 -37.72 -12.50
CA MET B 78 37.17 -37.50 -13.69
C MET B 78 37.97 -37.81 -14.96
N GLY B 79 38.63 -38.96 -14.97
CA GLY B 79 39.39 -39.48 -16.10
C GLY B 79 40.36 -38.54 -16.79
N GLU B 80 41.00 -37.65 -16.05
CA GLU B 80 41.80 -36.62 -16.69
C GLU B 80 43.28 -36.94 -16.61
N THR B 81 44.06 -36.21 -17.42
CA THR B 81 45.50 -36.40 -17.49
C THR B 81 46.18 -35.17 -16.91
N ALA B 82 47.50 -35.13 -17.03
CA ALA B 82 48.26 -33.99 -16.51
C ALA B 82 48.08 -32.77 -17.38
N LEU B 83 47.72 -32.96 -18.64
CA LEU B 83 47.53 -31.84 -19.55
C LEU B 83 46.16 -31.19 -19.31
N HIS B 84 45.18 -31.99 -18.86
CA HIS B 84 43.89 -31.43 -18.49
C HIS B 84 44.00 -30.56 -17.24
N ILE B 85 44.90 -30.94 -16.33
CA ILE B 85 45.06 -30.19 -15.08
C ILE B 85 45.78 -28.86 -15.34
N ALA B 86 46.79 -28.88 -16.22
CA ALA B 86 47.57 -27.67 -16.47
C ALA B 86 46.76 -26.63 -17.23
N ALA B 87 45.77 -27.09 -18.01
CA ALA B 87 44.87 -26.15 -18.69
C ALA B 87 43.77 -25.66 -17.77
N LEU B 88 43.42 -26.48 -16.76
CA LEU B 88 42.33 -26.12 -15.86
C LEU B 88 42.74 -25.02 -14.89
N TYR B 89 43.98 -25.03 -14.44
CA TYR B 89 44.43 -24.09 -13.42
C TYR B 89 45.20 -22.91 -14.01
N ASP B 90 45.08 -22.67 -15.32
CA ASP B 90 45.67 -21.54 -16.05
C ASP B 90 47.18 -21.43 -15.88
N ASN B 91 47.92 -22.43 -16.37
CA ASN B 91 49.37 -22.43 -16.25
C ASN B 91 49.94 -22.63 -17.65
N LEU B 92 50.49 -21.55 -18.22
CA LEU B 92 51.11 -21.62 -19.54
C LEU B 92 52.35 -22.49 -19.54
N GLU B 93 53.22 -22.30 -18.54
CA GLU B 93 54.53 -22.94 -18.54
C GLU B 93 54.43 -24.42 -18.24
N ALA B 94 53.48 -24.80 -17.38
CA ALA B 94 53.32 -26.20 -17.04
C ALA B 94 52.67 -26.98 -18.19
N ALA B 95 51.87 -26.30 -19.00
CA ALA B 95 51.16 -26.97 -20.08
C ALA B 95 52.08 -27.29 -21.25
N MET B 96 53.09 -26.44 -21.47
CA MET B 96 54.02 -26.61 -22.58
C MET B 96 54.86 -27.88 -22.43
N VAL B 97 55.34 -28.12 -21.20
CA VAL B 97 56.32 -29.18 -20.92
C VAL B 97 55.69 -30.55 -21.18
N LEU B 98 54.40 -30.68 -20.91
CA LEU B 98 53.66 -31.90 -21.23
C LEU B 98 53.61 -32.15 -22.74
N MET B 99 53.63 -31.07 -23.53
CA MET B 99 53.38 -31.21 -24.97
C MET B 99 54.67 -31.53 -25.74
N GLU B 100 55.81 -30.99 -25.30
CA GLU B 100 57.05 -31.38 -25.98
C GLU B 100 57.46 -32.79 -25.58
N ALA B 101 57.11 -33.19 -24.35
CA ALA B 101 57.48 -34.53 -23.89
C ALA B 101 56.66 -35.60 -24.59
N ALA B 102 55.34 -35.39 -24.68
CA ALA B 102 54.43 -36.33 -25.31
C ALA B 102 53.28 -35.55 -25.95
N PRO B 103 53.30 -35.41 -27.28
CA PRO B 103 52.24 -34.61 -27.94
C PRO B 103 50.93 -35.36 -28.08
N GLU B 104 50.85 -36.63 -27.68
CA GLU B 104 49.66 -37.44 -27.91
C GLU B 104 48.62 -37.28 -26.80
N LEU B 105 48.84 -36.32 -25.90
CA LEU B 105 47.88 -36.07 -24.81
C LEU B 105 46.77 -35.12 -25.25
N VAL B 106 46.98 -34.40 -26.36
CA VAL B 106 45.97 -33.45 -26.82
C VAL B 106 44.81 -34.20 -27.45
N PHE B 107 45.06 -35.42 -27.94
CA PHE B 107 44.00 -36.24 -28.51
C PHE B 107 43.44 -37.19 -27.46
N GLU B 108 43.08 -36.68 -26.29
CA GLU B 108 42.62 -37.52 -25.20
C GLU B 108 41.39 -36.89 -24.55
N PRO B 109 40.23 -37.54 -24.63
CA PRO B 109 39.06 -37.05 -23.89
C PRO B 109 39.01 -37.59 -22.47
N MET B 110 38.32 -36.89 -21.58
CA MET B 110 38.03 -37.44 -20.27
C MET B 110 37.02 -38.56 -20.40
N THR B 111 37.33 -39.71 -19.80
CA THR B 111 36.56 -40.93 -20.02
C THR B 111 35.64 -41.27 -18.85
N SER B 112 35.32 -40.31 -17.99
CA SER B 112 34.35 -40.56 -16.93
C SER B 112 32.94 -40.35 -17.47
N GLU B 113 31.94 -40.38 -16.60
CA GLU B 113 30.57 -40.10 -17.02
C GLU B 113 30.17 -38.66 -16.79
N LEU B 114 30.86 -37.97 -15.87
CA LEU B 114 30.50 -36.59 -15.57
C LEU B 114 31.02 -35.63 -16.64
N TYR B 115 32.26 -35.81 -17.07
CA TYR B 115 32.89 -34.96 -18.07
C TYR B 115 33.27 -35.74 -19.32
N GLU B 116 32.37 -36.59 -19.81
CA GLU B 116 32.66 -37.45 -20.95
C GLU B 116 32.87 -36.65 -22.24
N GLY B 117 34.01 -36.90 -22.87
CA GLY B 117 34.28 -36.36 -24.19
C GLY B 117 35.07 -35.07 -24.19
N GLN B 118 35.24 -34.46 -23.01
CA GLN B 118 35.91 -33.17 -22.94
C GLN B 118 37.41 -33.33 -23.12
N THR B 119 37.98 -32.49 -23.98
CA THR B 119 39.42 -32.49 -24.21
C THR B 119 40.00 -31.24 -23.56
N ALA B 120 41.32 -31.09 -23.69
CA ALA B 120 41.99 -29.94 -23.11
C ALA B 120 41.76 -28.69 -23.93
N LEU B 121 41.33 -28.85 -25.18
CA LEU B 121 41.00 -27.70 -26.02
C LEU B 121 39.73 -27.02 -25.53
N HIS B 122 38.78 -27.82 -25.03
CA HIS B 122 37.56 -27.26 -24.44
C HIS B 122 37.87 -26.44 -23.19
N ILE B 123 38.84 -26.90 -22.39
CA ILE B 123 39.10 -26.27 -21.09
C ILE B 123 39.81 -24.94 -21.29
N ALA B 124 40.73 -24.88 -22.26
CA ALA B 124 41.49 -23.66 -22.50
C ALA B 124 40.62 -22.57 -23.11
N VAL B 125 39.56 -22.95 -23.82
CA VAL B 125 38.67 -21.97 -24.43
C VAL B 125 37.77 -21.34 -23.38
N VAL B 126 37.23 -22.16 -22.46
CA VAL B 126 36.35 -21.66 -21.42
C VAL B 126 37.11 -20.78 -20.43
N ASN B 127 38.35 -21.15 -20.13
CA ASN B 127 39.20 -20.34 -19.27
C ASN B 127 39.84 -19.16 -19.99
N GLN B 128 39.64 -19.06 -21.31
CA GLN B 128 40.08 -17.93 -22.16
C GLN B 128 41.59 -17.74 -22.12
N ASN B 129 42.33 -18.84 -21.96
CA ASN B 129 43.78 -18.81 -21.98
C ASN B 129 44.20 -18.77 -23.44
N MET B 130 44.38 -17.54 -23.94
CA MET B 130 44.53 -17.30 -25.38
C MET B 130 45.85 -17.84 -25.91
N ASN B 131 46.92 -17.72 -25.11
CA ASN B 131 48.22 -18.21 -25.56
C ASN B 131 48.28 -19.73 -25.54
N LEU B 132 47.42 -20.36 -24.73
CA LEU B 132 47.35 -21.82 -24.72
C LEU B 132 46.57 -22.34 -25.92
N VAL B 133 45.67 -21.53 -26.47
CA VAL B 133 44.92 -21.92 -27.66
C VAL B 133 45.83 -21.99 -28.88
N ARG B 134 46.76 -21.03 -28.99
CA ARG B 134 47.78 -21.07 -30.02
C ARG B 134 48.71 -22.26 -29.86
N ALA B 135 48.95 -22.68 -28.61
CA ALA B 135 49.82 -23.82 -28.35
C ALA B 135 49.15 -25.12 -28.77
N LEU B 136 47.84 -25.23 -28.56
CA LEU B 136 47.13 -26.46 -28.91
C LEU B 136 46.84 -26.53 -30.41
N LEU B 137 46.53 -25.39 -31.03
CA LEU B 137 46.18 -25.41 -32.45
C LEU B 137 47.41 -25.57 -33.33
N ALA B 138 48.58 -25.18 -32.83
CA ALA B 138 49.82 -25.45 -33.56
C ALA B 138 50.15 -26.94 -33.48
N ARG B 139 49.65 -27.60 -32.45
CA ARG B 139 49.78 -29.04 -32.32
C ARG B 139 48.53 -29.79 -32.77
N ARG B 140 47.77 -29.20 -33.70
CA ARG B 140 46.58 -29.74 -34.39
C ARG B 140 45.59 -30.40 -33.42
N ALA B 141 45.16 -29.60 -32.46
CA ALA B 141 44.07 -29.99 -31.57
C ALA B 141 42.75 -30.00 -32.35
N SER B 142 41.99 -31.08 -32.22
CA SER B 142 40.77 -31.27 -32.99
C SER B 142 39.67 -30.32 -32.55
N VAL B 143 39.23 -29.44 -33.45
CA VAL B 143 38.26 -28.40 -33.14
C VAL B 143 36.84 -28.90 -33.32
N SER B 144 36.68 -30.20 -33.57
CA SER B 144 35.35 -30.78 -33.72
C SER B 144 35.04 -31.84 -32.68
N ALA B 145 35.72 -31.84 -31.55
CA ALA B 145 35.46 -32.82 -30.50
C ALA B 145 34.17 -32.47 -29.76
N ARG B 146 33.41 -33.50 -29.41
CA ARG B 146 32.09 -33.35 -28.82
C ARG B 146 32.12 -33.78 -27.35
N ALA B 147 32.04 -32.81 -26.45
CA ALA B 147 32.03 -33.07 -25.02
C ALA B 147 30.62 -33.47 -24.59
N THR B 148 30.31 -34.75 -24.81
CA THR B 148 28.98 -35.28 -24.54
C THR B 148 28.91 -35.93 -23.16
N GLY B 149 29.15 -35.11 -22.13
CA GLY B 149 29.17 -35.57 -20.76
C GLY B 149 27.85 -35.30 -20.06
N THR B 150 27.77 -35.72 -18.80
CA THR B 150 26.59 -35.44 -17.99
C THR B 150 26.55 -33.97 -17.60
N ALA B 151 27.71 -33.37 -17.33
CA ALA B 151 27.81 -31.98 -16.91
C ALA B 151 27.85 -31.01 -18.08
N PHE B 152 27.40 -31.44 -19.26
CA PHE B 152 27.29 -30.56 -20.40
C PHE B 152 25.91 -30.54 -21.02
N ARG B 153 24.98 -31.35 -20.52
CA ARG B 153 23.62 -31.38 -21.05
C ARG B 153 22.80 -30.26 -20.44
N ARG B 154 21.74 -29.87 -21.14
CA ARG B 154 20.85 -28.85 -20.62
C ARG B 154 19.98 -29.44 -19.51
N SER B 155 20.24 -29.01 -18.28
CA SER B 155 19.59 -29.58 -17.12
C SER B 155 19.39 -28.48 -16.08
N PRO B 156 18.34 -28.55 -15.26
CA PRO B 156 18.18 -27.57 -14.18
C PRO B 156 19.17 -27.73 -13.04
N CYS B 157 19.94 -28.82 -13.01
CA CYS B 157 20.98 -29.02 -12.02
C CYS B 157 22.34 -28.54 -12.50
N ASN B 158 22.46 -28.09 -13.75
CA ASN B 158 23.71 -27.58 -14.30
C ASN B 158 23.64 -26.06 -14.35
N LEU B 159 24.70 -25.41 -13.89
CA LEU B 159 24.79 -23.96 -13.97
C LEU B 159 25.18 -23.47 -15.35
N ILE B 160 25.67 -24.35 -16.22
CA ILE B 160 26.08 -23.95 -17.57
C ILE B 160 25.39 -24.85 -18.58
N TYR B 161 25.05 -24.27 -19.72
CA TYR B 161 24.74 -25.03 -20.94
C TYR B 161 25.44 -24.30 -22.07
N PHE B 162 26.65 -24.72 -22.38
CA PHE B 162 27.47 -24.04 -23.37
C PHE B 162 27.60 -24.83 -24.66
N GLY B 163 26.84 -25.90 -24.84
CA GLY B 163 26.94 -26.68 -26.05
C GLY B 163 27.80 -27.91 -25.90
N GLU B 164 28.43 -28.36 -26.99
CA GLU B 164 29.31 -29.52 -26.97
C GLU B 164 30.57 -29.29 -27.79
N HIS B 165 30.72 -28.10 -28.36
CA HIS B 165 31.78 -27.83 -29.33
C HIS B 165 32.60 -26.63 -28.88
N PRO B 166 33.87 -26.53 -29.32
CA PRO B 166 34.69 -25.37 -28.92
C PRO B 166 34.21 -24.04 -29.49
N LEU B 167 33.56 -24.03 -30.67
CA LEU B 167 32.89 -22.82 -31.13
C LEU B 167 31.76 -22.44 -30.20
N SER B 168 31.04 -23.44 -29.70
CA SER B 168 29.94 -23.17 -28.78
C SER B 168 30.45 -22.73 -27.43
N PHE B 169 31.62 -23.23 -27.01
CA PHE B 169 32.17 -22.81 -25.72
C PHE B 169 32.74 -21.41 -25.81
N ALA B 170 33.29 -21.04 -26.97
CA ALA B 170 33.88 -19.71 -27.11
C ALA B 170 32.81 -18.64 -27.27
N ALA B 171 31.68 -18.99 -27.90
CA ALA B 171 30.64 -18.02 -28.14
C ALA B 171 29.88 -17.69 -26.86
N CYS B 172 29.87 -18.63 -25.91
CA CYS B 172 29.12 -18.44 -24.67
C CYS B 172 29.94 -17.78 -23.56
N VAL B 173 31.26 -17.69 -23.71
CA VAL B 173 32.09 -16.94 -22.79
C VAL B 173 32.45 -15.57 -23.32
N ASN B 174 31.89 -15.19 -24.48
CA ASN B 174 32.08 -13.89 -25.15
C ASN B 174 33.55 -13.65 -25.46
N SER B 175 34.12 -14.49 -26.31
CA SER B 175 35.51 -14.34 -26.74
C SER B 175 35.52 -14.28 -28.25
N GLU B 176 35.71 -13.07 -28.79
CA GLU B 176 35.74 -12.87 -30.23
C GLU B 176 36.99 -13.48 -30.86
N GLU B 177 38.14 -13.32 -30.19
CA GLU B 177 39.42 -13.70 -30.79
C GLU B 177 39.59 -15.22 -30.83
N ILE B 178 38.84 -15.95 -30.02
CA ILE B 178 38.90 -17.42 -30.11
C ILE B 178 37.95 -17.93 -31.18
N VAL B 179 36.80 -17.27 -31.36
CA VAL B 179 35.86 -17.64 -32.41
C VAL B 179 36.47 -17.42 -33.79
N ARG B 180 37.22 -16.33 -33.95
CA ARG B 180 37.92 -16.09 -35.21
C ARG B 180 39.05 -17.09 -35.41
N LEU B 181 39.62 -17.59 -34.32
CA LEU B 181 40.76 -18.50 -34.43
C LEU B 181 40.30 -19.91 -34.76
N LEU B 182 39.12 -20.31 -34.26
CA LEU B 182 38.67 -21.68 -34.45
C LEU B 182 38.10 -21.90 -35.85
N ILE B 183 37.49 -20.87 -36.44
CA ILE B 183 36.91 -20.99 -37.77
C ILE B 183 38.01 -21.14 -38.82
N GLU B 184 39.10 -20.40 -38.64
CA GLU B 184 40.26 -20.44 -39.55
C GLU B 184 40.94 -21.81 -39.53
N HIS B 185 40.83 -22.54 -38.43
CA HIS B 185 41.36 -23.90 -38.34
C HIS B 185 40.34 -24.96 -38.69
N GLY B 186 39.21 -24.58 -39.27
CA GLY B 186 38.26 -25.53 -39.82
C GLY B 186 37.25 -26.10 -38.85
N ALA B 187 36.64 -25.26 -38.01
CA ALA B 187 35.58 -25.73 -37.12
C ALA B 187 34.22 -25.50 -37.77
N ASP B 188 33.38 -26.53 -37.71
CA ASP B 188 32.08 -26.51 -38.39
C ASP B 188 31.13 -25.59 -37.62
N ILE B 189 30.63 -24.57 -38.30
CA ILE B 189 29.77 -23.58 -37.67
C ILE B 189 28.35 -24.07 -37.49
N ARG B 190 27.98 -25.18 -38.12
CA ARG B 190 26.63 -25.73 -38.06
C ARG B 190 26.60 -27.08 -37.36
N ALA B 191 27.56 -27.30 -36.45
CA ALA B 191 27.55 -28.49 -35.63
C ALA B 191 26.41 -28.42 -34.61
N GLN B 192 25.87 -29.59 -34.27
CA GLN B 192 24.66 -29.66 -33.47
C GLN B 192 24.92 -30.48 -32.21
N ASP B 193 24.17 -30.15 -31.16
CA ASP B 193 24.23 -30.89 -29.91
C ASP B 193 23.42 -32.17 -30.05
N SER B 194 23.40 -33.01 -29.01
CA SER B 194 22.48 -34.15 -29.04
C SER B 194 21.14 -33.82 -28.39
N LEU B 195 20.59 -32.64 -28.69
CA LEU B 195 19.17 -32.38 -28.54
C LEU B 195 18.75 -31.46 -29.67
N GLY B 196 19.69 -31.13 -30.56
CA GLY B 196 19.39 -30.49 -31.82
C GLY B 196 20.04 -29.14 -32.06
N ASN B 197 20.46 -28.44 -31.01
CA ASN B 197 20.80 -27.03 -31.14
C ASN B 197 22.12 -26.80 -31.84
N THR B 198 22.14 -25.83 -32.75
CA THR B 198 23.37 -25.28 -33.29
C THR B 198 23.87 -24.17 -32.39
N VAL B 199 24.94 -23.49 -32.81
CA VAL B 199 25.54 -22.44 -31.99
C VAL B 199 24.64 -21.20 -31.95
N LEU B 200 23.75 -21.06 -32.92
CA LEU B 200 22.87 -19.89 -32.94
C LEU B 200 21.73 -20.07 -31.95
N HIS B 201 21.36 -21.32 -31.68
CA HIS B 201 20.34 -21.61 -30.68
C HIS B 201 20.87 -21.37 -29.27
N ILE B 202 22.13 -21.73 -29.03
CA ILE B 202 22.70 -21.74 -27.68
C ILE B 202 22.88 -20.32 -27.16
N LEU B 203 23.15 -19.37 -28.06
CA LEU B 203 23.33 -17.98 -27.67
C LEU B 203 22.03 -17.36 -27.16
N ILE B 204 20.89 -17.90 -27.56
CA ILE B 204 19.61 -17.39 -27.09
C ILE B 204 19.35 -17.87 -25.66
N LEU B 205 19.92 -19.01 -25.29
CA LEU B 205 19.74 -19.60 -23.97
C LEU B 205 20.75 -19.08 -22.95
N GLN B 206 21.41 -17.96 -23.22
CA GLN B 206 22.45 -17.44 -22.35
C GLN B 206 21.91 -16.34 -21.45
N PRO B 207 22.49 -16.15 -20.26
CA PRO B 207 21.91 -15.14 -19.35
C PRO B 207 22.15 -13.71 -19.75
N ASN B 208 23.30 -13.39 -20.34
CA ASN B 208 23.62 -12.01 -20.74
C ASN B 208 23.11 -11.83 -22.17
N LYS B 209 22.01 -11.09 -22.30
CA LYS B 209 21.36 -10.95 -23.60
C LYS B 209 22.12 -9.99 -24.51
N THR B 210 22.80 -9.00 -23.93
CA THR B 210 23.48 -8.00 -24.75
C THR B 210 24.74 -8.57 -25.39
N PHE B 211 25.49 -9.39 -24.65
CA PHE B 211 26.71 -9.97 -25.20
C PHE B 211 26.41 -11.06 -26.22
N ALA B 212 25.22 -11.66 -26.15
CA ALA B 212 24.85 -12.69 -27.10
C ALA B 212 24.49 -12.10 -28.46
N CYS B 213 24.05 -10.84 -28.45
CA CYS B 213 23.64 -10.20 -29.70
C CYS B 213 24.85 -9.84 -30.56
N GLN B 214 25.96 -9.49 -29.92
CA GLN B 214 27.19 -9.22 -30.68
C GLN B 214 27.76 -10.51 -31.28
N MET B 215 27.69 -11.61 -30.51
CA MET B 215 28.21 -12.88 -31.01
C MET B 215 27.31 -13.47 -32.08
N TYR B 216 26.02 -13.10 -32.07
CA TYR B 216 25.09 -13.58 -33.07
C TYR B 216 25.38 -12.94 -34.41
N ASN B 217 25.66 -11.63 -34.41
CA ASN B 217 26.05 -10.90 -35.60
C ASN B 217 27.38 -11.38 -36.15
N LEU B 218 28.27 -11.84 -35.26
CA LEU B 218 29.58 -12.29 -35.68
C LEU B 218 29.50 -13.62 -36.41
N LEU B 219 28.68 -14.55 -35.89
CA LEU B 219 28.63 -15.89 -36.47
C LEU B 219 27.85 -15.92 -37.78
N LEU B 220 27.03 -14.91 -38.04
CA LEU B 220 26.38 -14.81 -39.35
C LEU B 220 27.31 -14.19 -40.37
N SER B 221 28.34 -13.48 -39.92
CA SER B 221 29.30 -12.85 -40.81
C SER B 221 30.32 -13.87 -41.33
N TYR B 222 30.23 -15.11 -40.86
CA TYR B 222 30.99 -16.21 -41.42
C TYR B 222 30.12 -17.22 -42.14
N ASP B 223 28.89 -16.88 -42.50
CA ASP B 223 28.00 -17.74 -43.28
C ASP B 223 28.01 -17.37 -44.78
N ARG B 224 29.17 -16.92 -45.24
CA ARG B 224 29.39 -16.48 -46.62
C ARG B 224 29.29 -17.61 -47.63
N HIS B 225 29.45 -18.85 -47.16
CA HIS B 225 29.60 -20.01 -48.04
C HIS B 225 28.27 -20.66 -48.38
N GLY B 226 27.20 -19.88 -48.47
CA GLY B 226 25.87 -20.41 -48.69
C GLY B 226 25.64 -21.16 -49.98
N ASP B 227 25.58 -22.49 -49.86
CA ASP B 227 25.06 -23.39 -50.87
C ASP B 227 24.20 -24.41 -50.14
N HIS B 228 24.32 -24.38 -48.81
CA HIS B 228 23.50 -25.13 -47.88
C HIS B 228 22.08 -24.58 -47.89
N LEU B 229 21.14 -25.44 -48.30
CA LEU B 229 19.70 -25.17 -48.54
C LEU B 229 19.09 -24.37 -47.39
N GLN B 230 19.33 -24.74 -46.14
CA GLN B 230 18.88 -23.89 -45.04
C GLN B 230 20.04 -23.04 -44.51
N PRO B 231 19.92 -21.72 -44.52
CA PRO B 231 20.90 -20.88 -43.80
C PRO B 231 20.81 -21.08 -42.29
N LEU B 232 21.83 -20.59 -41.59
CA LEU B 232 22.04 -20.91 -40.17
C LEU B 232 20.93 -20.40 -39.27
N ASP B 233 20.27 -19.33 -39.67
CA ASP B 233 19.17 -18.80 -38.87
C ASP B 233 17.85 -19.49 -39.21
N LEU B 234 17.88 -20.47 -40.11
CA LEU B 234 16.72 -21.25 -40.51
C LEU B 234 17.01 -22.74 -40.41
N VAL B 235 17.76 -23.14 -39.39
CA VAL B 235 18.01 -24.55 -39.14
C VAL B 235 17.30 -24.97 -37.86
N PRO B 236 16.32 -25.86 -37.92
CA PRO B 236 15.61 -26.26 -36.70
C PRO B 236 16.40 -27.26 -35.88
N ASN B 237 16.06 -27.30 -34.59
CA ASN B 237 16.57 -28.33 -33.70
C ASN B 237 15.66 -29.56 -33.74
N HIS B 238 15.80 -30.46 -32.77
CA HIS B 238 14.98 -31.67 -32.73
C HIS B 238 13.54 -31.43 -32.34
N GLN B 239 13.18 -30.23 -31.88
CA GLN B 239 11.79 -29.89 -31.65
C GLN B 239 11.19 -29.07 -32.78
N GLY B 240 11.96 -28.77 -33.83
CA GLY B 240 11.47 -28.04 -34.98
C GLY B 240 11.64 -26.54 -34.90
N LEU B 241 12.14 -26.03 -33.77
CA LEU B 241 12.21 -24.59 -33.57
C LEU B 241 13.45 -24.01 -34.23
N THR B 242 13.26 -22.91 -34.94
CA THR B 242 14.30 -22.04 -35.47
C THR B 242 14.81 -21.15 -34.34
N PRO B 243 15.95 -20.43 -34.54
CA PRO B 243 16.35 -19.43 -33.54
C PRO B 243 15.36 -18.30 -33.34
N PHE B 244 14.57 -17.96 -34.36
CA PHE B 244 13.54 -16.94 -34.18
C PHE B 244 12.40 -17.47 -33.31
N LYS B 245 12.00 -18.73 -33.50
CA LYS B 245 10.96 -19.29 -32.65
C LYS B 245 11.48 -19.60 -31.26
N LEU B 246 12.77 -19.92 -31.13
CA LEU B 246 13.32 -20.22 -29.81
C LEU B 246 13.42 -18.97 -28.95
N ALA B 247 13.67 -17.82 -29.58
CA ALA B 247 13.64 -16.56 -28.84
C ALA B 247 12.21 -16.19 -28.46
N GLY B 248 11.23 -16.68 -29.20
CA GLY B 248 9.84 -16.47 -28.88
C GLY B 248 9.38 -17.31 -27.70
N VAL B 249 9.77 -18.57 -27.66
CA VAL B 249 9.41 -19.45 -26.57
C VAL B 249 10.11 -19.06 -25.27
N GLU B 250 11.39 -18.72 -25.34
CA GLU B 250 12.16 -18.47 -24.12
C GLU B 250 11.99 -17.05 -23.59
N GLY B 251 11.22 -16.21 -24.26
CA GLY B 251 11.00 -14.87 -23.78
C GLY B 251 12.17 -13.94 -23.95
N ASN B 252 13.07 -14.24 -24.89
CA ASN B 252 14.25 -13.41 -25.12
C ASN B 252 13.81 -12.25 -26.00
N THR B 253 13.36 -11.18 -25.34
CA THR B 253 12.80 -10.04 -26.06
C THR B 253 13.88 -9.20 -26.71
N VAL B 254 15.12 -9.32 -26.22
CA VAL B 254 16.24 -8.59 -26.80
C VAL B 254 16.60 -9.17 -28.16
N MET B 255 16.63 -10.50 -28.24
CA MET B 255 16.99 -11.15 -29.50
C MET B 255 15.78 -11.31 -30.41
N PHE B 256 14.57 -11.10 -29.87
CA PHE B 256 13.38 -11.17 -30.71
C PHE B 256 13.28 -9.94 -31.60
N GLN B 257 13.50 -8.76 -31.03
CA GLN B 257 13.44 -7.53 -31.81
C GLN B 257 14.58 -7.45 -32.82
N HIS B 258 15.73 -8.02 -32.49
CA HIS B 258 16.87 -8.01 -33.40
C HIS B 258 16.65 -8.96 -34.57
N LEU B 259 16.03 -10.11 -34.31
CA LEU B 259 15.71 -11.04 -35.38
C LEU B 259 14.47 -10.64 -36.15
N MET B 260 13.71 -9.65 -35.66
CA MET B 260 12.57 -9.18 -36.42
C MET B 260 12.99 -8.18 -37.49
N GLN B 261 14.21 -7.65 -37.38
CA GLN B 261 14.74 -6.74 -38.39
C GLN B 261 14.98 -7.45 -39.71
N LYS B 262 15.24 -8.75 -39.65
CA LYS B 262 15.43 -9.55 -40.85
C LYS B 262 14.11 -9.87 -41.55
N ARG B 263 12.98 -9.77 -40.85
CA ARG B 263 11.69 -10.08 -41.43
C ARG B 263 10.90 -8.85 -41.86
N LYS B 264 11.38 -7.64 -41.54
CA LYS B 264 10.70 -6.42 -41.94
C LYS B 264 10.85 -6.13 -43.42
N HIS B 265 10.11 -5.14 -43.92
CA HIS B 265 10.28 -4.58 -45.25
C HIS B 265 9.70 -3.19 -45.28
N THR B 266 10.55 -2.17 -45.20
CA THR B 266 10.05 -0.80 -45.16
C THR B 266 9.69 -0.32 -46.55
N GLN B 267 8.43 0.10 -46.71
CA GLN B 267 7.93 0.54 -48.01
C GLN B 267 8.25 1.99 -48.32
N TRP B 268 7.80 2.93 -47.50
CA TRP B 268 8.08 4.33 -47.71
C TRP B 268 8.20 5.05 -46.38
N THR B 269 8.92 6.17 -46.40
CA THR B 269 9.01 7.09 -45.27
C THR B 269 8.50 8.44 -45.72
N TYR B 270 7.40 8.89 -45.13
CA TYR B 270 6.81 10.19 -45.45
C TYR B 270 6.92 11.05 -44.21
N GLY B 271 8.06 11.69 -44.04
CA GLY B 271 8.37 12.46 -42.86
C GLY B 271 8.48 11.59 -41.63
N PRO B 272 7.58 11.79 -40.67
CA PRO B 272 7.54 10.95 -39.47
C PRO B 272 6.81 9.62 -39.65
N LEU B 273 6.23 9.36 -40.80
CA LEU B 273 5.48 8.14 -41.05
C LEU B 273 6.37 7.07 -41.67
N THR B 274 6.04 5.81 -41.38
CA THR B 274 6.76 4.67 -41.92
C THR B 274 5.77 3.53 -42.12
N SER B 275 5.77 2.95 -43.31
CA SER B 275 4.89 1.83 -43.64
C SER B 275 5.73 0.56 -43.74
N THR B 276 5.87 -0.13 -42.61
CA THR B 276 6.67 -1.35 -42.52
C THR B 276 5.79 -2.56 -42.83
N LEU B 277 6.35 -3.50 -43.59
CA LEU B 277 5.63 -4.69 -44.03
C LEU B 277 6.30 -5.91 -43.40
N TYR B 278 5.52 -6.73 -42.69
CA TYR B 278 6.04 -7.81 -41.89
C TYR B 278 5.75 -9.17 -42.53
N ASP B 279 6.58 -10.16 -42.20
CA ASP B 279 6.64 -11.38 -43.00
C ASP B 279 5.56 -12.37 -42.60
N LEU B 280 5.35 -12.59 -41.30
CA LEU B 280 4.27 -13.43 -40.76
C LEU B 280 4.28 -14.87 -41.25
N THR B 281 5.45 -15.40 -41.58
CA THR B 281 5.55 -16.79 -41.96
C THR B 281 5.66 -17.73 -40.76
N GLU B 282 6.57 -17.44 -39.84
CA GLU B 282 6.70 -18.24 -38.62
C GLU B 282 5.84 -17.72 -37.49
N ILE B 283 5.23 -16.55 -37.63
CA ILE B 283 4.42 -15.95 -36.58
C ILE B 283 2.98 -16.43 -36.65
N ASP B 284 2.34 -16.29 -37.80
CA ASP B 284 0.92 -16.58 -37.94
C ASP B 284 0.70 -18.09 -38.05
N SER B 285 -0.51 -18.51 -37.67
CA SER B 285 -0.89 -19.92 -37.68
C SER B 285 -1.01 -20.45 -39.11
N SER B 286 -0.06 -21.30 -39.51
CA SER B 286 -0.05 -21.85 -40.86
C SER B 286 -1.07 -22.97 -41.01
N GLY B 287 -1.56 -23.50 -39.90
CA GLY B 287 -2.53 -24.56 -39.92
C GLY B 287 -1.95 -25.96 -39.97
N ASP B 288 -0.65 -26.09 -40.23
CA ASP B 288 -0.01 -27.41 -40.28
C ASP B 288 0.98 -27.56 -39.13
N GLU B 289 1.88 -26.60 -39.00
CA GLU B 289 2.88 -26.65 -37.94
C GLU B 289 2.45 -25.74 -36.80
N GLN B 290 2.85 -26.11 -35.58
CA GLN B 290 2.68 -25.26 -34.41
C GLN B 290 3.42 -23.93 -34.60
N SER B 291 2.65 -22.84 -34.56
CA SER B 291 3.16 -21.51 -34.87
C SER B 291 3.76 -20.86 -33.64
N LEU B 292 4.17 -19.60 -33.81
CA LEU B 292 4.73 -18.85 -32.70
C LEU B 292 3.65 -18.47 -31.69
N LEU B 293 2.43 -18.21 -32.16
CA LEU B 293 1.33 -17.92 -31.25
C LEU B 293 0.94 -19.14 -30.42
N GLU B 294 1.08 -20.33 -30.99
CA GLU B 294 0.67 -21.53 -30.28
C GLU B 294 1.72 -21.96 -29.26
N LEU B 295 2.99 -21.62 -29.52
CA LEU B 295 4.06 -22.02 -28.61
C LEU B 295 4.08 -21.17 -27.35
N ILE B 296 3.77 -19.87 -27.48
CA ILE B 296 3.84 -18.99 -26.32
C ILE B 296 2.70 -19.27 -25.35
N ILE B 297 1.53 -19.66 -25.85
CA ILE B 297 0.41 -19.98 -24.98
C ILE B 297 0.63 -21.29 -24.26
N THR B 298 1.22 -22.28 -24.91
CA THR B 298 1.40 -23.61 -24.31
C THR B 298 2.74 -23.76 -23.60
N THR B 299 3.35 -22.68 -23.13
CA THR B 299 4.53 -22.77 -22.28
C THR B 299 4.23 -22.10 -20.95
N LYS B 300 4.89 -22.59 -19.89
CA LYS B 300 4.68 -22.08 -18.54
C LYS B 300 5.66 -20.99 -18.13
N LYS B 301 5.85 -19.99 -18.99
CA LYS B 301 6.82 -18.93 -18.69
C LYS B 301 6.13 -17.57 -18.69
N ARG B 302 6.73 -16.58 -18.01
CA ARG B 302 6.14 -15.26 -17.90
C ARG B 302 6.73 -14.25 -18.87
N GLU B 303 8.05 -14.22 -19.08
CA GLU B 303 8.64 -13.29 -20.03
C GLU B 303 8.35 -13.69 -21.47
N ALA B 304 7.90 -14.91 -21.71
CA ALA B 304 7.39 -15.28 -23.03
C ALA B 304 6.10 -14.55 -23.35
N ARG B 305 5.27 -14.28 -22.33
CA ARG B 305 4.04 -13.54 -22.51
C ARG B 305 4.28 -12.07 -22.85
N GLN B 306 5.49 -11.56 -22.58
CA GLN B 306 5.82 -10.18 -22.90
C GLN B 306 6.02 -9.97 -24.40
N ILE B 307 6.16 -11.03 -25.18
CA ILE B 307 6.31 -10.91 -26.63
C ILE B 307 4.98 -10.60 -27.31
N LEU B 308 3.87 -10.82 -26.60
CA LEU B 308 2.54 -10.43 -27.09
C LEU B 308 2.37 -8.92 -27.21
N ASP B 309 3.27 -8.12 -26.66
CA ASP B 309 3.26 -6.67 -26.86
C ASP B 309 4.24 -6.22 -27.92
N GLN B 310 5.01 -7.13 -28.52
CA GLN B 310 5.94 -6.74 -29.58
C GLN B 310 5.15 -6.43 -30.83
N THR B 311 5.72 -5.65 -31.74
CA THR B 311 4.91 -5.00 -32.78
C THR B 311 4.20 -5.90 -33.79
N PRO B 312 4.82 -6.87 -34.49
CA PRO B 312 4.02 -7.60 -35.51
C PRO B 312 3.01 -8.57 -34.91
N VAL B 313 3.19 -8.94 -33.64
CA VAL B 313 2.28 -9.89 -32.99
C VAL B 313 1.08 -9.15 -32.41
N LYS B 314 1.31 -7.94 -31.93
CA LYS B 314 0.28 -7.18 -31.23
C LYS B 314 -0.84 -6.73 -32.16
N GLU B 315 -0.51 -6.32 -33.38
CA GLU B 315 -1.56 -5.95 -34.33
C GLU B 315 -2.11 -7.17 -35.06
N LEU B 316 -1.39 -8.29 -35.06
CA LEU B 316 -1.94 -9.51 -35.63
C LEU B 316 -3.02 -10.10 -34.74
N VAL B 317 -2.79 -10.08 -33.43
CA VAL B 317 -3.77 -10.57 -32.46
C VAL B 317 -5.01 -9.69 -32.47
N SER B 318 -4.82 -8.37 -32.53
CA SER B 318 -5.95 -7.45 -32.57
C SER B 318 -6.70 -7.54 -33.89
N LEU B 319 -6.04 -8.02 -34.94
CA LEU B 319 -6.71 -8.14 -36.23
C LEU B 319 -7.70 -9.29 -36.21
N LYS B 320 -7.30 -10.40 -35.60
CA LYS B 320 -8.13 -11.61 -35.59
C LYS B 320 -9.31 -11.48 -34.64
N TRP B 321 -9.11 -10.82 -33.50
CA TRP B 321 -10.16 -10.75 -32.48
C TRP B 321 -11.23 -9.75 -32.87
N LYS B 322 -10.84 -8.58 -33.37
CA LYS B 322 -11.81 -7.56 -33.75
C LYS B 322 -12.65 -7.97 -34.95
N ARG B 323 -12.14 -8.87 -35.80
CA ARG B 323 -12.80 -9.21 -37.04
C ARG B 323 -13.51 -10.55 -37.02
N TYR B 324 -12.90 -11.59 -36.44
CA TYR B 324 -13.49 -12.92 -36.48
C TYR B 324 -13.54 -13.61 -35.13
N GLY B 325 -12.74 -13.17 -34.16
CA GLY B 325 -12.72 -13.83 -32.88
C GLY B 325 -13.87 -13.44 -31.99
N ARG B 326 -14.11 -12.14 -31.85
CA ARG B 326 -15.19 -11.67 -30.98
C ARG B 326 -16.60 -11.97 -31.52
N PRO B 327 -16.91 -11.86 -32.86
CA PRO B 327 -18.22 -12.36 -33.31
C PRO B 327 -18.46 -13.84 -33.10
N TYR B 328 -17.47 -14.69 -33.36
CA TYR B 328 -17.67 -16.13 -33.18
C TYR B 328 -17.66 -16.54 -31.72
N PHE B 329 -17.19 -15.69 -30.82
CA PHE B 329 -17.18 -16.01 -29.40
C PHE B 329 -18.47 -15.57 -28.72
N CYS B 330 -19.07 -14.48 -29.20
CA CYS B 330 -20.34 -14.03 -28.64
C CYS B 330 -21.50 -14.89 -29.14
N MET B 331 -21.39 -15.43 -30.35
CA MET B 331 -22.41 -16.34 -30.85
C MET B 331 -22.37 -17.67 -30.09
N LEU B 332 -21.16 -18.17 -29.82
CA LEU B 332 -21.01 -19.42 -29.08
C LEU B 332 -21.42 -19.26 -27.62
N GLY B 333 -21.31 -18.04 -27.09
CA GLY B 333 -21.75 -17.80 -25.73
C GLY B 333 -23.26 -17.68 -25.62
N ALA B 334 -23.91 -17.35 -26.74
CA ALA B 334 -25.36 -17.21 -26.74
C ALA B 334 -26.04 -18.56 -26.99
N ILE B 335 -25.39 -19.43 -27.75
CA ILE B 335 -25.93 -20.76 -27.98
C ILE B 335 -25.78 -21.61 -26.71
N TYR B 336 -24.67 -21.42 -25.99
CA TYR B 336 -24.49 -22.15 -24.73
C TYR B 336 -25.46 -21.66 -23.67
N LEU B 337 -25.79 -20.36 -23.70
CA LEU B 337 -26.67 -19.80 -22.70
C LEU B 337 -28.11 -20.29 -22.88
N LEU B 338 -28.53 -20.47 -24.12
CA LEU B 338 -29.87 -21.00 -24.37
C LEU B 338 -29.95 -22.49 -24.09
N TYR B 339 -28.83 -23.19 -24.30
CA TYR B 339 -28.78 -24.62 -24.04
C TYR B 339 -28.88 -24.95 -22.55
N ILE B 340 -28.33 -24.08 -21.70
CA ILE B 340 -28.40 -24.32 -20.27
C ILE B 340 -29.77 -23.95 -19.72
N ILE B 341 -30.42 -22.95 -20.33
CA ILE B 341 -31.80 -22.62 -19.95
C ILE B 341 -32.75 -23.76 -20.36
N CYS B 342 -32.47 -24.41 -21.48
CA CYS B 342 -33.24 -25.59 -21.87
C CYS B 342 -32.99 -26.76 -20.92
N PHE B 343 -31.75 -26.90 -20.46
CA PHE B 343 -31.44 -27.93 -19.47
C PHE B 343 -32.05 -27.61 -18.11
N THR B 344 -32.15 -26.33 -17.78
CA THR B 344 -32.69 -25.93 -16.48
C THR B 344 -34.18 -26.22 -16.39
N MET B 345 -34.91 -26.03 -17.48
CA MET B 345 -36.35 -26.25 -17.43
C MET B 345 -36.69 -27.75 -17.50
N CYS B 346 -35.75 -28.57 -17.95
CA CYS B 346 -35.99 -30.01 -17.94
C CYS B 346 -35.78 -30.58 -16.54
N CYS B 347 -35.05 -29.86 -15.70
CA CYS B 347 -34.84 -30.32 -14.33
C CYS B 347 -35.93 -29.80 -13.40
N ILE B 348 -36.50 -28.65 -13.73
CA ILE B 348 -37.62 -28.12 -12.93
C ILE B 348 -38.87 -28.95 -13.15
N TYR B 349 -39.15 -29.35 -14.39
CA TYR B 349 -40.35 -30.12 -14.72
C TYR B 349 -40.08 -31.61 -14.78
N ARG B 350 -39.16 -32.11 -13.95
CA ARG B 350 -38.81 -33.51 -13.97
C ARG B 350 -39.95 -34.34 -13.37
N PRO B 351 -40.15 -35.60 -13.84
CA PRO B 351 -41.37 -36.35 -13.51
C PRO B 351 -41.38 -36.80 -12.05
N LEU B 352 -42.43 -36.39 -11.33
CA LEU B 352 -42.58 -36.71 -9.92
C LEU B 352 -44.03 -37.06 -9.64
N LYS B 353 -44.23 -38.05 -8.77
CA LYS B 353 -45.54 -38.50 -8.35
C LYS B 353 -45.55 -38.57 -6.82
N PRO B 354 -46.74 -38.59 -6.21
CA PRO B 354 -46.81 -38.82 -4.76
C PRO B 354 -46.28 -40.20 -4.38
N ARG B 355 -45.74 -40.29 -3.18
CA ARG B 355 -45.09 -41.51 -2.72
C ARG B 355 -46.10 -42.63 -2.49
N THR B 356 -45.63 -43.87 -2.61
CA THR B 356 -46.51 -45.04 -2.49
C THR B 356 -46.68 -45.47 -1.05
N ASN B 357 -45.58 -45.80 -0.36
CA ASN B 357 -45.63 -46.28 1.00
C ASN B 357 -45.91 -45.16 2.00
N ASN B 358 -46.03 -45.50 3.28
CA ASN B 358 -46.24 -44.54 4.34
C ASN B 358 -44.90 -44.15 4.96
N ARG B 359 -44.89 -43.02 5.66
CA ARG B 359 -43.68 -42.54 6.30
C ARG B 359 -43.30 -43.42 7.50
N THR B 360 -42.01 -43.67 7.64
CA THR B 360 -41.54 -44.58 8.68
C THR B 360 -41.48 -43.88 10.03
N SER B 361 -40.67 -42.85 10.15
CA SER B 361 -40.43 -42.12 11.38
C SER B 361 -41.06 -40.74 11.25
N PRO B 362 -41.28 -40.00 12.33
CA PRO B 362 -41.70 -38.60 12.19
C PRO B 362 -40.63 -37.66 11.67
N ARG B 363 -39.39 -38.12 11.50
CA ARG B 363 -38.34 -37.36 10.86
C ARG B 363 -38.31 -37.56 9.34
N ASP B 364 -39.26 -38.31 8.79
CA ASP B 364 -39.33 -38.52 7.35
C ASP B 364 -40.09 -37.37 6.72
N ASN B 365 -39.40 -36.58 5.88
CA ASN B 365 -39.96 -35.36 5.33
C ASN B 365 -40.44 -35.51 3.90
N THR B 366 -40.24 -36.68 3.29
CA THR B 366 -40.45 -36.85 1.86
C THR B 366 -41.93 -37.00 1.54
N LEU B 367 -42.38 -36.26 0.53
CA LEU B 367 -43.75 -36.37 0.02
C LEU B 367 -43.85 -36.96 -1.37
N LEU B 368 -42.85 -36.75 -2.23
CA LEU B 368 -42.93 -37.14 -3.62
C LEU B 368 -41.80 -38.08 -3.96
N GLN B 369 -41.98 -38.86 -5.03
CA GLN B 369 -40.91 -39.68 -5.58
C GLN B 369 -41.00 -39.65 -7.09
N GLN B 370 -40.01 -40.28 -7.72
CA GLN B 370 -39.89 -40.24 -9.18
C GLN B 370 -40.90 -41.16 -9.85
N LYS B 371 -41.38 -40.74 -11.01
CA LYS B 371 -42.18 -41.61 -11.86
C LYS B 371 -41.27 -42.62 -12.57
N LEU B 372 -41.88 -43.58 -13.24
CA LEU B 372 -41.17 -44.55 -14.06
C LEU B 372 -41.39 -44.20 -15.52
N LEU B 373 -40.66 -44.88 -16.41
CA LEU B 373 -40.71 -44.60 -17.85
C LEU B 373 -42.10 -44.80 -18.45
N GLN B 374 -42.86 -45.76 -17.92
CA GLN B 374 -44.23 -45.95 -18.38
C GLN B 374 -45.12 -44.82 -17.89
N GLU B 375 -44.73 -44.17 -16.80
CA GLU B 375 -45.52 -43.10 -16.21
C GLU B 375 -45.00 -41.72 -16.60
N ALA B 376 -43.73 -41.61 -17.00
CA ALA B 376 -43.13 -40.28 -17.18
C ALA B 376 -43.45 -39.67 -18.53
N TYR B 377 -44.06 -40.42 -19.46
CA TYR B 377 -44.42 -39.90 -20.78
C TYR B 377 -45.82 -40.40 -21.12
N MET B 378 -46.85 -39.67 -20.67
CA MET B 378 -48.22 -40.05 -20.93
C MET B 378 -49.09 -38.86 -21.33
N THR B 379 -48.63 -37.64 -21.08
CA THR B 379 -49.40 -36.43 -21.31
C THR B 379 -48.68 -35.62 -22.38
N PRO B 380 -49.39 -34.72 -23.08
CA PRO B 380 -48.70 -33.89 -24.08
C PRO B 380 -47.65 -32.94 -23.52
N LYS B 381 -47.72 -32.60 -22.22
CA LYS B 381 -46.67 -31.78 -21.64
C LYS B 381 -45.38 -32.57 -21.45
N ASP B 382 -45.49 -33.90 -21.36
CA ASP B 382 -44.29 -34.73 -21.28
C ASP B 382 -43.61 -34.84 -22.63
N ASP B 383 -44.38 -34.74 -23.71
CA ASP B 383 -43.81 -34.80 -25.05
C ASP B 383 -43.04 -33.53 -25.38
N ILE B 384 -43.49 -32.39 -24.83
CA ILE B 384 -42.76 -31.15 -24.99
C ILE B 384 -41.45 -31.18 -24.22
N ARG B 385 -41.47 -31.79 -23.03
CA ARG B 385 -40.25 -31.96 -22.25
C ARG B 385 -39.30 -32.95 -22.93
N LEU B 386 -39.85 -33.93 -23.64
CA LEU B 386 -39.02 -34.93 -24.30
C LEU B 386 -38.16 -34.32 -25.40
N VAL B 387 -38.68 -33.30 -26.07
CA VAL B 387 -37.90 -32.58 -27.06
C VAL B 387 -36.75 -31.83 -26.40
N GLY B 388 -37.04 -31.21 -25.25
CA GLY B 388 -36.01 -30.47 -24.54
C GLY B 388 -34.96 -31.36 -23.90
N GLU B 389 -35.36 -32.58 -23.53
CA GLU B 389 -34.39 -33.53 -22.96
C GLU B 389 -33.47 -34.07 -24.04
N LEU B 390 -33.99 -34.27 -25.26
CA LEU B 390 -33.15 -34.77 -26.34
C LEU B 390 -32.15 -33.73 -26.82
N VAL B 391 -32.54 -32.45 -26.79
CA VAL B 391 -31.62 -31.36 -27.10
C VAL B 391 -30.48 -31.32 -26.09
N THR B 392 -30.79 -31.67 -24.84
CA THR B 392 -29.79 -31.69 -23.77
C THR B 392 -28.81 -32.85 -23.97
N VAL B 393 -29.32 -34.02 -24.33
CA VAL B 393 -28.47 -35.20 -24.49
C VAL B 393 -27.58 -35.06 -25.72
N ILE B 394 -28.14 -34.57 -26.83
CA ILE B 394 -27.37 -34.34 -28.06
C ILE B 394 -26.30 -33.29 -27.83
N GLY B 395 -26.63 -32.24 -27.07
CA GLY B 395 -25.67 -31.19 -26.80
C GLY B 395 -24.54 -31.63 -25.89
N ALA B 396 -24.74 -32.73 -25.16
CA ALA B 396 -23.68 -33.25 -24.30
C ALA B 396 -22.78 -34.23 -25.05
N ILE B 397 -23.30 -34.82 -26.13
CA ILE B 397 -22.48 -35.70 -26.96
C ILE B 397 -21.54 -34.87 -27.83
N ILE B 398 -22.03 -33.73 -28.33
CA ILE B 398 -21.20 -32.84 -29.14
C ILE B 398 -20.06 -32.25 -28.31
N ILE B 399 -20.29 -32.05 -27.01
CA ILE B 399 -19.19 -31.68 -26.11
C ILE B 399 -18.16 -32.79 -26.04
N LEU B 400 -18.61 -34.03 -25.94
CA LEU B 400 -17.66 -35.13 -25.88
C LEU B 400 -17.11 -35.52 -27.26
N LEU B 401 -17.46 -34.86 -28.35
CA LEU B 401 -16.84 -35.15 -29.63
C LEU B 401 -15.89 -34.08 -30.12
N VAL B 402 -15.90 -32.88 -29.52
CA VAL B 402 -15.02 -31.80 -29.97
C VAL B 402 -13.99 -31.51 -28.89
N GLU B 403 -14.05 -32.25 -27.78
CA GLU B 403 -13.17 -31.97 -26.66
C GLU B 403 -12.42 -33.23 -26.23
N VAL B 404 -13.04 -34.39 -26.38
CA VAL B 404 -12.40 -35.65 -26.03
C VAL B 404 -11.42 -36.08 -27.14
N PRO B 405 -11.71 -35.94 -28.47
CA PRO B 405 -10.61 -36.07 -29.43
C PRO B 405 -9.76 -34.80 -29.58
N ASP B 406 -9.41 -34.17 -28.46
CA ASP B 406 -8.53 -33.01 -28.43
C ASP B 406 -7.58 -33.20 -27.26
N ILE B 407 -7.94 -34.11 -26.35
CA ILE B 407 -7.15 -34.43 -25.17
C ILE B 407 -6.59 -35.84 -25.24
N PHE B 408 -6.81 -36.56 -26.33
CA PHE B 408 -6.19 -37.86 -26.56
C PHE B 408 -5.14 -37.83 -27.65
N ARG B 409 -5.33 -37.05 -28.71
CA ARG B 409 -4.29 -36.87 -29.70
C ARG B 409 -3.30 -35.83 -29.22
N MET B 410 -3.78 -34.61 -28.98
CA MET B 410 -2.93 -33.55 -28.43
C MET B 410 -2.87 -33.65 -26.91
N GLY B 411 -1.74 -34.09 -26.39
CA GLY B 411 -1.58 -34.18 -24.95
C GLY B 411 -2.43 -35.25 -24.32
N VAL B 412 -2.02 -36.52 -24.50
CA VAL B 412 -2.74 -37.74 -24.14
C VAL B 412 -3.26 -37.74 -22.71
N THR B 413 -2.38 -37.53 -21.75
CA THR B 413 -2.80 -37.41 -20.35
C THR B 413 -2.04 -36.23 -19.75
N ARG B 414 -1.03 -35.75 -20.47
CA ARG B 414 -0.15 -34.70 -19.93
C ARG B 414 -0.80 -33.34 -20.03
N PHE B 415 -1.09 -32.87 -21.26
CA PHE B 415 -1.72 -31.58 -21.46
C PHE B 415 -3.20 -31.57 -21.05
N PHE B 416 -3.77 -32.75 -20.76
CA PHE B 416 -5.04 -32.82 -20.05
C PHE B 416 -4.90 -32.29 -18.62
N GLY B 417 -3.69 -32.34 -18.06
CA GLY B 417 -3.45 -31.76 -16.75
C GLY B 417 -2.52 -30.55 -16.79
N GLN B 418 -1.76 -30.41 -17.88
CA GLN B 418 -0.75 -29.37 -17.95
C GLN B 418 -1.37 -28.03 -18.34
N THR B 419 -2.35 -28.06 -19.25
CA THR B 419 -2.99 -26.83 -19.71
C THR B 419 -4.10 -26.33 -18.77
N ILE B 420 -4.23 -26.93 -17.58
CA ILE B 420 -5.32 -26.55 -16.68
C ILE B 420 -4.99 -25.23 -15.98
N LEU B 421 -3.69 -24.91 -15.90
CA LEU B 421 -3.28 -23.60 -15.42
C LEU B 421 -3.73 -22.49 -16.38
N GLY B 422 -3.81 -22.81 -17.68
CA GLY B 422 -4.40 -21.88 -18.62
C GLY B 422 -5.90 -21.80 -18.49
N GLY B 423 -6.56 -22.95 -18.42
CA GLY B 423 -8.00 -22.99 -18.25
C GLY B 423 -8.51 -24.24 -17.56
N PRO B 424 -9.26 -24.04 -16.47
CA PRO B 424 -9.93 -25.18 -15.82
C PRO B 424 -11.28 -25.51 -16.44
N PHE B 425 -11.78 -24.68 -17.36
CA PHE B 425 -13.11 -24.88 -17.91
C PHE B 425 -13.19 -26.05 -18.88
N HIS B 426 -12.05 -26.62 -19.28
CA HIS B 426 -12.07 -27.90 -19.99
C HIS B 426 -12.58 -29.03 -19.10
N VAL B 427 -12.17 -29.02 -17.84
CA VAL B 427 -12.54 -30.10 -16.93
C VAL B 427 -14.03 -29.99 -16.58
N LEU B 428 -14.51 -28.77 -16.41
CA LEU B 428 -15.87 -28.56 -15.93
C LEU B 428 -16.91 -28.84 -17.00
N ILE B 429 -16.52 -28.72 -18.28
CA ILE B 429 -17.51 -28.94 -19.33
C ILE B 429 -17.54 -30.40 -19.73
N ILE B 430 -16.45 -31.14 -19.48
CA ILE B 430 -16.47 -32.58 -19.69
C ILE B 430 -17.19 -33.26 -18.53
N THR B 431 -17.00 -32.75 -17.31
CA THR B 431 -17.65 -33.33 -16.15
C THR B 431 -19.15 -33.03 -16.19
N TYR B 432 -19.53 -31.88 -16.74
CA TYR B 432 -20.93 -31.60 -17.03
C TYR B 432 -21.51 -32.59 -18.03
N ALA B 433 -20.72 -32.95 -19.05
CA ALA B 433 -21.25 -33.78 -20.13
C ALA B 433 -21.41 -35.23 -19.70
N PHE B 434 -20.67 -35.66 -18.68
CA PHE B 434 -20.89 -37.00 -18.14
C PHE B 434 -22.13 -37.04 -17.26
N MET B 435 -22.35 -35.99 -16.48
CA MET B 435 -23.47 -35.98 -15.52
C MET B 435 -24.81 -35.95 -16.22
N VAL B 436 -24.85 -35.40 -17.44
CA VAL B 436 -26.08 -35.47 -18.24
C VAL B 436 -26.29 -36.89 -18.74
N LEU B 437 -25.21 -37.58 -19.06
CA LEU B 437 -25.33 -38.94 -19.56
C LEU B 437 -25.53 -39.94 -18.43
N VAL B 438 -25.00 -39.64 -17.24
CA VAL B 438 -25.32 -40.46 -16.05
C VAL B 438 -26.80 -40.32 -15.73
N THR B 439 -27.36 -39.13 -15.89
CA THR B 439 -28.77 -38.90 -15.64
C THR B 439 -29.63 -39.61 -16.68
N MET B 440 -29.12 -39.71 -17.92
CA MET B 440 -29.85 -40.39 -18.97
C MET B 440 -29.94 -41.90 -18.72
N VAL B 441 -28.82 -42.50 -18.30
CA VAL B 441 -28.77 -43.94 -18.05
C VAL B 441 -29.69 -44.30 -16.88
N MET B 442 -29.73 -43.45 -15.86
CA MET B 442 -30.61 -43.70 -14.71
C MET B 442 -32.08 -43.52 -15.09
N ARG B 443 -32.35 -42.71 -16.11
CA ARG B 443 -33.72 -42.55 -16.57
C ARG B 443 -34.18 -43.78 -17.34
N LEU B 444 -33.27 -44.41 -18.10
CA LEU B 444 -33.64 -45.60 -18.86
C LEU B 444 -33.79 -46.82 -17.97
N ILE B 445 -32.89 -47.00 -16.99
CA ILE B 445 -32.99 -48.16 -16.11
C ILE B 445 -33.90 -47.90 -14.91
N SER B 446 -34.53 -46.72 -14.85
CA SER B 446 -35.46 -46.31 -13.78
C SER B 446 -34.80 -46.35 -12.41
N ALA B 447 -33.56 -45.88 -12.32
CA ALA B 447 -32.87 -45.85 -11.04
C ALA B 447 -33.35 -44.67 -10.21
N SER B 448 -33.18 -44.79 -8.90
CA SER B 448 -33.60 -43.77 -7.96
C SER B 448 -32.40 -42.89 -7.60
N GLY B 449 -32.64 -41.59 -7.48
CA GLY B 449 -31.59 -40.68 -7.09
C GLY B 449 -31.02 -39.89 -8.25
N GLU B 450 -31.89 -39.45 -9.16
CA GLU B 450 -31.46 -38.59 -10.26
C GLU B 450 -31.11 -37.19 -9.79
N VAL B 451 -31.49 -36.83 -8.56
CA VAL B 451 -31.22 -35.49 -8.05
C VAL B 451 -29.73 -35.32 -7.79
N VAL B 452 -29.01 -36.42 -7.60
CA VAL B 452 -27.57 -36.34 -7.34
C VAL B 452 -26.80 -36.02 -8.63
N PRO B 453 -27.00 -36.69 -9.80
CA PRO B 453 -26.26 -36.23 -10.98
C PRO B 453 -26.77 -34.93 -11.57
N MET B 454 -28.05 -34.60 -11.37
CA MET B 454 -28.57 -33.33 -11.86
C MET B 454 -27.97 -32.16 -11.10
N SER B 455 -27.78 -32.29 -9.79
CA SER B 455 -27.33 -31.17 -8.96
C SER B 455 -25.90 -30.78 -9.30
N PHE B 456 -25.06 -31.76 -9.64
CA PHE B 456 -23.74 -31.44 -10.15
C PHE B 456 -23.84 -30.77 -11.51
N ALA B 457 -24.80 -31.20 -12.32
CA ALA B 457 -24.87 -30.71 -13.70
C ALA B 457 -25.47 -29.31 -13.76
N LEU B 458 -26.36 -28.97 -12.83
CA LEU B 458 -26.89 -27.61 -12.78
C LEU B 458 -25.83 -26.62 -12.34
N VAL B 459 -25.00 -27.00 -11.38
CA VAL B 459 -23.98 -26.09 -10.87
C VAL B 459 -22.85 -25.95 -11.87
N LEU B 460 -22.42 -27.07 -12.45
CA LEU B 460 -21.35 -27.04 -13.45
C LEU B 460 -21.85 -26.47 -14.77
N GLY B 461 -23.16 -26.54 -15.01
CA GLY B 461 -23.70 -25.95 -16.23
C GLY B 461 -23.72 -24.44 -16.19
N TRP B 462 -24.06 -23.87 -15.05
CA TRP B 462 -24.18 -22.41 -14.95
C TRP B 462 -22.85 -21.75 -14.61
N CYS B 463 -21.93 -22.46 -13.97
CA CYS B 463 -20.65 -21.84 -13.67
C CYS B 463 -19.74 -21.80 -14.89
N ASN B 464 -20.06 -22.57 -15.93
CA ASN B 464 -19.31 -22.50 -17.18
C ASN B 464 -19.70 -21.31 -18.03
N VAL B 465 -20.75 -20.59 -17.64
CA VAL B 465 -21.14 -19.39 -18.34
C VAL B 465 -20.12 -18.28 -18.07
N MET B 466 -19.41 -18.39 -16.95
CA MET B 466 -18.42 -17.41 -16.50
C MET B 466 -17.17 -17.47 -17.38
N TYR B 467 -17.02 -18.54 -18.16
CA TYR B 467 -15.98 -18.63 -19.18
C TYR B 467 -16.10 -17.52 -20.22
N PHE B 468 -17.33 -17.14 -20.58
CA PHE B 468 -17.54 -16.23 -21.70
C PHE B 468 -17.42 -14.79 -21.26
N ALA B 469 -17.10 -14.56 -19.99
CA ALA B 469 -16.86 -13.22 -19.46
C ALA B 469 -15.54 -12.63 -19.95
N ARG B 470 -14.65 -13.43 -20.51
CA ARG B 470 -13.37 -12.91 -20.98
C ARG B 470 -13.48 -12.16 -22.30
N GLY B 471 -14.55 -12.36 -23.06
CA GLY B 471 -14.70 -11.69 -24.32
C GLY B 471 -15.26 -10.30 -24.27
N PHE B 472 -15.29 -9.68 -23.10
CA PHE B 472 -15.82 -8.34 -22.92
C PHE B 472 -14.80 -7.48 -22.19
N GLN B 473 -14.66 -6.25 -22.62
CA GLN B 473 -13.68 -5.36 -21.99
C GLN B 473 -14.21 -4.81 -20.67
N MET B 474 -15.52 -4.78 -20.51
CA MET B 474 -16.10 -4.35 -19.24
C MET B 474 -15.92 -5.40 -18.15
N LEU B 475 -16.07 -6.67 -18.49
CA LEU B 475 -16.00 -7.75 -17.52
C LEU B 475 -14.62 -8.39 -17.42
N GLY B 476 -13.86 -8.40 -18.51
CA GLY B 476 -12.63 -9.15 -18.64
C GLY B 476 -11.54 -8.89 -17.63
N PRO B 477 -11.03 -7.65 -17.56
CA PRO B 477 -9.97 -7.37 -16.57
C PRO B 477 -10.45 -7.45 -15.12
N PHE B 478 -11.73 -7.21 -14.87
CA PHE B 478 -12.23 -7.32 -13.49
C PHE B 478 -12.42 -8.77 -13.09
N THR B 479 -12.76 -9.64 -14.06
CA THR B 479 -12.93 -11.06 -13.75
C THR B 479 -11.58 -11.71 -13.44
N ILE B 480 -10.50 -11.20 -14.04
CA ILE B 480 -9.14 -11.67 -13.75
C ILE B 480 -8.82 -11.47 -12.28
N MET B 481 -9.22 -10.33 -11.71
CA MET B 481 -8.92 -10.06 -10.31
C MET B 481 -9.81 -10.86 -9.37
N ILE B 482 -11.08 -11.06 -9.75
CA ILE B 482 -11.99 -11.84 -8.92
C ILE B 482 -11.66 -13.32 -8.92
N GLN B 483 -11.42 -13.92 -10.09
CA GLN B 483 -11.10 -15.33 -10.20
C GLN B 483 -9.77 -15.71 -9.58
N LYS B 484 -8.85 -14.78 -9.44
CA LYS B 484 -7.50 -15.08 -8.98
C LYS B 484 -7.51 -15.47 -7.51
N MET B 485 -7.38 -16.76 -7.25
CA MET B 485 -7.26 -17.30 -5.91
C MET B 485 -5.90 -17.96 -5.79
N ILE B 486 -5.34 -17.94 -4.58
CA ILE B 486 -3.97 -18.36 -4.37
C ILE B 486 -3.96 -19.73 -3.68
N PHE B 487 -3.25 -20.68 -4.28
CA PHE B 487 -3.25 -22.04 -3.77
C PHE B 487 -2.14 -22.25 -2.74
N GLY B 488 -1.47 -21.18 -2.34
CA GLY B 488 -0.45 -21.27 -1.33
C GLY B 488 -1.00 -20.92 0.04
N ASP B 489 -2.03 -20.09 0.06
CA ASP B 489 -2.64 -19.65 1.31
C ASP B 489 -4.06 -20.18 1.50
N LEU B 490 -4.79 -20.47 0.42
CA LEU B 490 -6.12 -21.01 0.58
C LEU B 490 -6.08 -22.52 0.84
N MET B 491 -5.06 -23.21 0.36
CA MET B 491 -4.84 -24.58 0.80
C MET B 491 -4.40 -24.62 2.25
N ARG B 492 -3.72 -23.58 2.71
CA ARG B 492 -3.39 -23.47 4.13
C ARG B 492 -4.63 -23.18 4.95
N PHE B 493 -5.52 -22.32 4.42
CA PHE B 493 -6.73 -21.97 5.16
C PHE B 493 -7.69 -23.14 5.24
N CYS B 494 -7.74 -23.99 4.21
CA CYS B 494 -8.68 -25.11 4.21
C CYS B 494 -8.23 -26.20 5.16
N TRP B 495 -6.92 -26.35 5.34
CA TRP B 495 -6.42 -27.34 6.30
C TRP B 495 -6.64 -26.89 7.73
N LEU B 496 -6.37 -25.61 8.01
CA LEU B 496 -6.53 -25.10 9.37
C LEU B 496 -8.01 -24.96 9.75
N MET B 497 -8.87 -24.71 8.76
CA MET B 497 -10.31 -24.72 9.00
C MET B 497 -10.79 -26.11 9.38
N ALA B 498 -10.25 -27.14 8.73
CA ALA B 498 -10.67 -28.51 9.02
C ALA B 498 -10.16 -28.98 10.38
N VAL B 499 -9.05 -28.39 10.84
CA VAL B 499 -8.51 -28.76 12.15
C VAL B 499 -9.35 -28.16 13.27
N VAL B 500 -9.86 -26.93 13.07
CA VAL B 500 -10.74 -26.30 14.05
C VAL B 500 -12.07 -27.03 14.11
N ILE B 501 -12.58 -27.46 12.97
CA ILE B 501 -13.91 -28.06 12.91
C ILE B 501 -13.89 -29.46 13.53
N LEU B 502 -12.84 -30.25 13.27
CA LEU B 502 -12.74 -31.57 13.88
C LEU B 502 -12.46 -31.46 15.38
N GLY B 503 -11.84 -30.37 15.81
CA GLY B 503 -11.51 -30.23 17.21
C GLY B 503 -12.65 -29.66 18.03
N PHE B 504 -13.41 -28.74 17.46
CA PHE B 504 -14.48 -28.11 18.20
C PHE B 504 -15.82 -28.81 18.04
N ALA B 505 -16.05 -29.53 16.93
CA ALA B 505 -17.27 -30.33 16.86
C ALA B 505 -17.19 -31.52 17.78
N SER B 506 -15.99 -32.03 18.02
CA SER B 506 -15.81 -33.09 18.98
C SER B 506 -16.06 -32.58 20.40
N ALA B 507 -15.66 -31.34 20.67
CA ALA B 507 -15.92 -30.75 21.98
C ALA B 507 -17.40 -30.44 22.15
N PHE B 508 -18.03 -29.86 21.14
CA PHE B 508 -19.45 -29.53 21.18
C PHE B 508 -20.32 -30.78 21.25
N TYR B 509 -19.84 -31.90 20.71
CA TYR B 509 -20.62 -33.14 20.73
C TYR B 509 -20.69 -33.72 22.14
N ILE B 510 -19.57 -33.68 22.88
CA ILE B 510 -19.56 -34.35 24.18
C ILE B 510 -20.12 -33.43 25.26
N ILE B 511 -20.17 -32.12 25.01
CA ILE B 511 -20.82 -31.21 25.94
C ILE B 511 -22.33 -31.41 25.91
N PHE B 512 -22.91 -31.51 24.71
CA PHE B 512 -24.34 -31.73 24.58
C PHE B 512 -24.72 -33.19 24.44
N GLN B 513 -23.83 -34.11 24.81
CA GLN B 513 -24.11 -35.53 24.63
C GLN B 513 -25.09 -36.04 25.67
N THR B 514 -25.14 -35.40 26.84
CA THR B 514 -26.04 -35.78 27.90
C THR B 514 -27.30 -34.96 27.94
N GLU B 515 -27.48 -34.03 27.02
CA GLU B 515 -28.57 -33.07 27.08
C GLU B 515 -29.72 -33.50 26.17
N ASP B 516 -30.85 -32.86 26.34
CA ASP B 516 -32.04 -33.16 25.57
C ASP B 516 -31.96 -32.45 24.21
N PRO B 517 -32.02 -33.18 23.09
CA PRO B 517 -31.80 -32.54 21.79
C PRO B 517 -33.03 -31.90 21.16
N GLU B 518 -34.23 -32.05 21.74
CA GLU B 518 -35.39 -31.37 21.16
C GLU B 518 -35.35 -29.87 21.42
N GLU B 519 -34.66 -29.43 22.47
CA GLU B 519 -34.45 -28.02 22.72
C GLU B 519 -33.38 -27.45 21.80
N LEU B 520 -32.17 -27.98 21.89
CA LEU B 520 -31.04 -27.54 21.09
C LEU B 520 -30.49 -28.76 20.37
N GLY B 521 -30.71 -28.84 19.05
CA GLY B 521 -30.41 -30.06 18.33
C GLY B 521 -29.31 -29.91 17.30
N HIS B 522 -28.43 -28.93 17.52
CA HIS B 522 -27.34 -28.62 16.61
C HIS B 522 -26.28 -29.70 16.56
N PHE B 523 -26.16 -30.54 17.59
CA PHE B 523 -25.06 -31.47 17.71
C PHE B 523 -25.58 -32.84 18.12
N TYR B 524 -26.72 -33.27 17.56
CA TYR B 524 -27.40 -34.44 18.11
C TYR B 524 -26.68 -35.74 17.76
N ASP B 525 -26.12 -35.84 16.56
CA ASP B 525 -25.15 -36.88 16.25
C ASP B 525 -23.88 -36.24 15.71
N TYR B 526 -22.87 -37.06 15.50
CA TYR B 526 -21.55 -36.52 15.17
C TYR B 526 -21.42 -35.96 13.75
N PRO B 527 -22.06 -36.50 12.69
CA PRO B 527 -22.00 -35.78 11.41
C PRO B 527 -22.71 -34.43 11.39
N MET B 528 -23.79 -34.26 12.15
CA MET B 528 -24.45 -32.95 12.21
C MET B 528 -23.61 -31.95 12.98
N ALA B 529 -22.87 -32.41 14.00
CA ALA B 529 -21.99 -31.54 14.74
C ALA B 529 -20.83 -31.06 13.87
N LEU B 530 -20.41 -31.90 12.92
CA LEU B 530 -19.40 -31.50 11.93
C LEU B 530 -19.95 -30.45 10.99
N PHE B 531 -21.25 -30.52 10.69
CA PHE B 531 -21.84 -29.58 9.75
C PHE B 531 -22.28 -28.30 10.45
N SER B 532 -22.64 -28.40 11.73
CA SER B 532 -23.02 -27.22 12.48
C SER B 532 -21.81 -26.37 12.82
N THR B 533 -20.69 -27.00 13.16
CA THR B 533 -19.47 -26.27 13.49
C THR B 533 -18.85 -25.66 12.25
N PHE B 534 -19.05 -26.29 11.09
CA PHE B 534 -18.66 -25.70 9.82
C PHE B 534 -19.45 -24.43 9.55
N GLU B 535 -20.74 -24.45 9.81
CA GLU B 535 -21.59 -23.29 9.56
C GLU B 535 -21.33 -22.18 10.56
N LEU B 536 -21.10 -22.52 11.84
CA LEU B 536 -20.76 -21.53 12.85
C LEU B 536 -19.39 -20.90 12.62
N PHE B 537 -18.47 -21.61 11.97
CA PHE B 537 -17.16 -21.06 11.66
C PHE B 537 -17.28 -19.94 10.65
N LEU B 538 -18.15 -20.11 9.66
CA LEU B 538 -18.36 -19.13 8.60
C LEU B 538 -19.40 -18.09 8.96
N THR B 539 -19.99 -18.18 10.16
CA THR B 539 -21.03 -17.32 10.70
C THR B 539 -22.23 -17.25 9.77
N ILE B 540 -22.68 -18.40 9.29
CA ILE B 540 -23.83 -18.46 8.38
C ILE B 540 -25.04 -19.09 9.03
N ILE B 541 -24.93 -19.59 10.26
CA ILE B 541 -26.06 -19.84 11.14
C ILE B 541 -25.73 -19.19 12.47
N ASP B 542 -26.75 -18.90 13.26
CA ASP B 542 -26.56 -18.24 14.55
C ASP B 542 -26.00 -19.23 15.55
N GLY B 543 -25.33 -18.68 16.58
CA GLY B 543 -24.87 -19.45 17.71
C GLY B 543 -26.04 -20.07 18.44
N PRO B 544 -25.89 -21.32 18.89
CA PRO B 544 -27.00 -22.02 19.54
C PRO B 544 -27.35 -21.40 20.89
N ALA B 545 -28.65 -21.24 21.13
CA ALA B 545 -29.15 -20.65 22.36
C ALA B 545 -30.59 -21.09 22.56
N ASN B 546 -31.00 -21.23 23.81
CA ASN B 546 -32.40 -21.50 24.09
C ASN B 546 -33.00 -20.42 24.96
N TYR B 547 -32.33 -20.14 26.09
CA TYR B 547 -32.65 -19.19 27.16
C TYR B 547 -33.80 -19.64 28.04
N ASN B 548 -34.49 -20.71 27.66
CA ASN B 548 -35.56 -21.27 28.47
C ASN B 548 -35.10 -22.47 29.28
N VAL B 549 -33.80 -22.76 29.26
CA VAL B 549 -33.25 -23.95 29.89
C VAL B 549 -31.79 -23.66 30.16
N ASP B 550 -31.21 -24.41 31.11
CA ASP B 550 -29.83 -24.21 31.49
C ASP B 550 -28.92 -24.99 30.55
N LEU B 551 -28.14 -24.28 29.75
CA LEU B 551 -27.13 -24.90 28.93
C LEU B 551 -25.94 -25.31 29.81
N PRO B 552 -25.16 -26.30 29.39
CA PRO B 552 -23.97 -26.68 30.17
C PRO B 552 -22.96 -25.56 30.22
N PHE B 553 -22.19 -25.54 31.32
CA PHE B 553 -21.27 -24.43 31.56
C PHE B 553 -20.10 -24.44 30.59
N MET B 554 -19.70 -25.61 30.10
CA MET B 554 -18.56 -25.68 29.20
C MET B 554 -18.93 -25.23 27.79
N TYR B 555 -20.21 -25.05 27.51
CA TYR B 555 -20.62 -24.53 26.21
C TYR B 555 -20.20 -23.08 26.03
N SER B 556 -20.37 -22.26 27.07
CA SER B 556 -20.04 -20.85 26.97
C SER B 556 -18.54 -20.62 26.87
N ILE B 557 -17.77 -21.45 27.57
CA ILE B 557 -16.31 -21.32 27.55
C ILE B 557 -15.76 -21.76 26.20
N THR B 558 -16.31 -22.83 25.64
CA THR B 558 -15.80 -23.38 24.39
C THR B 558 -16.21 -22.53 23.20
N TYR B 559 -17.44 -22.02 23.20
CA TYR B 559 -17.93 -21.28 22.04
C TYR B 559 -17.33 -19.88 21.98
N ALA B 560 -16.98 -19.31 23.14
CA ALA B 560 -16.26 -18.03 23.13
C ALA B 560 -14.84 -18.21 22.64
N ALA B 561 -14.21 -19.34 22.97
CA ALA B 561 -12.91 -19.66 22.43
C ALA B 561 -12.98 -19.96 20.95
N PHE B 562 -14.07 -20.61 20.53
CA PHE B 562 -14.24 -20.97 19.12
C PHE B 562 -14.45 -19.73 18.25
N ALA B 563 -15.16 -18.73 18.77
CA ALA B 563 -15.51 -17.56 17.97
C ALA B 563 -14.32 -16.63 17.78
N ILE B 564 -13.36 -16.68 18.70
CA ILE B 564 -12.16 -15.87 18.57
C ILE B 564 -11.17 -16.55 17.62
N ILE B 565 -11.15 -17.88 17.62
CA ILE B 565 -10.34 -18.62 16.65
C ILE B 565 -10.89 -18.44 15.24
N ALA B 566 -12.21 -18.44 15.10
CA ALA B 566 -12.82 -18.28 13.78
C ALA B 566 -12.65 -16.87 13.25
N THR B 567 -12.55 -15.89 14.15
CA THR B 567 -12.30 -14.51 13.74
C THR B 567 -10.85 -14.34 13.30
N LEU B 568 -9.92 -14.98 14.02
CA LEU B 568 -8.49 -14.87 13.71
C LEU B 568 -8.16 -15.51 12.36
N LEU B 569 -8.81 -16.62 12.04
CA LEU B 569 -8.47 -17.32 10.81
C LEU B 569 -9.04 -16.64 9.58
N MET B 570 -10.03 -15.76 9.77
CA MET B 570 -10.49 -14.92 8.67
C MET B 570 -9.55 -13.73 8.48
N LEU B 571 -9.04 -13.18 9.58
CA LEU B 571 -8.10 -12.07 9.51
C LEU B 571 -6.75 -12.52 8.97
N ASN B 572 -6.38 -13.77 9.19
CA ASN B 572 -5.20 -14.33 8.55
C ASN B 572 -5.40 -14.49 7.06
N LEU B 573 -6.66 -14.69 6.64
CA LEU B 573 -6.94 -14.94 5.23
C LEU B 573 -6.98 -13.63 4.43
N LEU B 574 -7.50 -12.56 5.05
CA LEU B 574 -7.51 -11.26 4.38
C LEU B 574 -6.11 -10.69 4.23
N ILE B 575 -5.29 -10.77 5.28
CA ILE B 575 -3.91 -10.28 5.23
C ILE B 575 -3.09 -11.10 4.23
N ALA B 576 -3.38 -12.39 4.09
CA ALA B 576 -2.69 -13.21 3.10
C ALA B 576 -3.11 -12.83 1.68
N MET B 577 -4.34 -12.34 1.50
CA MET B 577 -4.80 -11.93 0.18
C MET B 577 -4.37 -10.53 -0.20
N MET B 578 -3.67 -9.81 0.67
CA MET B 578 -3.24 -8.44 0.38
C MET B 578 -1.74 -8.36 0.14
N GLY B 579 -1.12 -9.44 -0.29
CA GLY B 579 0.32 -9.40 -0.44
C GLY B 579 0.93 -10.20 -1.57
N ASP B 580 1.65 -9.49 -2.44
CA ASP B 580 2.68 -10.01 -3.34
C ASP B 580 2.20 -10.93 -4.46
N THR B 581 0.92 -11.29 -4.47
CA THR B 581 0.36 -11.95 -5.64
C THR B 581 -0.81 -11.14 -6.18
N HIS B 582 -1.69 -10.71 -5.28
CA HIS B 582 -2.79 -9.84 -5.67
C HIS B 582 -2.29 -8.44 -5.95
N TRP B 583 -1.14 -8.08 -5.40
CA TRP B 583 -0.47 -6.84 -5.79
C TRP B 583 0.11 -6.96 -7.19
N ARG B 584 0.44 -8.19 -7.59
CA ARG B 584 0.98 -8.42 -8.92
C ARG B 584 -0.13 -8.42 -9.97
N VAL B 585 -1.27 -9.05 -9.65
CA VAL B 585 -2.40 -9.11 -10.57
C VAL B 585 -3.04 -7.75 -10.74
N ALA B 586 -2.99 -6.90 -9.72
CA ALA B 586 -3.59 -5.57 -9.81
C ALA B 586 -2.82 -4.65 -10.76
N HIS B 587 -1.56 -4.96 -11.03
CA HIS B 587 -0.76 -4.20 -11.98
C HIS B 587 -0.66 -4.88 -13.33
N GLU B 588 -1.23 -6.08 -13.50
CA GLU B 588 -1.05 -6.89 -14.70
C GLU B 588 -2.35 -7.36 -15.32
N ARG B 589 -3.50 -6.81 -14.92
CA ARG B 589 -4.77 -7.39 -15.35
C ARG B 589 -5.06 -7.10 -16.81
N ASP B 590 -4.50 -6.02 -17.34
CA ASP B 590 -4.65 -5.75 -18.77
C ASP B 590 -3.73 -6.65 -19.59
N GLU B 591 -2.57 -6.99 -19.02
CA GLU B 591 -1.68 -7.94 -19.68
C GLU B 591 -2.24 -9.34 -19.63
N LEU B 592 -2.87 -9.71 -18.50
CA LEU B 592 -3.40 -11.05 -18.34
C LEU B 592 -4.68 -11.25 -19.14
N TRP B 593 -5.43 -10.17 -19.39
CA TRP B 593 -6.64 -10.30 -20.18
C TRP B 593 -6.31 -10.42 -21.66
N ARG B 594 -5.29 -9.70 -22.13
CA ARG B 594 -4.92 -9.78 -23.54
C ARG B 594 -4.25 -11.10 -23.88
N ALA B 595 -3.81 -11.85 -22.86
CA ALA B 595 -3.27 -13.18 -23.11
C ALA B 595 -4.38 -14.23 -23.11
N GLN B 596 -5.54 -13.90 -22.56
CA GLN B 596 -6.69 -14.80 -22.70
C GLN B 596 -7.36 -14.62 -24.04
N ILE B 597 -7.21 -13.44 -24.65
CA ILE B 597 -7.73 -13.20 -25.99
C ILE B 597 -6.97 -14.04 -27.01
N VAL B 598 -5.67 -14.26 -26.78
CA VAL B 598 -4.85 -15.04 -27.70
C VAL B 598 -5.22 -16.51 -27.62
N ALA B 599 -5.39 -17.03 -26.40
CA ALA B 599 -5.69 -18.45 -26.22
C ALA B 599 -7.11 -18.77 -26.71
N THR B 600 -8.01 -17.80 -26.65
CA THR B 600 -9.34 -17.98 -27.20
C THR B 600 -9.31 -17.98 -28.72
N THR B 601 -8.53 -17.07 -29.31
CA THR B 601 -8.49 -16.91 -30.76
C THR B 601 -7.78 -18.10 -31.42
N VAL B 602 -6.72 -18.59 -30.79
CA VAL B 602 -5.97 -19.73 -31.30
C VAL B 602 -6.83 -21.00 -31.24
N MET B 603 -7.65 -21.12 -30.19
CA MET B 603 -8.54 -22.27 -30.06
C MET B 603 -9.64 -22.24 -31.10
N LEU B 604 -10.21 -21.05 -31.37
CA LEU B 604 -11.28 -20.94 -32.34
C LEU B 604 -10.78 -21.15 -33.75
N GLU B 605 -9.52 -20.78 -34.02
CA GLU B 605 -8.99 -20.89 -35.36
C GLU B 605 -8.67 -22.34 -35.72
N ARG B 606 -8.34 -23.16 -34.72
CA ARG B 606 -8.16 -24.58 -34.98
C ARG B 606 -9.49 -25.27 -35.24
N LYS B 607 -10.48 -25.02 -34.39
CA LYS B 607 -11.68 -25.84 -34.38
C LYS B 607 -12.62 -25.45 -35.52
N LEU B 608 -12.77 -24.16 -35.79
CA LEU B 608 -13.59 -23.72 -36.91
C LEU B 608 -12.91 -24.07 -38.23
N PRO B 609 -13.69 -24.37 -39.27
CA PRO B 609 -13.09 -24.69 -40.57
C PRO B 609 -12.50 -23.46 -41.25
N ARG B 610 -11.72 -23.71 -42.30
CA ARG B 610 -10.99 -22.65 -42.98
C ARG B 610 -11.89 -21.80 -43.87
N CYS B 611 -13.13 -22.25 -44.09
CA CYS B 611 -14.10 -21.49 -44.82
C CYS B 611 -14.75 -20.38 -44.01
N LEU B 612 -14.74 -20.48 -42.68
CA LEU B 612 -15.28 -19.46 -41.81
C LEU B 612 -14.22 -18.53 -41.25
N TRP B 613 -12.95 -18.94 -41.30
CA TRP B 613 -11.84 -18.13 -40.77
C TRP B 613 -10.90 -17.79 -41.92
N PRO B 614 -11.00 -16.62 -42.51
CA PRO B 614 -10.05 -16.23 -43.57
C PRO B 614 -8.66 -16.01 -43.00
N ARG B 615 -7.67 -16.35 -43.81
CA ARG B 615 -6.28 -16.25 -43.38
C ARG B 615 -5.86 -14.78 -43.34
N SER B 616 -5.11 -14.44 -42.30
CA SER B 616 -4.82 -13.05 -41.97
C SER B 616 -3.70 -12.50 -42.85
N GLY B 617 -3.56 -11.17 -42.82
CA GLY B 617 -2.57 -10.52 -43.64
C GLY B 617 -3.01 -10.39 -45.08
N ILE B 618 -2.05 -10.07 -45.93
CA ILE B 618 -2.26 -9.89 -47.36
C ILE B 618 -1.29 -10.80 -48.11
N CYS B 619 -1.81 -11.61 -49.02
CA CYS B 619 -0.97 -12.52 -49.79
C CYS B 619 -0.24 -11.74 -50.87
N GLY B 620 1.08 -11.87 -50.89
CA GLY B 620 1.90 -11.14 -51.84
C GLY B 620 2.11 -11.84 -53.17
N ARG B 621 1.15 -12.69 -53.56
CA ARG B 621 1.23 -13.40 -54.83
C ARG B 621 0.97 -12.47 -56.02
N GLU B 622 -0.01 -11.58 -55.90
CA GLU B 622 -0.36 -10.65 -56.95
C GLU B 622 0.32 -9.30 -56.80
N TYR B 623 1.41 -9.23 -56.03
CA TYR B 623 2.18 -7.99 -55.88
C TYR B 623 3.67 -8.22 -56.03
N GLY B 624 4.09 -9.41 -56.45
CA GLY B 624 5.49 -9.71 -56.63
C GLY B 624 6.24 -9.83 -55.32
N LEU B 625 5.77 -10.71 -54.43
CA LEU B 625 6.42 -10.88 -53.13
C LEU B 625 6.55 -12.33 -52.72
N GLY B 626 6.23 -13.29 -53.58
CA GLY B 626 6.21 -14.69 -53.22
C GLY B 626 4.84 -15.11 -52.70
N ASP B 627 4.77 -16.37 -52.28
CA ASP B 627 3.54 -16.89 -51.68
C ASP B 627 3.57 -16.74 -50.15
N ARG B 628 3.82 -15.51 -49.69
CA ARG B 628 3.91 -15.20 -48.29
C ARG B 628 2.85 -14.17 -47.93
N TRP B 629 2.36 -14.26 -46.69
CA TRP B 629 1.27 -13.41 -46.22
C TRP B 629 1.80 -12.26 -45.38
N PHE B 630 1.62 -11.05 -45.89
CA PHE B 630 2.26 -9.87 -45.32
C PHE B 630 1.27 -9.01 -44.57
N LEU B 631 1.71 -8.48 -43.44
CA LEU B 631 0.93 -7.54 -42.63
C LEU B 631 1.54 -6.16 -42.75
N ARG B 632 0.72 -5.17 -43.07
CA ARG B 632 1.16 -3.79 -43.26
C ARG B 632 0.84 -2.98 -42.01
N VAL B 633 1.84 -2.29 -41.47
CA VAL B 633 1.71 -1.52 -40.25
C VAL B 633 2.27 -0.13 -40.52
N GLU B 634 1.47 0.90 -40.28
CA GLU B 634 1.93 2.28 -40.40
C GLU B 634 2.10 2.91 -39.02
N ASP B 635 3.22 3.58 -38.83
CA ASP B 635 3.65 4.01 -37.50
C ASP B 635 4.30 5.38 -37.60
N ARG B 636 4.31 6.10 -36.48
CA ARG B 636 4.92 7.43 -36.40
C ARG B 636 6.08 7.39 -35.41
N GLN B 637 7.27 7.78 -35.90
CA GLN B 637 8.46 7.75 -35.06
C GLN B 637 8.49 8.90 -34.06
N ASP B 638 8.01 10.07 -34.47
CA ASP B 638 8.10 11.41 -33.83
C ASP B 638 9.03 11.63 -32.62
N GLU C 27 -12.13 -1.28 -40.72
CA GLU C 27 -12.35 -2.65 -41.14
C GLU C 27 -12.01 -2.85 -42.62
N SER C 28 -12.98 -2.62 -43.49
CA SER C 28 -12.71 -2.72 -44.93
C SER C 28 -12.01 -1.47 -45.44
N TRP C 29 -12.03 -0.39 -44.65
CA TRP C 29 -11.29 0.80 -45.02
C TRP C 29 -9.79 0.59 -44.87
N ALA C 30 -9.37 -0.07 -43.79
CA ALA C 30 -7.96 -0.39 -43.62
C ALA C 30 -7.52 -1.48 -44.59
N GLN C 31 -8.45 -2.35 -44.98
CA GLN C 31 -8.21 -3.31 -46.05
C GLN C 31 -8.00 -2.61 -47.38
N SER C 32 -8.70 -1.49 -47.58
CA SER C 32 -8.56 -0.73 -48.82
C SER C 32 -7.21 -0.03 -48.90
N ARG C 33 -6.70 0.43 -47.76
CA ARG C 33 -5.39 1.08 -47.75
C ARG C 33 -4.26 0.08 -47.93
N ASP C 34 -4.44 -1.14 -47.43
CA ASP C 34 -3.40 -2.16 -47.57
C ASP C 34 -3.31 -2.64 -49.01
N GLU C 35 -4.46 -2.72 -49.70
CA GLU C 35 -4.43 -3.02 -51.13
C GLU C 35 -3.89 -1.84 -51.94
N GLN C 36 -4.00 -0.63 -51.39
CA GLN C 36 -3.59 0.56 -52.12
C GLN C 36 -2.08 0.76 -52.02
N ASN C 37 -1.50 0.53 -50.84
CA ASN C 37 -0.07 0.77 -50.65
C ASN C 37 0.79 -0.33 -51.26
N LEU C 38 0.22 -1.52 -51.47
CA LEU C 38 0.97 -2.57 -52.14
C LEU C 38 0.83 -2.46 -53.65
N LEU C 39 -0.29 -1.88 -54.12
CA LEU C 39 -0.44 -1.66 -55.55
C LEU C 39 0.43 -0.51 -56.02
N GLN C 40 0.82 0.38 -55.10
CA GLN C 40 1.84 1.38 -55.41
C GLN C 40 3.19 0.71 -55.64
N GLN C 41 3.50 -0.30 -54.84
CA GLN C 41 4.80 -0.96 -54.95
C GLN C 41 4.87 -1.91 -56.14
N LYS C 42 3.73 -2.36 -56.66
CA LYS C 42 3.78 -3.21 -57.84
C LYS C 42 3.92 -2.37 -59.12
N ARG C 43 3.17 -1.27 -59.21
CA ARG C 43 3.22 -0.45 -60.42
C ARG C 43 4.46 0.42 -60.48
N ILE C 44 5.22 0.52 -59.39
CA ILE C 44 6.53 1.16 -59.47
C ILE C 44 7.58 0.16 -59.95
N TRP C 45 7.29 -1.14 -59.86
CA TRP C 45 8.21 -2.17 -60.33
C TRP C 45 7.97 -2.56 -61.77
N GLU C 46 6.71 -2.60 -62.21
CA GLU C 46 6.36 -2.97 -63.58
C GLU C 46 6.38 -1.77 -64.53
N SER C 47 6.92 -0.65 -64.09
CA SER C 47 7.16 0.52 -64.92
C SER C 47 8.59 0.98 -64.69
N PRO C 48 9.44 0.97 -65.72
CA PRO C 48 10.87 1.17 -65.47
C PRO C 48 11.26 2.61 -65.17
N LEU C 49 10.49 3.59 -65.65
CA LEU C 49 10.85 4.99 -65.39
C LEU C 49 10.50 5.36 -63.96
N LEU C 50 9.46 4.73 -63.39
CA LEU C 50 9.18 4.90 -61.97
C LEU C 50 10.22 4.17 -61.13
N LEU C 51 10.75 3.07 -61.65
CA LEU C 51 11.66 2.22 -60.89
C LEU C 51 13.01 2.90 -60.66
N ALA C 52 13.55 3.53 -61.71
CA ALA C 52 14.87 4.15 -61.60
C ALA C 52 14.80 5.42 -60.76
N ALA C 53 13.65 6.10 -60.76
CA ALA C 53 13.47 7.28 -59.91
C ALA C 53 13.42 6.89 -58.44
N LYS C 54 12.91 5.69 -58.16
CA LYS C 54 12.92 5.18 -56.79
C LYS C 54 14.32 4.84 -56.32
N ASP C 55 15.17 4.34 -57.22
CA ASP C 55 16.44 3.72 -56.85
C ASP C 55 17.63 4.66 -57.03
N ASN C 56 17.35 5.92 -57.39
CA ASN C 56 18.33 6.98 -57.64
C ASN C 56 19.30 6.56 -58.75
N ASP C 57 18.75 5.87 -59.75
CA ASP C 57 19.53 5.38 -60.89
C ASP C 57 19.57 6.50 -61.93
N VAL C 58 20.52 7.42 -61.74
CA VAL C 58 20.56 8.64 -62.54
C VAL C 58 21.03 8.33 -63.96
N GLN C 59 21.81 7.27 -64.13
CA GLN C 59 22.25 6.89 -65.47
C GLN C 59 21.13 6.15 -66.21
N ALA C 60 20.15 5.63 -65.48
CA ALA C 60 19.04 4.94 -66.12
C ALA C 60 17.97 5.93 -66.59
N LEU C 61 17.90 7.09 -65.95
CA LEU C 61 16.97 8.14 -66.40
C LEU C 61 17.38 8.69 -67.76
N ASN C 62 18.69 8.73 -68.03
CA ASN C 62 19.22 9.24 -69.29
C ASN C 62 18.83 8.35 -70.46
N LYS C 63 18.80 7.03 -70.24
CA LYS C 63 18.47 6.11 -71.33
C LYS C 63 16.98 6.18 -71.67
N LEU C 64 16.12 6.24 -70.65
CA LEU C 64 14.68 6.14 -70.89
C LEU C 64 14.10 7.47 -71.36
N LEU C 65 14.69 8.58 -70.97
CA LEU C 65 14.17 9.87 -71.41
C LEU C 65 14.55 10.20 -72.84
N LYS C 66 15.62 9.61 -73.38
CA LYS C 66 15.93 9.79 -74.79
C LYS C 66 15.15 8.80 -75.65
N TYR C 67 14.36 7.92 -75.03
CA TYR C 67 13.52 6.98 -75.76
C TYR C 67 12.17 7.60 -76.11
N GLU C 68 12.19 8.80 -76.68
CA GLU C 68 11.02 9.56 -77.15
C GLU C 68 10.02 9.77 -76.01
N ASP C 69 10.58 10.04 -74.82
CA ASP C 69 9.97 10.47 -73.54
C ASP C 69 8.55 9.95 -73.29
N CYS C 70 8.42 8.62 -73.33
CA CYS C 70 7.21 7.88 -73.68
C CYS C 70 5.90 8.34 -73.05
N LYS C 71 5.78 8.19 -71.74
CA LYS C 71 4.56 8.54 -71.03
C LYS C 71 4.95 9.25 -69.73
N VAL C 72 5.77 10.30 -69.86
CA VAL C 72 6.31 11.05 -68.73
C VAL C 72 5.21 11.71 -67.88
N HIS C 73 4.03 11.91 -68.46
CA HIS C 73 2.84 12.27 -67.70
C HIS C 73 2.19 10.98 -67.18
N GLN C 74 2.77 10.42 -66.12
CA GLN C 74 2.30 9.19 -65.52
C GLN C 74 1.14 9.46 -64.58
N ARG C 75 0.22 8.50 -64.53
CA ARG C 75 -0.81 8.45 -63.48
C ARG C 75 -0.76 7.05 -62.87
N GLY C 76 0.00 6.91 -61.79
CA GLY C 76 0.24 5.62 -61.17
C GLY C 76 -0.91 5.18 -60.28
N ALA C 77 -0.54 4.67 -59.10
CA ALA C 77 -1.55 4.16 -58.17
C ALA C 77 -2.29 5.31 -57.50
N MET C 78 -1.56 6.14 -56.74
CA MET C 78 -2.21 7.26 -56.07
C MET C 78 -2.16 8.53 -56.91
N GLY C 79 -2.54 8.43 -58.19
CA GLY C 79 -2.46 9.54 -59.13
C GLY C 79 -1.07 10.14 -59.27
N GLU C 80 -0.05 9.30 -59.19
CA GLU C 80 1.33 9.73 -59.06
C GLU C 80 1.96 9.98 -60.42
N THR C 81 2.73 11.05 -60.49
CA THR C 81 3.66 11.28 -61.59
C THR C 81 5.04 10.81 -61.15
N ALA C 82 6.00 10.85 -62.07
CA ALA C 82 7.34 10.38 -61.76
C ALA C 82 8.09 11.32 -60.81
N LEU C 83 7.61 12.55 -60.66
CA LEU C 83 8.24 13.48 -59.73
C LEU C 83 7.80 13.19 -58.30
N HIS C 84 6.60 12.64 -58.13
CA HIS C 84 6.08 12.32 -56.80
C HIS C 84 6.86 11.18 -56.15
N ILE C 85 7.37 10.26 -56.97
CA ILE C 85 8.17 9.13 -56.45
C ILE C 85 9.54 9.61 -55.99
N ALA C 86 10.20 10.42 -56.82
CA ALA C 86 11.60 10.77 -56.57
C ALA C 86 11.74 11.70 -55.37
N ALA C 87 10.71 12.51 -55.10
CA ALA C 87 10.74 13.36 -53.92
C ALA C 87 10.37 12.59 -52.67
N LEU C 88 9.66 11.46 -52.83
CA LEU C 88 9.23 10.69 -51.68
C LEU C 88 10.37 9.90 -51.06
N TYR C 89 11.22 9.31 -51.88
CA TYR C 89 12.32 8.48 -51.40
C TYR C 89 13.62 9.26 -51.24
N ASP C 90 13.55 10.60 -51.25
CA ASP C 90 14.68 11.51 -51.10
C ASP C 90 15.75 11.27 -52.17
N ASN C 91 15.32 11.23 -53.42
CA ASN C 91 16.22 11.09 -54.55
C ASN C 91 16.37 12.44 -55.23
N LEU C 92 17.34 13.22 -54.74
CA LEU C 92 17.55 14.58 -55.21
C LEU C 92 18.04 14.60 -56.65
N GLU C 93 19.01 13.74 -56.98
CA GLU C 93 19.63 13.78 -58.29
C GLU C 93 18.72 13.17 -59.36
N ALA C 94 17.88 12.22 -58.96
CA ALA C 94 16.91 11.65 -59.89
C ALA C 94 15.75 12.61 -60.14
N ALA C 95 15.47 13.50 -59.18
CA ALA C 95 14.38 14.45 -59.35
C ALA C 95 14.81 15.61 -60.24
N MET C 96 16.11 15.79 -60.42
CA MET C 96 16.66 16.81 -61.30
C MET C 96 16.29 16.55 -62.75
N VAL C 97 16.50 15.32 -63.19
CA VAL C 97 16.35 14.88 -64.58
C VAL C 97 14.92 15.11 -65.07
N LEU C 98 13.95 14.92 -64.19
CA LEU C 98 12.54 15.09 -64.56
C LEU C 98 12.20 16.55 -64.83
N MET C 99 12.99 17.47 -64.27
CA MET C 99 12.68 18.89 -64.39
C MET C 99 13.07 19.44 -65.76
N GLU C 100 14.33 19.22 -66.17
CA GLU C 100 14.78 19.77 -67.45
C GLU C 100 14.19 19.00 -68.62
N ALA C 101 13.82 17.74 -68.41
CA ALA C 101 13.15 16.99 -69.47
C ALA C 101 11.71 17.42 -69.66
N ALA C 102 11.01 17.76 -68.58
CA ALA C 102 9.63 18.23 -68.67
C ALA C 102 9.32 19.10 -67.45
N PRO C 103 9.37 20.43 -67.58
CA PRO C 103 9.13 21.29 -66.41
C PRO C 103 7.67 21.34 -65.96
N GLU C 104 6.75 20.72 -66.70
CA GLU C 104 5.33 20.78 -66.37
C GLU C 104 4.92 19.82 -65.26
N LEU C 105 5.85 19.02 -64.73
CA LEU C 105 5.53 18.07 -63.68
C LEU C 105 5.51 18.69 -62.29
N VAL C 106 6.03 19.90 -62.13
CA VAL C 106 5.99 20.53 -60.81
C VAL C 106 4.62 21.13 -60.52
N PHE C 107 3.77 21.28 -61.53
CA PHE C 107 2.44 21.85 -61.33
C PHE C 107 1.39 20.75 -61.32
N GLU C 108 1.79 19.52 -60.97
CA GLU C 108 0.89 18.39 -61.08
C GLU C 108 0.53 17.84 -59.71
N PRO C 109 -0.76 17.79 -59.37
CA PRO C 109 -1.16 17.19 -58.10
C PRO C 109 -1.47 15.71 -58.24
N MET C 110 -1.43 14.97 -57.13
CA MET C 110 -1.94 13.61 -57.14
C MET C 110 -3.47 13.63 -57.26
N THR C 111 -3.99 12.79 -58.15
CA THR C 111 -5.41 12.83 -58.51
C THR C 111 -6.25 11.80 -57.77
N SER C 112 -5.67 11.00 -56.88
CA SER C 112 -6.43 10.00 -56.14
C SER C 112 -7.30 10.66 -55.09
N GLU C 113 -8.29 9.93 -54.56
CA GLU C 113 -9.14 10.48 -53.51
C GLU C 113 -8.39 10.52 -52.18
N LEU C 114 -7.43 9.63 -52.00
CA LEU C 114 -6.70 9.52 -50.75
C LEU C 114 -5.70 10.66 -50.60
N TYR C 115 -5.17 11.13 -51.73
CA TYR C 115 -4.12 12.14 -51.74
C TYR C 115 -4.47 13.26 -52.72
N GLU C 116 -5.69 13.78 -52.65
CA GLU C 116 -6.15 14.75 -53.62
C GLU C 116 -5.48 16.11 -53.40
N GLY C 117 -4.92 16.66 -54.47
CA GLY C 117 -4.37 17.99 -54.46
C GLY C 117 -2.91 18.08 -54.06
N GLN C 118 -2.34 17.01 -53.53
CA GLN C 118 -0.96 17.05 -53.07
C GLN C 118 0.01 17.12 -54.24
N THR C 119 0.82 18.18 -54.25
CA THR C 119 1.83 18.36 -55.27
C THR C 119 3.18 17.99 -54.68
N ALA C 120 4.21 17.97 -55.53
CA ALA C 120 5.52 17.50 -55.11
C ALA C 120 6.22 18.48 -54.17
N LEU C 121 5.71 19.71 -54.11
CA LEU C 121 6.22 20.67 -53.13
C LEU C 121 5.87 20.24 -51.71
N HIS C 122 4.71 19.61 -51.53
CA HIS C 122 4.28 19.16 -50.21
C HIS C 122 5.19 18.07 -49.67
N ILE C 123 5.63 17.15 -50.53
CA ILE C 123 6.45 16.02 -50.08
C ILE C 123 7.82 16.49 -49.64
N ALA C 124 8.44 17.38 -50.44
CA ALA C 124 9.78 17.85 -50.15
C ALA C 124 9.84 18.69 -48.89
N VAL C 125 8.74 19.37 -48.55
CA VAL C 125 8.66 20.12 -47.31
C VAL C 125 8.63 19.19 -46.10
N VAL C 126 7.85 18.11 -46.19
CA VAL C 126 7.69 17.19 -45.06
C VAL C 126 8.98 16.41 -44.82
N ASN C 127 9.65 15.97 -45.88
CA ASN C 127 10.90 15.25 -45.74
C ASN C 127 12.09 16.15 -45.45
N GLN C 128 11.89 17.48 -45.46
CA GLN C 128 12.89 18.49 -45.11
C GLN C 128 14.13 18.40 -46.01
N ASN C 129 13.89 18.22 -47.31
CA ASN C 129 14.96 18.13 -48.29
C ASN C 129 15.27 19.57 -48.70
N MET C 130 16.44 20.04 -48.27
CA MET C 130 16.76 21.46 -48.37
C MET C 130 17.13 21.86 -49.80
N ASN C 131 17.82 20.97 -50.51
CA ASN C 131 18.24 21.31 -51.87
C ASN C 131 17.09 21.15 -52.85
N LEU C 132 16.16 20.24 -52.56
CA LEU C 132 15.08 19.97 -53.51
C LEU C 132 14.04 21.07 -53.50
N VAL C 133 13.85 21.73 -52.35
CA VAL C 133 12.81 22.74 -52.25
C VAL C 133 13.24 24.03 -52.94
N ARG C 134 14.55 24.23 -53.08
CA ARG C 134 15.02 25.39 -53.85
C ARG C 134 14.81 25.18 -55.34
N ALA C 135 14.98 23.94 -55.80
CA ALA C 135 14.78 23.63 -57.22
C ALA C 135 13.30 23.69 -57.58
N LEU C 136 12.42 23.44 -56.62
CA LEU C 136 10.99 23.57 -56.87
C LEU C 136 10.57 25.04 -56.86
N LEU C 137 11.12 25.83 -55.94
CA LEU C 137 10.76 27.24 -55.85
C LEU C 137 11.38 28.07 -56.98
N ALA C 138 12.49 27.60 -57.55
CA ALA C 138 13.08 28.26 -58.70
C ALA C 138 12.20 28.07 -59.93
N ARG C 139 11.46 26.97 -59.95
CA ARG C 139 10.57 26.66 -61.06
C ARG C 139 9.13 27.03 -60.74
N ARG C 140 8.98 28.08 -59.90
CA ARG C 140 7.73 28.77 -59.55
C ARG C 140 6.59 27.81 -59.17
N ALA C 141 6.90 26.85 -58.31
CA ALA C 141 5.91 25.91 -57.80
C ALA C 141 4.91 26.64 -56.91
N SER C 142 3.65 26.21 -56.98
CA SER C 142 2.57 26.86 -56.26
C SER C 142 2.67 26.65 -54.76
N VAL C 143 2.92 27.73 -54.03
CA VAL C 143 3.01 27.69 -52.57
C VAL C 143 1.67 27.94 -51.90
N SER C 144 0.58 27.92 -52.66
CA SER C 144 -0.75 28.17 -52.12
C SER C 144 -1.69 27.07 -52.60
N ALA C 145 -1.15 25.89 -52.86
CA ALA C 145 -1.96 24.75 -53.25
C ALA C 145 -2.54 24.09 -52.00
N ARG C 146 -3.57 23.27 -52.18
CA ARG C 146 -4.27 22.70 -51.03
C ARG C 146 -4.40 21.18 -51.16
N ALA C 147 -3.80 20.46 -50.22
CA ALA C 147 -3.97 19.01 -50.17
C ALA C 147 -5.32 18.65 -49.58
N THR C 148 -6.32 18.47 -50.44
CA THR C 148 -7.70 18.26 -50.02
C THR C 148 -8.06 16.79 -49.85
N GLY C 149 -7.07 15.90 -49.81
CA GLY C 149 -7.35 14.48 -49.75
C GLY C 149 -7.85 14.04 -48.39
N THR C 150 -8.29 12.78 -48.35
CA THR C 150 -8.79 12.21 -47.10
C THR C 150 -7.68 11.87 -46.13
N ALA C 151 -6.44 11.76 -46.59
CA ALA C 151 -5.32 11.52 -45.70
C ALA C 151 -4.78 12.81 -45.07
N PHE C 152 -5.37 13.96 -45.40
CA PHE C 152 -4.93 15.23 -44.83
C PHE C 152 -6.06 15.88 -44.06
N ARG C 153 -6.94 15.07 -43.48
CA ARG C 153 -8.08 15.57 -42.72
C ARG C 153 -7.90 15.12 -41.28
N ARG C 154 -8.35 15.95 -40.34
CA ARG C 154 -8.24 15.58 -38.93
C ARG C 154 -9.18 14.43 -38.60
N SER C 155 -8.60 13.33 -38.18
CA SER C 155 -9.35 12.10 -37.96
C SER C 155 -8.59 11.22 -36.97
N PRO C 156 -9.29 10.41 -36.17
CA PRO C 156 -8.59 9.38 -35.39
C PRO C 156 -7.98 8.30 -36.24
N CYS C 157 -8.52 8.09 -37.44
CA CYS C 157 -7.95 7.12 -38.38
C CYS C 157 -6.60 7.60 -38.90
N ASN C 158 -6.52 8.86 -39.30
CA ASN C 158 -5.25 9.43 -39.74
C ASN C 158 -4.31 9.61 -38.57
N LEU C 159 -3.02 9.40 -38.82
CA LEU C 159 -2.03 9.41 -37.75
C LEU C 159 -1.31 10.73 -37.63
N ILE C 160 -1.26 11.52 -38.70
CA ILE C 160 -0.71 12.88 -38.66
C ILE C 160 -1.75 13.84 -39.19
N TYR C 161 -1.80 15.04 -38.60
CA TYR C 161 -2.61 16.14 -39.11
C TYR C 161 -1.73 17.38 -39.17
N PHE C 162 -1.27 17.72 -40.36
CA PHE C 162 -0.33 18.82 -40.55
C PHE C 162 -0.99 20.04 -41.18
N GLY C 163 -2.23 19.93 -41.63
CA GLY C 163 -2.90 21.04 -42.27
C GLY C 163 -3.21 20.81 -43.73
N GLU C 164 -3.14 21.84 -44.54
CA GLU C 164 -3.53 21.72 -45.94
C GLU C 164 -2.60 22.54 -46.85
N HIS C 165 -1.62 23.20 -46.26
CA HIS C 165 -0.78 24.15 -46.98
C HIS C 165 0.69 23.82 -46.77
N PRO C 166 1.55 24.18 -47.73
CA PRO C 166 2.99 23.88 -47.56
C PRO C 166 3.65 24.66 -46.44
N LEU C 167 3.12 25.84 -46.10
CA LEU C 167 3.62 26.56 -44.93
C LEU C 167 3.16 25.88 -43.66
N SER C 168 1.99 25.22 -43.72
CA SER C 168 1.50 24.49 -42.55
C SER C 168 2.27 23.19 -42.35
N PHE C 169 2.75 22.60 -43.44
CA PHE C 169 3.51 21.35 -43.33
C PHE C 169 4.88 21.62 -42.72
N ALA C 170 5.49 22.75 -43.08
CA ALA C 170 6.82 23.06 -42.58
C ALA C 170 6.79 23.46 -41.11
N ALA C 171 5.67 24.04 -40.66
CA ALA C 171 5.57 24.47 -39.28
C ALA C 171 5.38 23.28 -38.34
N CYS C 172 4.80 22.19 -38.85
CA CYS C 172 4.51 21.05 -38.00
C CYS C 172 5.68 20.09 -37.86
N VAL C 173 6.51 19.94 -38.89
CA VAL C 173 7.68 19.08 -38.79
C VAL C 173 8.87 19.78 -38.14
N ASN C 174 8.69 21.05 -37.74
CA ASN C 174 9.70 21.91 -37.12
C ASN C 174 10.95 22.03 -37.98
N SER C 175 10.82 22.65 -39.14
CA SER C 175 11.99 23.00 -39.95
C SER C 175 11.93 24.50 -40.14
N GLU C 176 12.70 25.22 -39.30
CA GLU C 176 12.68 26.68 -39.31
C GLU C 176 13.21 27.24 -40.62
N GLU C 177 14.18 26.55 -41.22
CA GLU C 177 14.82 27.02 -42.44
C GLU C 177 13.88 26.90 -43.64
N ILE C 178 12.96 25.92 -43.60
CA ILE C 178 11.96 25.80 -44.65
C ILE C 178 10.88 26.86 -44.47
N VAL C 179 10.52 27.17 -43.22
CA VAL C 179 9.46 28.14 -42.93
C VAL C 179 9.88 29.53 -43.39
N ARG C 180 11.13 29.89 -43.13
CA ARG C 180 11.64 31.19 -43.55
C ARG C 180 11.69 31.30 -45.07
N LEU C 181 12.02 30.20 -45.75
CA LEU C 181 12.25 30.24 -47.18
C LEU C 181 10.93 30.37 -47.96
N LEU C 182 9.83 29.89 -47.37
CA LEU C 182 8.56 29.84 -48.09
C LEU C 182 7.88 31.20 -48.14
N ILE C 183 8.18 32.07 -47.17
CA ILE C 183 7.36 33.27 -46.95
C ILE C 183 7.63 34.32 -48.03
N GLU C 184 8.90 34.48 -48.42
CA GLU C 184 9.26 35.51 -49.41
C GLU C 184 8.74 35.15 -50.79
N HIS C 185 8.56 33.86 -51.04
CA HIS C 185 8.09 33.39 -52.34
C HIS C 185 6.58 33.47 -52.48
N GLY C 186 5.89 33.89 -51.41
CA GLY C 186 4.48 34.18 -51.52
C GLY C 186 3.56 33.38 -50.62
N ALA C 187 4.09 32.89 -49.50
CA ALA C 187 3.26 32.16 -48.55
C ALA C 187 2.37 33.14 -47.78
N ASP C 188 1.18 32.66 -47.42
CA ASP C 188 0.21 33.43 -46.65
C ASP C 188 0.04 32.74 -45.31
N ILE C 189 0.42 33.43 -44.24
CA ILE C 189 0.39 32.85 -42.90
C ILE C 189 -1.01 32.95 -42.31
N ARG C 190 -1.90 33.66 -42.99
CA ARG C 190 -3.30 33.77 -42.58
C ARG C 190 -4.20 32.78 -43.30
N ALA C 191 -3.63 31.83 -44.04
CA ALA C 191 -4.44 30.90 -44.81
C ALA C 191 -5.09 29.87 -43.89
N GLN C 192 -6.34 29.52 -44.20
CA GLN C 192 -7.11 28.60 -43.39
C GLN C 192 -7.35 27.28 -44.14
N ASP C 193 -7.78 26.28 -43.39
CA ASP C 193 -8.04 24.96 -43.93
C ASP C 193 -9.48 24.82 -44.36
N SER C 194 -9.91 23.59 -44.63
CA SER C 194 -11.33 23.30 -44.75
C SER C 194 -12.05 23.34 -43.41
N LEU C 195 -11.33 23.09 -42.32
CA LEU C 195 -11.86 23.24 -40.98
C LEU C 195 -11.82 24.67 -40.48
N GLY C 196 -11.19 25.58 -41.22
CA GLY C 196 -11.05 26.95 -40.80
C GLY C 196 -9.84 27.22 -39.93
N ASN C 197 -9.06 26.21 -39.60
CA ASN C 197 -7.86 26.41 -38.80
C ASN C 197 -6.78 27.10 -39.62
N THR C 198 -6.22 28.17 -39.06
CA THR C 198 -5.03 28.77 -39.65
C THR C 198 -3.80 28.01 -39.15
N VAL C 199 -2.61 28.54 -39.47
CA VAL C 199 -1.36 27.85 -39.13
C VAL C 199 -1.16 27.82 -37.62
N LEU C 200 -1.68 28.84 -36.91
CA LEU C 200 -1.42 28.94 -35.49
C LEU C 200 -2.37 28.05 -34.69
N HIS C 201 -3.45 27.58 -35.31
CA HIS C 201 -4.30 26.58 -34.68
C HIS C 201 -3.65 25.21 -34.69
N ILE C 202 -2.97 24.87 -35.79
CA ILE C 202 -2.51 23.51 -36.03
C ILE C 202 -1.35 23.17 -35.11
N LEU C 203 -0.55 24.17 -34.74
CA LEU C 203 0.60 23.97 -33.85
C LEU C 203 0.17 23.54 -32.45
N ILE C 204 -1.05 23.91 -32.06
CA ILE C 204 -1.58 23.49 -30.78
C ILE C 204 -1.96 22.01 -30.82
N LEU C 205 -2.35 21.53 -31.99
CA LEU C 205 -2.75 20.14 -32.14
C LEU C 205 -1.56 19.19 -32.30
N GLN C 206 -0.35 19.72 -32.38
CA GLN C 206 0.82 18.89 -32.60
C GLN C 206 1.29 18.24 -31.30
N PRO C 207 1.81 17.00 -31.35
CA PRO C 207 2.13 16.28 -30.12
C PRO C 207 3.35 16.81 -29.37
N ASN C 208 4.42 17.14 -30.09
CA ASN C 208 5.61 17.65 -29.42
C ASN C 208 5.40 19.13 -29.10
N LYS C 209 5.04 19.40 -27.85
CA LYS C 209 4.49 20.71 -27.50
C LYS C 209 5.59 21.75 -27.30
N THR C 210 6.79 21.31 -26.94
CA THR C 210 7.88 22.24 -26.67
C THR C 210 8.40 22.87 -27.96
N PHE C 211 8.45 22.08 -29.03
CA PHE C 211 8.86 22.61 -30.33
C PHE C 211 7.75 23.45 -30.95
N ALA C 212 6.50 23.20 -30.55
CA ALA C 212 5.38 23.97 -31.08
C ALA C 212 5.35 25.37 -30.48
N CYS C 213 5.96 25.54 -29.30
CA CYS C 213 5.99 26.84 -28.65
C CYS C 213 6.98 27.77 -29.33
N GLN C 214 8.14 27.24 -29.75
CA GLN C 214 9.10 28.05 -30.49
C GLN C 214 8.56 28.41 -31.88
N MET C 215 7.80 27.51 -32.49
CA MET C 215 7.24 27.82 -33.81
C MET C 215 6.10 28.81 -33.72
N TYR C 216 5.45 28.91 -32.56
CA TYR C 216 4.40 29.90 -32.36
C TYR C 216 4.98 31.30 -32.32
N ASN C 217 6.13 31.45 -31.65
CA ASN C 217 6.80 32.73 -31.52
C ASN C 217 7.38 33.21 -32.84
N LEU C 218 7.78 32.25 -33.69
CA LEU C 218 8.38 32.61 -34.97
C LEU C 218 7.33 33.15 -35.94
N LEU C 219 6.15 32.54 -35.95
CA LEU C 219 5.15 32.89 -36.96
C LEU C 219 4.44 34.19 -36.62
N LEU C 220 4.51 34.63 -35.37
CA LEU C 220 3.94 35.92 -35.01
C LEU C 220 4.81 37.06 -35.50
N SER C 221 6.13 36.84 -35.54
CA SER C 221 7.08 37.88 -35.90
C SER C 221 7.01 38.24 -37.38
N TYR C 222 6.48 37.33 -38.21
CA TYR C 222 6.29 37.65 -39.62
C TYR C 222 4.96 38.34 -39.89
N ASP C 223 4.11 38.46 -38.88
CA ASP C 223 2.87 39.21 -39.01
C ASP C 223 3.12 40.67 -38.68
N ARG C 224 3.93 41.37 -39.49
CA ARG C 224 4.13 42.79 -39.29
C ARG C 224 2.83 43.55 -39.55
N HIS C 225 2.43 43.58 -40.83
CA HIS C 225 1.07 43.70 -41.37
C HIS C 225 0.08 44.54 -40.56
N GLY C 226 0.38 45.82 -40.37
CA GLY C 226 -0.43 46.66 -39.51
C GLY C 226 -1.73 47.17 -40.10
N ASP C 227 -2.19 46.56 -41.19
CA ASP C 227 -3.45 46.96 -41.82
C ASP C 227 -4.27 45.75 -42.26
N HIS C 228 -4.13 44.63 -41.55
CA HIS C 228 -5.00 43.49 -41.80
C HIS C 228 -6.27 43.51 -40.95
N LEU C 229 -6.44 44.53 -40.11
CA LEU C 229 -7.67 44.84 -39.35
C LEU C 229 -7.98 43.82 -38.25
N GLN C 230 -7.17 42.78 -38.09
CA GLN C 230 -7.33 41.77 -37.05
C GLN C 230 -5.99 41.08 -36.84
N PRO C 231 -5.44 41.09 -35.62
CA PRO C 231 -4.24 40.29 -35.34
C PRO C 231 -4.50 38.80 -35.51
N LEU C 232 -3.47 38.06 -35.93
CA LEU C 232 -3.60 36.68 -36.38
C LEU C 232 -4.05 35.73 -35.28
N ASP C 233 -3.59 35.96 -34.05
CA ASP C 233 -4.05 35.13 -32.94
C ASP C 233 -5.31 35.66 -32.30
N LEU C 234 -6.30 36.01 -33.13
CA LEU C 234 -7.66 36.33 -32.69
C LEU C 234 -8.63 35.72 -33.69
N VAL C 235 -8.09 35.27 -34.82
CA VAL C 235 -8.88 34.77 -35.94
C VAL C 235 -9.50 33.44 -35.57
N PRO C 236 -10.83 33.30 -35.64
CA PRO C 236 -11.47 32.06 -35.23
C PRO C 236 -11.58 31.06 -36.38
N ASN C 237 -11.76 29.80 -36.00
CA ASN C 237 -12.04 28.74 -36.95
C ASN C 237 -13.54 28.58 -37.16
N HIS C 238 -13.94 27.48 -37.78
CA HIS C 238 -15.34 27.27 -38.11
C HIS C 238 -16.20 26.88 -36.91
N GLN C 239 -15.56 26.63 -35.76
CA GLN C 239 -16.27 26.53 -34.50
C GLN C 239 -16.20 27.81 -33.69
N GLY C 240 -15.49 28.83 -34.18
CA GLY C 240 -15.37 30.09 -33.49
C GLY C 240 -14.27 30.15 -32.45
N LEU C 241 -13.48 29.11 -32.31
CA LEU C 241 -12.45 29.08 -31.28
C LEU C 241 -11.20 29.82 -31.74
N THR C 242 -10.60 30.54 -30.82
CA THR C 242 -9.32 31.19 -30.96
C THR C 242 -8.21 30.17 -30.68
N PRO C 243 -6.95 30.50 -31.01
CA PRO C 243 -5.85 29.66 -30.49
C PRO C 243 -5.74 29.62 -28.98
N PHE C 244 -6.24 30.65 -28.28
CA PHE C 244 -6.27 30.59 -26.83
C PHE C 244 -7.34 29.61 -26.35
N LYS C 245 -8.52 29.62 -26.99
CA LYS C 245 -9.57 28.70 -26.58
C LYS C 245 -9.26 27.28 -27.04
N LEU C 246 -8.51 27.13 -28.15
CA LEU C 246 -8.17 25.79 -28.63
C LEU C 246 -7.17 25.12 -27.72
N ALA C 247 -6.31 25.91 -27.07
CA ALA C 247 -5.34 25.36 -26.12
C ALA C 247 -6.03 24.85 -24.87
N GLY C 248 -7.14 25.49 -24.49
CA GLY C 248 -7.87 25.05 -23.31
C GLY C 248 -8.70 23.82 -23.56
N VAL C 249 -9.36 23.75 -24.72
CA VAL C 249 -10.17 22.59 -25.08
C VAL C 249 -9.32 21.36 -25.34
N GLU C 250 -8.21 21.50 -26.06
CA GLU C 250 -7.37 20.36 -26.39
C GLU C 250 -6.34 20.03 -25.32
N GLY C 251 -6.42 20.66 -24.16
CA GLY C 251 -5.58 20.29 -23.03
C GLY C 251 -4.12 20.64 -23.17
N ASN C 252 -3.77 21.54 -24.08
CA ASN C 252 -2.37 21.91 -24.30
C ASN C 252 -1.96 22.87 -23.19
N THR C 253 -1.47 22.28 -22.09
CA THR C 253 -1.11 23.06 -20.91
C THR C 253 0.15 23.89 -21.13
N VAL C 254 1.00 23.48 -22.06
CA VAL C 254 2.22 24.22 -22.34
C VAL C 254 1.89 25.53 -23.04
N MET C 255 1.08 25.46 -24.09
CA MET C 255 0.73 26.67 -24.84
C MET C 255 -0.32 27.50 -24.12
N PHE C 256 -1.02 26.93 -23.14
CA PHE C 256 -1.97 27.72 -22.36
C PHE C 256 -1.25 28.63 -21.39
N GLN C 257 -0.17 28.15 -20.79
CA GLN C 257 0.67 29.00 -19.95
C GLN C 257 1.39 30.05 -20.79
N HIS C 258 1.78 29.68 -22.01
CA HIS C 258 2.54 30.60 -22.85
C HIS C 258 1.65 31.71 -23.39
N LEU C 259 0.40 31.41 -23.66
CA LEU C 259 -0.53 32.43 -24.13
C LEU C 259 -1.11 33.26 -23.01
N MET C 260 -0.74 33.01 -21.76
CA MET C 260 -1.35 33.76 -20.67
C MET C 260 -0.52 35.00 -20.32
N GLN C 261 0.78 35.01 -20.64
CA GLN C 261 1.60 36.20 -20.38
C GLN C 261 1.22 37.36 -21.30
N LYS C 262 0.55 37.07 -22.41
CA LYS C 262 0.00 38.13 -23.24
C LYS C 262 -1.22 38.76 -22.57
N ARG C 263 -1.83 38.04 -21.61
CA ARG C 263 -3.02 38.54 -20.95
C ARG C 263 -2.78 39.02 -19.52
N LYS C 264 -1.56 38.86 -18.99
CA LYS C 264 -1.29 39.35 -17.65
C LYS C 264 -0.92 40.83 -17.67
N HIS C 265 -1.07 41.47 -16.51
CA HIS C 265 -0.55 42.81 -16.28
C HIS C 265 -0.08 42.88 -14.84
N THR C 266 1.23 43.05 -14.64
CA THR C 266 1.78 43.14 -13.30
C THR C 266 1.65 44.56 -12.78
N GLN C 267 1.00 44.71 -11.63
CA GLN C 267 0.74 46.03 -11.08
C GLN C 267 1.90 46.55 -10.25
N TRP C 268 2.23 45.85 -9.16
CA TRP C 268 3.29 46.28 -8.27
C TRP C 268 4.01 45.08 -7.69
N THR C 269 5.27 45.30 -7.33
CA THR C 269 6.11 44.30 -6.68
C THR C 269 6.60 44.90 -5.37
N TYR C 270 5.98 44.50 -4.25
CA TYR C 270 6.36 45.01 -2.94
C TYR C 270 7.26 43.97 -2.26
N GLY C 271 8.53 43.96 -2.69
CA GLY C 271 9.50 43.03 -2.18
C GLY C 271 9.25 41.61 -2.66
N PRO C 272 8.84 40.73 -1.76
CA PRO C 272 8.48 39.36 -2.17
C PRO C 272 7.05 39.27 -2.69
N LEU C 273 6.26 40.32 -2.50
CA LEU C 273 4.89 40.34 -2.98
C LEU C 273 4.84 40.75 -4.45
N THR C 274 3.73 40.40 -5.10
CA THR C 274 3.46 40.77 -6.49
C THR C 274 1.96 40.70 -6.72
N SER C 275 1.40 41.76 -7.29
CA SER C 275 -0.02 41.77 -7.66
C SER C 275 -0.14 41.66 -9.18
N THR C 276 -0.79 40.61 -9.64
CA THR C 276 -0.98 40.33 -11.05
C THR C 276 -2.45 40.46 -11.39
N LEU C 277 -2.74 41.00 -12.57
CA LEU C 277 -4.11 41.28 -13.00
C LEU C 277 -4.39 40.50 -14.27
N TYR C 278 -5.22 39.47 -14.18
CA TYR C 278 -5.49 38.56 -15.27
C TYR C 278 -6.71 39.01 -16.06
N ASP C 279 -6.83 38.52 -17.30
CA ASP C 279 -7.73 39.16 -18.25
C ASP C 279 -9.17 38.72 -18.06
N LEU C 280 -9.42 37.40 -18.11
CA LEU C 280 -10.77 36.78 -17.99
C LEU C 280 -11.75 37.30 -19.05
N THR C 281 -11.25 37.60 -20.24
CA THR C 281 -12.11 38.00 -21.34
C THR C 281 -12.73 36.82 -22.07
N GLU C 282 -11.93 35.81 -22.43
CA GLU C 282 -12.41 34.62 -23.10
C GLU C 282 -12.57 33.44 -22.16
N ILE C 283 -12.36 33.64 -20.86
CA ILE C 283 -12.44 32.56 -19.90
C ILE C 283 -13.77 32.53 -19.17
N ASP C 284 -14.28 33.67 -18.72
CA ASP C 284 -15.49 33.73 -17.90
C ASP C 284 -16.72 33.73 -18.80
N SER C 285 -17.85 33.31 -18.23
CA SER C 285 -19.07 33.15 -18.99
C SER C 285 -19.73 34.50 -19.26
N SER C 286 -20.30 34.65 -20.45
CA SER C 286 -21.01 35.86 -20.84
C SER C 286 -22.42 35.58 -21.35
N GLY C 287 -22.92 34.36 -21.19
CA GLY C 287 -24.28 34.04 -21.54
C GLY C 287 -24.49 33.71 -23.00
N ASP C 288 -24.26 34.68 -23.89
CA ASP C 288 -24.46 34.45 -25.31
C ASP C 288 -23.33 33.67 -25.96
N GLU C 289 -22.19 33.53 -25.28
CA GLU C 289 -21.02 32.92 -25.88
C GLU C 289 -20.61 31.72 -25.04
N GLN C 290 -20.22 30.65 -25.73
CA GLN C 290 -19.69 29.47 -25.07
C GLN C 290 -18.30 29.78 -24.53
N SER C 291 -18.20 29.88 -23.22
CA SER C 291 -16.97 30.27 -22.54
C SER C 291 -15.98 29.10 -22.52
N LEU C 292 -14.80 29.38 -21.97
CA LEU C 292 -13.78 28.35 -21.88
C LEU C 292 -14.15 27.31 -20.83
N LEU C 293 -14.88 27.73 -19.79
CA LEU C 293 -15.29 26.80 -18.74
C LEU C 293 -16.37 25.87 -19.24
N GLU C 294 -17.21 26.35 -20.16
CA GLU C 294 -18.25 25.51 -20.73
C GLU C 294 -17.68 24.54 -21.76
N LEU C 295 -16.64 24.98 -22.48
CA LEU C 295 -16.12 24.20 -23.59
C LEU C 295 -15.26 23.04 -23.11
N ILE C 296 -14.77 23.09 -21.87
CA ILE C 296 -13.92 22.00 -21.38
C ILE C 296 -14.75 20.79 -20.95
N ILE C 297 -15.95 21.01 -20.41
CA ILE C 297 -16.82 19.94 -19.95
C ILE C 297 -17.29 19.09 -21.13
N THR C 298 -17.70 19.74 -22.21
CA THR C 298 -18.23 19.04 -23.39
C THR C 298 -17.15 18.33 -24.21
N THR C 299 -15.88 18.54 -23.87
CA THR C 299 -14.77 17.99 -24.65
C THR C 299 -14.63 16.49 -24.44
N LYS C 300 -14.81 16.05 -23.18
CA LYS C 300 -14.73 14.66 -22.68
C LYS C 300 -13.29 14.13 -22.70
N LYS C 301 -12.31 14.95 -23.08
CA LYS C 301 -10.92 14.53 -23.05
C LYS C 301 -10.39 14.67 -21.62
N ARG C 302 -9.32 13.95 -21.28
CA ARG C 302 -8.82 13.93 -19.91
C ARG C 302 -7.86 15.09 -19.66
N GLU C 303 -7.13 15.50 -20.70
CA GLU C 303 -6.17 16.58 -20.54
C GLU C 303 -6.83 17.95 -20.49
N ALA C 304 -8.09 18.06 -20.91
CA ALA C 304 -8.77 19.36 -20.86
C ALA C 304 -9.08 19.75 -19.42
N ARG C 305 -9.26 18.78 -18.54
CA ARG C 305 -9.50 19.06 -17.14
C ARG C 305 -8.22 19.46 -16.40
N GLN C 306 -7.07 19.32 -17.05
CA GLN C 306 -5.81 19.77 -16.47
C GLN C 306 -5.69 21.29 -16.59
N ILE C 307 -6.44 21.89 -17.52
CA ILE C 307 -6.45 23.34 -17.71
C ILE C 307 -7.05 24.04 -16.50
N LEU C 308 -7.97 23.36 -15.80
CA LEU C 308 -8.61 23.87 -14.60
C LEU C 308 -7.64 24.01 -13.42
N ASP C 309 -6.46 23.39 -13.52
CA ASP C 309 -5.42 23.54 -12.52
C ASP C 309 -4.56 24.78 -12.75
N GLN C 310 -4.52 25.30 -13.98
CA GLN C 310 -3.62 26.39 -14.32
C GLN C 310 -4.08 27.71 -13.67
N THR C 311 -3.13 28.63 -13.55
CA THR C 311 -3.23 29.75 -12.61
C THR C 311 -4.28 30.85 -12.82
N PRO C 312 -4.80 31.18 -14.01
CA PRO C 312 -5.95 32.11 -14.00
C PRO C 312 -7.27 31.43 -13.65
N VAL C 313 -7.40 30.13 -13.96
CA VAL C 313 -8.70 29.48 -13.91
C VAL C 313 -8.97 28.95 -12.50
N LYS C 314 -7.91 28.52 -11.81
CA LYS C 314 -8.03 27.88 -10.51
C LYS C 314 -8.58 28.82 -9.45
N GLU C 315 -8.17 30.08 -9.49
CA GLU C 315 -8.75 31.08 -8.60
C GLU C 315 -10.15 31.49 -9.05
N LEU C 316 -10.44 31.37 -10.34
CA LEU C 316 -11.74 31.78 -10.86
C LEU C 316 -12.83 30.78 -10.46
N VAL C 317 -12.53 29.48 -10.58
CA VAL C 317 -13.46 28.43 -10.16
C VAL C 317 -13.69 28.51 -8.66
N SER C 318 -12.63 28.72 -7.91
CA SER C 318 -12.72 28.71 -6.45
C SER C 318 -13.37 29.98 -5.91
N LEU C 319 -13.48 31.02 -6.74
CA LEU C 319 -14.09 32.25 -6.26
C LEU C 319 -15.61 32.18 -6.33
N LYS C 320 -16.14 31.56 -7.37
CA LYS C 320 -17.59 31.53 -7.53
C LYS C 320 -18.23 30.30 -6.89
N TRP C 321 -17.46 29.24 -6.64
CA TRP C 321 -17.93 28.19 -5.74
C TRP C 321 -17.41 28.49 -4.32
N LYS C 322 -17.51 29.73 -3.89
CA LYS C 322 -17.28 30.09 -2.50
C LYS C 322 -18.26 31.19 -2.13
N ARG C 323 -18.81 31.85 -3.14
CA ARG C 323 -19.60 33.05 -2.94
C ARG C 323 -21.04 32.93 -3.40
N TYR C 324 -21.31 32.29 -4.55
CA TYR C 324 -22.67 32.24 -5.05
C TYR C 324 -23.01 30.82 -5.48
N GLY C 325 -22.01 30.02 -5.81
CA GLY C 325 -22.24 28.65 -6.22
C GLY C 325 -22.71 27.74 -5.11
N ARG C 326 -21.85 27.51 -4.12
CA ARG C 326 -22.20 26.66 -2.98
C ARG C 326 -23.30 27.23 -2.07
N PRO C 327 -23.37 28.58 -1.76
CA PRO C 327 -24.54 29.06 -1.00
C PRO C 327 -25.89 28.91 -1.68
N TYR C 328 -25.92 28.74 -3.00
CA TYR C 328 -27.19 28.48 -3.67
C TYR C 328 -27.43 26.99 -3.86
N PHE C 329 -26.35 26.20 -3.98
CA PHE C 329 -26.50 24.76 -4.13
C PHE C 329 -26.93 24.12 -2.83
N CYS C 330 -26.48 24.66 -1.71
CA CYS C 330 -26.93 24.16 -0.41
C CYS C 330 -28.29 24.72 -0.05
N MET C 331 -28.69 25.81 -0.71
CA MET C 331 -30.01 26.37 -0.49
C MET C 331 -31.08 25.59 -1.25
N LEU C 332 -30.75 25.07 -2.42
CA LEU C 332 -31.71 24.25 -3.16
C LEU C 332 -31.80 22.84 -2.58
N GLY C 333 -30.81 22.44 -1.78
CA GLY C 333 -30.89 21.15 -1.12
C GLY C 333 -31.84 21.17 0.06
N ALA C 334 -31.96 22.31 0.71
CA ALA C 334 -32.86 22.44 1.86
C ALA C 334 -34.31 22.54 1.41
N ILE C 335 -34.54 22.87 0.14
CA ILE C 335 -35.90 22.93 -0.38
C ILE C 335 -36.32 21.57 -0.89
N TYR C 336 -35.39 20.84 -1.52
CA TYR C 336 -35.69 19.49 -1.99
C TYR C 336 -35.85 18.53 -0.82
N LEU C 337 -35.18 18.81 0.29
CA LEU C 337 -35.35 17.97 1.48
C LEU C 337 -36.72 18.16 2.09
N LEU C 338 -37.21 19.41 2.12
CA LEU C 338 -38.55 19.66 2.64
C LEU C 338 -39.63 19.19 1.67
N TYR C 339 -39.26 19.01 0.40
CA TYR C 339 -40.21 18.48 -0.57
C TYR C 339 -40.40 16.97 -0.40
N ILE C 340 -39.33 16.25 -0.10
CA ILE C 340 -39.42 14.80 0.04
C ILE C 340 -39.97 14.42 1.41
N ILE C 341 -39.76 15.27 2.42
CA ILE C 341 -40.40 15.06 3.72
C ILE C 341 -41.91 15.24 3.61
N CYS C 342 -42.34 16.20 2.79
CA CYS C 342 -43.78 16.39 2.56
C CYS C 342 -44.36 15.25 1.75
N PHE C 343 -43.59 14.69 0.82
CA PHE C 343 -44.05 13.53 0.05
C PHE C 343 -44.09 12.28 0.91
N THR C 344 -43.18 12.17 1.88
CA THR C 344 -43.13 11.01 2.75
C THR C 344 -44.35 10.96 3.67
N MET C 345 -44.78 12.13 4.15
CA MET C 345 -45.91 12.20 5.07
C MET C 345 -47.23 11.85 4.36
N CYS C 346 -47.30 12.12 3.06
CA CYS C 346 -48.52 11.83 2.33
C CYS C 346 -48.62 10.36 1.96
N CYS C 347 -47.52 9.63 2.09
CA CYS C 347 -47.55 8.19 1.81
C CYS C 347 -47.77 7.39 3.08
N ILE C 348 -47.26 7.88 4.20
CA ILE C 348 -47.52 7.27 5.50
C ILE C 348 -49.01 7.35 5.85
N TYR C 349 -49.65 8.46 5.53
CA TYR C 349 -51.05 8.66 5.86
C TYR C 349 -51.99 8.42 4.69
N ARG C 350 -51.63 7.52 3.78
CA ARG C 350 -52.43 7.22 2.59
C ARG C 350 -53.74 6.55 2.99
N PRO C 351 -54.84 6.80 2.27
CA PRO C 351 -56.16 6.35 2.73
C PRO C 351 -56.36 4.86 2.57
N LEU C 352 -56.66 4.18 3.67
CA LEU C 352 -56.86 2.73 3.70
C LEU C 352 -58.07 2.41 4.55
N LYS C 353 -58.65 1.24 4.30
CA LYS C 353 -59.83 0.76 5.02
C LYS C 353 -59.72 -0.75 5.18
N PRO C 354 -60.45 -1.33 6.14
CA PRO C 354 -60.50 -2.80 6.23
C PRO C 354 -61.15 -3.41 5.00
N ARG C 355 -60.65 -4.60 4.63
CA ARG C 355 -61.07 -5.25 3.40
C ARG C 355 -62.52 -5.72 3.50
N THR C 356 -63.18 -5.81 2.35
CA THR C 356 -64.59 -6.18 2.28
C THR C 356 -64.80 -7.67 2.08
N ASN C 357 -64.14 -8.27 1.09
CA ASN C 357 -64.26 -9.68 0.85
C ASN C 357 -63.46 -10.48 1.88
N ASN C 358 -63.70 -11.78 1.92
CA ASN C 358 -63.03 -12.68 2.83
C ASN C 358 -61.74 -13.20 2.20
N ARG C 359 -60.86 -13.72 3.04
CA ARG C 359 -59.58 -14.25 2.57
C ARG C 359 -59.80 -15.52 1.76
N THR C 360 -59.07 -15.64 0.66
CA THR C 360 -59.28 -16.74 -0.28
C THR C 360 -58.55 -18.00 0.18
N SER C 361 -57.23 -17.93 0.24
CA SER C 361 -56.38 -19.05 0.61
C SER C 361 -55.94 -18.86 2.06
N PRO C 362 -55.38 -19.87 2.72
CA PRO C 362 -54.72 -19.63 4.01
C PRO C 362 -53.35 -19.00 3.93
N ARG C 363 -52.86 -18.69 2.72
CA ARG C 363 -51.64 -17.92 2.52
C ARG C 363 -51.91 -16.44 2.27
N ASP C 364 -53.15 -16.00 2.46
CA ASP C 364 -53.53 -14.61 2.24
C ASP C 364 -53.29 -13.85 3.54
N ASN C 365 -52.43 -12.82 3.48
CA ASN C 365 -52.02 -12.09 4.67
C ASN C 365 -52.69 -10.73 4.77
N THR C 366 -53.54 -10.38 3.82
CA THR C 366 -53.99 -9.01 3.65
C THR C 366 -55.18 -8.71 4.55
N LEU C 367 -55.10 -7.62 5.31
CA LEU C 367 -56.19 -7.15 6.15
C LEU C 367 -56.86 -5.88 5.66
N LEU C 368 -56.15 -5.03 4.93
CA LEU C 368 -56.64 -3.72 4.54
C LEU C 368 -56.66 -3.59 3.03
N GLN C 369 -57.32 -2.56 2.54
CA GLN C 369 -57.30 -2.20 1.13
C GLN C 369 -57.48 -0.69 1.03
N GLN C 370 -57.38 -0.18 -0.20
CA GLN C 370 -57.41 1.26 -0.45
C GLN C 370 -58.84 1.78 -0.41
N LYS C 371 -59.00 3.01 0.07
CA LYS C 371 -60.30 3.66 0.00
C LYS C 371 -60.53 4.25 -1.39
N LEU C 372 -61.80 4.32 -1.77
CA LEU C 372 -62.18 4.92 -3.05
C LEU C 372 -62.06 6.43 -2.98
N LEU C 373 -62.19 7.07 -4.15
CA LEU C 373 -61.91 8.49 -4.26
C LEU C 373 -62.95 9.33 -3.53
N GLN C 374 -64.20 8.88 -3.52
CA GLN C 374 -65.26 9.60 -2.84
C GLN C 374 -65.08 9.54 -1.32
N GLU C 375 -64.64 8.39 -0.82
CA GLU C 375 -64.49 8.20 0.62
C GLU C 375 -63.09 8.49 1.11
N ALA C 376 -62.17 8.90 0.22
CA ALA C 376 -60.82 9.21 0.67
C ALA C 376 -60.76 10.59 1.32
N TYR C 377 -61.69 11.47 1.00
CA TYR C 377 -61.69 12.84 1.51
C TYR C 377 -63.07 13.16 2.10
N MET C 378 -63.30 12.75 3.33
CA MET C 378 -64.50 13.19 4.04
C MET C 378 -64.25 13.51 5.51
N THR C 379 -63.11 14.09 5.82
CA THR C 379 -62.83 14.55 7.18
C THR C 379 -61.87 15.72 7.04
N PRO C 380 -61.74 16.62 8.04
CA PRO C 380 -60.75 17.70 7.92
C PRO C 380 -59.31 17.23 7.91
N LYS C 381 -59.02 16.03 8.42
CA LYS C 381 -57.65 15.54 8.40
C LYS C 381 -57.26 15.04 7.01
N ASP C 382 -58.24 14.74 6.17
CA ASP C 382 -57.94 14.36 4.79
C ASP C 382 -57.74 15.61 3.93
N ASP C 383 -58.32 16.73 4.34
CA ASP C 383 -58.10 17.98 3.61
C ASP C 383 -56.71 18.53 3.88
N ILE C 384 -56.19 18.32 5.08
CA ILE C 384 -54.81 18.69 5.40
C ILE C 384 -53.84 17.82 4.61
N ARG C 385 -54.21 16.56 4.38
CA ARG C 385 -53.41 15.71 3.50
C ARG C 385 -53.55 16.14 2.05
N LEU C 386 -54.71 16.69 1.68
CA LEU C 386 -54.93 17.11 0.29
C LEU C 386 -54.05 18.32 -0.05
N VAL C 387 -53.73 19.15 0.95
CA VAL C 387 -52.82 20.26 0.73
C VAL C 387 -51.42 19.75 0.42
N GLY C 388 -50.98 18.74 1.17
CA GLY C 388 -49.63 18.21 0.97
C GLY C 388 -49.51 17.40 -0.30
N GLU C 389 -50.60 16.77 -0.74
CA GLU C 389 -50.57 16.00 -1.98
C GLU C 389 -50.51 16.91 -3.20
N LEU C 390 -51.13 18.08 -3.12
CA LEU C 390 -51.06 19.04 -4.22
C LEU C 390 -49.68 19.68 -4.31
N VAL C 391 -49.00 19.85 -3.17
CA VAL C 391 -47.62 20.33 -3.18
C VAL C 391 -46.73 19.31 -3.87
N THR C 392 -47.03 18.03 -3.70
CA THR C 392 -46.27 16.96 -4.34
C THR C 392 -46.49 16.95 -5.85
N VAL C 393 -47.74 17.15 -6.28
CA VAL C 393 -48.06 17.14 -7.70
C VAL C 393 -47.49 18.37 -8.40
N ILE C 394 -47.65 19.54 -7.78
CA ILE C 394 -47.10 20.78 -8.35
C ILE C 394 -45.58 20.73 -8.41
N GLY C 395 -44.97 20.18 -7.36
CA GLY C 395 -43.51 20.09 -7.34
C GLY C 395 -42.97 19.09 -8.35
N ALA C 396 -43.79 18.14 -8.77
CA ALA C 396 -43.36 17.20 -9.80
C ALA C 396 -43.52 17.78 -11.19
N ILE C 397 -44.44 18.75 -11.36
CA ILE C 397 -44.58 19.42 -12.64
C ILE C 397 -43.42 20.39 -12.85
N ILE C 398 -43.00 21.05 -11.77
CA ILE C 398 -41.89 22.01 -11.84
C ILE C 398 -40.58 21.29 -12.17
N ILE C 399 -40.46 20.02 -11.76
CA ILE C 399 -39.33 19.21 -12.19
C ILE C 399 -39.39 18.98 -13.70
N LEU C 400 -40.58 18.68 -14.22
CA LEU C 400 -40.68 18.37 -15.64
C LEU C 400 -40.69 19.62 -16.51
N LEU C 401 -40.65 20.81 -15.90
CA LEU C 401 -40.52 22.04 -16.67
C LEU C 401 -39.14 22.68 -16.54
N VAL C 402 -38.24 22.09 -15.75
CA VAL C 402 -36.91 22.64 -15.55
C VAL C 402 -35.89 21.62 -16.02
N GLU C 403 -36.23 20.33 -15.89
CA GLU C 403 -35.26 19.28 -16.14
C GLU C 403 -35.47 18.65 -17.51
N VAL C 404 -36.68 18.73 -18.04
CA VAL C 404 -36.98 18.17 -19.37
C VAL C 404 -36.38 18.99 -20.51
N PRO C 405 -36.50 20.35 -20.59
CA PRO C 405 -35.87 21.05 -21.74
C PRO C 405 -34.34 21.03 -21.77
N ASP C 406 -33.69 20.49 -20.74
CA ASP C 406 -32.26 20.20 -20.81
C ASP C 406 -32.01 19.09 -21.83
N ILE C 407 -32.74 17.98 -21.69
CA ILE C 407 -32.63 16.84 -22.59
C ILE C 407 -33.39 17.14 -23.88
N PHE C 408 -34.55 17.77 -23.75
CA PHE C 408 -35.43 18.11 -24.88
C PHE C 408 -34.91 19.39 -25.52
N ARG C 409 -35.71 20.07 -26.36
CA ARG C 409 -35.34 20.87 -27.54
C ARG C 409 -33.99 21.58 -27.51
N MET C 410 -33.69 22.27 -26.41
CA MET C 410 -32.36 22.85 -26.21
C MET C 410 -31.48 21.82 -25.51
N GLY C 411 -30.94 20.92 -26.31
CA GLY C 411 -30.14 19.80 -25.82
C GLY C 411 -28.85 20.22 -25.12
N VAL C 412 -28.77 19.97 -23.82
CA VAL C 412 -27.62 20.40 -23.03
C VAL C 412 -26.92 19.19 -22.43
N THR C 413 -27.63 18.42 -21.60
CA THR C 413 -27.05 17.38 -20.74
C THR C 413 -26.40 16.25 -21.50
N ARG C 414 -27.22 15.49 -22.23
CA ARG C 414 -26.81 14.31 -23.02
C ARG C 414 -26.12 13.25 -22.15
N PHE C 415 -26.54 13.19 -20.88
CA PHE C 415 -26.04 12.26 -19.86
C PHE C 415 -24.53 12.36 -19.71
N PHE C 416 -24.06 13.49 -19.18
CA PHE C 416 -22.62 13.71 -19.03
C PHE C 416 -21.98 12.76 -18.02
N GLY C 417 -22.63 12.53 -16.89
CA GLY C 417 -22.01 11.78 -15.82
C GLY C 417 -20.84 12.46 -15.13
N GLN C 418 -20.72 13.78 -15.25
CA GLN C 418 -19.51 14.49 -14.83
C GLN C 418 -19.84 15.75 -14.04
N THR C 419 -20.72 15.64 -13.04
CA THR C 419 -21.01 16.76 -12.16
C THR C 419 -20.98 16.29 -10.71
N ILE C 420 -21.39 17.20 -9.81
CA ILE C 420 -21.44 16.85 -8.39
C ILE C 420 -22.80 16.26 -8.04
N LEU C 421 -23.80 16.52 -8.89
CA LEU C 421 -25.07 15.80 -8.85
C LEU C 421 -24.98 14.62 -9.81
N GLY C 422 -23.91 13.84 -9.69
CA GLY C 422 -23.67 12.58 -10.36
C GLY C 422 -23.94 12.49 -11.85
N GLY C 423 -24.19 11.28 -12.30
CA GLY C 423 -24.77 11.01 -13.59
C GLY C 423 -26.23 10.56 -13.59
N PRO C 424 -26.60 9.58 -12.75
CA PRO C 424 -28.02 9.16 -12.75
C PRO C 424 -29.02 10.15 -12.16
N PHE C 425 -28.58 11.21 -11.48
CA PHE C 425 -29.49 12.13 -10.79
C PHE C 425 -30.50 12.80 -11.70
N HIS C 426 -30.08 13.14 -12.92
CA HIS C 426 -31.00 13.71 -13.89
C HIS C 426 -31.96 12.66 -14.40
N VAL C 427 -31.52 11.41 -14.50
CA VAL C 427 -32.42 10.30 -14.84
C VAL C 427 -33.32 9.98 -13.65
N LEU C 428 -32.76 10.05 -12.44
CA LEU C 428 -33.51 9.69 -11.24
C LEU C 428 -34.58 10.72 -10.86
N ILE C 429 -34.32 12.02 -11.06
CA ILE C 429 -35.29 13.01 -10.61
C ILE C 429 -36.42 13.15 -11.62
N ILE C 430 -36.20 12.68 -12.86
CA ILE C 430 -37.29 12.60 -13.82
C ILE C 430 -38.14 11.35 -13.56
N THR C 431 -37.47 10.24 -13.22
CA THR C 431 -38.17 9.00 -12.93
C THR C 431 -38.98 9.10 -11.64
N TYR C 432 -38.50 9.93 -10.70
CA TYR C 432 -39.29 10.28 -9.53
C TYR C 432 -40.57 11.02 -9.92
N ALA C 433 -40.43 12.08 -10.74
CA ALA C 433 -41.57 12.91 -11.08
C ALA C 433 -42.53 12.20 -12.01
N PHE C 434 -42.06 11.15 -12.70
CA PHE C 434 -42.95 10.30 -13.48
C PHE C 434 -43.79 9.42 -12.57
N MET C 435 -43.17 8.85 -11.52
CA MET C 435 -43.88 7.94 -10.62
C MET C 435 -44.87 8.69 -9.73
N VAL C 436 -44.64 9.98 -9.49
CA VAL C 436 -45.61 10.79 -8.77
C VAL C 436 -46.87 10.96 -9.61
N LEU C 437 -46.71 11.15 -10.92
CA LEU C 437 -47.87 11.37 -11.78
C LEU C 437 -48.63 10.09 -12.05
N VAL C 438 -47.95 8.93 -12.00
CA VAL C 438 -48.66 7.65 -12.12
C VAL C 438 -49.53 7.41 -10.90
N THR C 439 -49.03 7.81 -9.73
CA THR C 439 -49.81 7.69 -8.50
C THR C 439 -50.98 8.66 -8.50
N MET C 440 -50.83 9.80 -9.20
CA MET C 440 -51.93 10.76 -9.32
C MET C 440 -53.05 10.20 -10.20
N VAL C 441 -52.70 9.59 -11.32
CA VAL C 441 -53.69 9.04 -12.24
C VAL C 441 -54.43 7.88 -11.61
N MET C 442 -53.71 7.02 -10.88
CA MET C 442 -54.34 5.87 -10.22
C MET C 442 -55.20 6.31 -9.06
N ARG C 443 -54.92 7.48 -8.47
CA ARG C 443 -55.76 8.00 -7.42
C ARG C 443 -57.08 8.53 -7.97
N LEU C 444 -57.05 9.17 -9.14
CA LEU C 444 -58.26 9.75 -9.70
C LEU C 444 -59.19 8.69 -10.28
N ILE C 445 -58.64 7.62 -10.85
CA ILE C 445 -59.48 6.60 -11.47
C ILE C 445 -59.79 5.50 -10.46
N SER C 446 -59.21 5.62 -9.25
CA SER C 446 -59.36 4.68 -8.14
C SER C 446 -58.94 3.26 -8.54
N ALA C 447 -57.69 3.15 -8.97
CA ALA C 447 -57.11 1.87 -9.35
C ALA C 447 -56.27 1.32 -8.21
N SER C 448 -56.34 -0.01 -8.06
CA SER C 448 -55.62 -0.70 -7.00
C SER C 448 -54.16 -0.86 -7.39
N GLY C 449 -53.31 -0.95 -6.39
CA GLY C 449 -51.89 -1.11 -6.59
C GLY C 449 -51.07 0.16 -6.56
N GLU C 450 -51.49 1.17 -5.78
CA GLU C 450 -50.72 2.41 -5.70
C GLU C 450 -49.45 2.23 -4.89
N VAL C 451 -49.30 1.11 -4.20
CA VAL C 451 -48.10 0.86 -3.41
C VAL C 451 -46.90 0.66 -4.33
N VAL C 452 -47.13 0.21 -5.56
CA VAL C 452 -46.04 0.00 -6.50
C VAL C 452 -45.46 1.33 -6.98
N PRO C 453 -46.21 2.34 -7.46
CA PRO C 453 -45.52 3.59 -7.83
C PRO C 453 -45.08 4.42 -6.64
N MET C 454 -45.72 4.28 -5.48
CA MET C 454 -45.25 5.00 -4.29
C MET C 454 -43.93 4.44 -3.79
N SER C 455 -43.73 3.13 -3.88
CA SER C 455 -42.51 2.53 -3.34
C SER C 455 -41.30 2.89 -4.18
N PHE C 456 -41.47 2.99 -5.50
CA PHE C 456 -40.39 3.48 -6.33
C PHE C 456 -40.11 4.94 -6.05
N ALA C 457 -41.16 5.73 -5.82
CA ALA C 457 -40.99 7.17 -5.67
C ALA C 457 -40.39 7.53 -4.32
N LEU C 458 -40.60 6.71 -3.29
CA LEU C 458 -39.92 6.92 -2.01
C LEU C 458 -38.44 6.61 -2.12
N VAL C 459 -38.08 5.56 -2.84
CA VAL C 459 -36.69 5.15 -2.94
C VAL C 459 -35.94 6.09 -3.89
N LEU C 460 -36.54 6.37 -5.05
CA LEU C 460 -35.94 7.30 -6.01
C LEU C 460 -35.90 8.72 -5.46
N GLY C 461 -36.86 9.07 -4.62
CA GLY C 461 -36.92 10.43 -4.10
C GLY C 461 -35.89 10.68 -3.01
N TRP C 462 -35.68 9.69 -2.13
CA TRP C 462 -34.74 9.90 -1.03
C TRP C 462 -33.30 9.70 -1.45
N CYS C 463 -33.02 8.84 -2.44
CA CYS C 463 -31.64 8.62 -2.84
C CYS C 463 -31.06 9.78 -3.63
N ASN C 464 -31.90 10.74 -4.02
CA ASN C 464 -31.41 11.96 -4.66
C ASN C 464 -30.89 12.95 -3.62
N VAL C 465 -31.15 12.69 -2.34
CA VAL C 465 -30.61 13.55 -1.29
C VAL C 465 -29.11 13.30 -1.13
N MET C 466 -28.66 12.10 -1.54
CA MET C 466 -27.24 11.74 -1.55
C MET C 466 -26.40 12.61 -2.45
N TYR C 467 -27.04 13.21 -3.45
CA TYR C 467 -26.31 13.91 -4.49
C TYR C 467 -26.24 15.40 -4.19
N PHE C 468 -27.18 15.92 -3.41
CA PHE C 468 -27.02 17.23 -2.79
C PHE C 468 -26.00 17.15 -1.67
N ALA C 469 -25.81 15.94 -1.13
CA ALA C 469 -24.92 15.67 -0.01
C ALA C 469 -23.47 15.54 -0.42
N ARG C 470 -23.10 16.07 -1.57
CA ARG C 470 -21.75 16.00 -2.09
C ARG C 470 -21.15 17.38 -2.26
N GLY C 471 -22.00 18.42 -2.25
CA GLY C 471 -21.55 19.79 -2.19
C GLY C 471 -21.48 20.30 -0.76
N PHE C 472 -21.77 19.41 0.20
CA PHE C 472 -21.48 19.66 1.60
C PHE C 472 -20.09 19.16 1.99
N GLN C 473 -19.23 18.90 1.01
CA GLN C 473 -17.92 18.33 1.24
C GLN C 473 -16.87 19.41 1.06
N MET C 474 -15.62 19.03 1.29
CA MET C 474 -14.49 19.90 0.97
C MET C 474 -13.90 19.62 -0.40
N LEU C 475 -14.49 18.65 -1.12
CA LEU C 475 -14.14 18.25 -2.48
C LEU C 475 -12.67 17.88 -2.62
N GLY C 476 -12.26 16.82 -1.93
CA GLY C 476 -10.92 16.30 -2.06
C GLY C 476 -10.64 15.75 -3.45
N PRO C 477 -9.37 15.52 -3.77
CA PRO C 477 -9.00 15.19 -5.15
C PRO C 477 -9.45 13.80 -5.59
N PHE C 478 -9.70 12.90 -4.65
CA PHE C 478 -10.06 11.52 -4.97
C PHE C 478 -11.24 11.07 -4.10
N THR C 479 -12.30 11.87 -4.05
CA THR C 479 -13.49 11.52 -3.30
C THR C 479 -14.59 10.97 -4.21
N ILE C 480 -14.97 11.72 -5.24
CA ILE C 480 -16.09 11.34 -6.08
C ILE C 480 -15.70 10.20 -7.01
N MET C 481 -14.45 10.20 -7.48
CA MET C 481 -14.00 9.19 -8.43
C MET C 481 -13.88 7.81 -7.78
N ILE C 482 -13.62 7.77 -6.47
CA ILE C 482 -13.62 6.50 -5.76
C ILE C 482 -15.06 6.05 -5.48
N GLN C 483 -15.98 7.01 -5.33
CA GLN C 483 -17.39 6.67 -5.15
C GLN C 483 -17.99 6.10 -6.43
N LYS C 484 -17.61 6.66 -7.58
CA LYS C 484 -18.09 6.17 -8.87
C LYS C 484 -17.51 4.81 -9.19
N MET C 485 -16.27 4.56 -8.80
CA MET C 485 -15.56 3.35 -9.18
C MET C 485 -16.09 2.14 -8.44
N ILE C 486 -16.39 2.30 -7.15
CA ILE C 486 -16.85 1.21 -6.28
C ILE C 486 -18.24 0.76 -6.72
N PHE C 487 -19.07 1.71 -7.17
CA PHE C 487 -20.36 1.33 -7.74
C PHE C 487 -20.19 0.62 -9.07
N GLY C 488 -19.18 1.02 -9.86
CA GLY C 488 -18.97 0.36 -11.14
C GLY C 488 -18.35 -1.01 -11.01
N ASP C 489 -17.60 -1.24 -9.93
CA ASP C 489 -17.04 -2.57 -9.70
C ASP C 489 -18.08 -3.50 -9.08
N LEU C 490 -19.03 -2.95 -8.34
CA LEU C 490 -20.06 -3.77 -7.73
C LEU C 490 -21.05 -4.25 -8.77
N MET C 491 -21.30 -3.46 -9.82
CA MET C 491 -22.20 -3.88 -10.88
C MET C 491 -21.54 -4.91 -11.79
N ARG C 492 -20.22 -4.85 -11.93
CA ARG C 492 -19.50 -5.91 -12.63
C ARG C 492 -19.52 -7.20 -11.82
N PHE C 493 -19.56 -7.09 -10.50
CA PHE C 493 -19.61 -8.26 -9.65
C PHE C 493 -20.99 -8.92 -9.69
N CYS C 494 -22.02 -8.15 -10.05
CA CYS C 494 -23.36 -8.70 -10.15
C CYS C 494 -23.57 -9.58 -11.37
N TRP C 495 -22.84 -9.34 -12.47
CA TRP C 495 -22.93 -10.22 -13.62
C TRP C 495 -22.33 -11.58 -13.34
N LEU C 496 -21.23 -11.64 -12.61
CA LEU C 496 -20.57 -12.90 -12.34
C LEU C 496 -21.30 -13.71 -11.28
N MET C 497 -22.06 -13.05 -10.40
CA MET C 497 -22.76 -13.78 -9.37
C MET C 497 -24.18 -14.16 -9.76
N ALA C 498 -24.67 -13.69 -10.90
CA ALA C 498 -25.97 -14.13 -11.36
C ALA C 498 -25.92 -15.59 -11.79
N VAL C 499 -24.81 -16.02 -12.39
CA VAL C 499 -24.71 -17.41 -12.82
C VAL C 499 -24.34 -18.35 -11.68
N VAL C 500 -23.77 -17.83 -10.60
CA VAL C 500 -23.53 -18.66 -9.42
C VAL C 500 -24.85 -18.88 -8.67
N ILE C 501 -25.68 -17.83 -8.61
CA ILE C 501 -26.97 -17.94 -7.94
C ILE C 501 -27.92 -18.82 -8.74
N LEU C 502 -27.93 -18.66 -10.07
CA LEU C 502 -28.78 -19.50 -10.93
C LEU C 502 -28.38 -20.97 -10.90
N GLY C 503 -27.09 -21.24 -10.68
CA GLY C 503 -26.65 -22.63 -10.60
C GLY C 503 -27.08 -23.29 -9.30
N PHE C 504 -26.90 -22.61 -8.18
CA PHE C 504 -27.20 -23.20 -6.88
C PHE C 504 -28.67 -23.09 -6.50
N ALA C 505 -29.40 -22.08 -7.01
CA ALA C 505 -30.82 -22.02 -6.73
C ALA C 505 -31.58 -23.09 -7.48
N SER C 506 -31.11 -23.43 -8.68
CA SER C 506 -31.68 -24.54 -9.41
C SER C 506 -31.36 -25.87 -8.76
N ALA C 507 -30.19 -25.97 -8.13
CA ALA C 507 -29.83 -27.19 -7.42
C ALA C 507 -30.64 -27.33 -6.14
N PHE C 508 -30.77 -26.24 -5.38
CA PHE C 508 -31.54 -26.26 -4.14
C PHE C 508 -33.02 -26.50 -4.40
N TYR C 509 -33.51 -26.09 -5.55
CA TYR C 509 -34.92 -26.26 -5.88
C TYR C 509 -35.27 -27.74 -6.09
N ILE C 510 -34.44 -28.46 -6.84
CA ILE C 510 -34.76 -29.84 -7.15
C ILE C 510 -34.43 -30.78 -5.99
N ILE C 511 -33.57 -30.35 -5.06
CA ILE C 511 -33.31 -31.14 -3.86
C ILE C 511 -34.52 -31.13 -2.94
N PHE C 512 -35.15 -29.97 -2.74
CA PHE C 512 -36.31 -29.85 -1.88
C PHE C 512 -37.61 -29.93 -2.66
N GLN C 513 -37.57 -30.48 -3.86
CA GLN C 513 -38.76 -30.58 -4.69
C GLN C 513 -39.63 -31.76 -4.30
N THR C 514 -39.06 -32.76 -3.61
CA THR C 514 -39.80 -33.92 -3.14
C THR C 514 -40.08 -33.85 -1.65
N GLU C 515 -39.85 -32.71 -1.01
CA GLU C 515 -39.93 -32.55 0.43
C GLU C 515 -41.19 -31.79 0.80
N ASP C 516 -41.52 -31.80 2.07
CA ASP C 516 -42.65 -31.03 2.58
C ASP C 516 -42.19 -29.60 2.84
N PRO C 517 -42.78 -28.60 2.18
CA PRO C 517 -42.36 -27.21 2.43
C PRO C 517 -42.82 -26.66 3.78
N GLU C 518 -43.66 -27.38 4.52
CA GLU C 518 -44.08 -26.96 5.85
C GLU C 518 -42.93 -26.91 6.84
N GLU C 519 -41.97 -27.82 6.73
CA GLU C 519 -40.81 -27.82 7.63
C GLU C 519 -39.71 -26.89 7.14
N LEU C 520 -39.38 -26.92 5.85
CA LEU C 520 -38.37 -26.04 5.29
C LEU C 520 -38.92 -25.50 3.98
N GLY C 521 -39.28 -24.22 3.97
CA GLY C 521 -39.96 -23.65 2.83
C GLY C 521 -39.18 -22.59 2.11
N HIS C 522 -37.86 -22.62 2.25
CA HIS C 522 -36.97 -21.65 1.62
C HIS C 522 -36.98 -21.73 0.11
N PHE C 523 -37.38 -22.86 -0.47
CA PHE C 523 -37.26 -23.11 -1.89
C PHE C 523 -38.54 -23.74 -2.43
N TYR C 524 -39.71 -23.22 -1.99
CA TYR C 524 -40.95 -23.94 -2.29
C TYR C 524 -41.38 -23.78 -3.74
N ASP C 525 -41.12 -22.64 -4.35
CA ASP C 525 -41.17 -22.55 -5.81
C ASP C 525 -39.92 -21.88 -6.32
N TYR C 526 -39.82 -21.80 -7.65
CA TYR C 526 -38.56 -21.37 -8.25
C TYR C 526 -38.26 -19.87 -8.11
N PRO C 527 -39.21 -18.93 -8.13
CA PRO C 527 -38.83 -17.55 -7.78
C PRO C 527 -38.39 -17.36 -6.33
N MET C 528 -38.94 -18.12 -5.38
CA MET C 528 -38.50 -17.99 -3.99
C MET C 528 -37.12 -18.58 -3.79
N ALA C 529 -36.82 -19.68 -4.50
CA ALA C 529 -35.50 -20.28 -4.43
C ALA C 529 -34.44 -19.37 -5.03
N LEU C 530 -34.83 -18.53 -5.99
CA LEU C 530 -33.91 -17.56 -6.56
C LEU C 530 -33.67 -16.41 -5.58
N PHE C 531 -34.64 -16.11 -4.75
CA PHE C 531 -34.50 -15.01 -3.80
C PHE C 531 -33.84 -15.47 -2.52
N SER C 532 -34.03 -16.74 -2.16
CA SER C 532 -33.37 -17.28 -0.97
C SER C 532 -31.88 -17.46 -1.20
N THR C 533 -31.49 -17.93 -2.38
CA THR C 533 -30.08 -18.14 -2.69
C THR C 533 -29.35 -16.81 -2.83
N PHE C 534 -30.05 -15.77 -3.30
CA PHE C 534 -29.50 -14.43 -3.30
C PHE C 534 -29.23 -13.92 -1.87
N GLU C 535 -30.16 -14.21 -0.96
CA GLU C 535 -30.00 -13.78 0.42
C GLU C 535 -28.97 -14.62 1.16
N LEU C 536 -28.89 -15.91 0.86
CA LEU C 536 -27.87 -16.77 1.45
C LEU C 536 -26.48 -16.45 0.94
N PHE C 537 -26.38 -15.89 -0.26
CA PHE C 537 -25.09 -15.48 -0.78
C PHE C 537 -24.52 -14.31 0.01
N LEU C 538 -25.34 -13.32 0.30
CA LEU C 538 -24.92 -12.14 1.02
C LEU C 538 -24.96 -12.32 2.53
N THR C 539 -25.35 -13.52 3.00
CA THR C 539 -25.44 -13.91 4.41
C THR C 539 -26.35 -12.96 5.18
N ILE C 540 -27.49 -12.62 4.59
CA ILE C 540 -28.46 -11.75 5.23
C ILE C 540 -29.69 -12.51 5.71
N ILE C 541 -29.77 -13.81 5.44
CA ILE C 541 -30.63 -14.73 6.16
C ILE C 541 -29.78 -15.93 6.55
N ASP C 542 -30.22 -16.65 7.58
CA ASP C 542 -29.49 -17.80 8.05
C ASP C 542 -29.65 -18.97 7.10
N GLY C 543 -28.70 -19.92 7.17
CA GLY C 543 -28.79 -21.16 6.45
C GLY C 543 -29.99 -21.97 6.90
N PRO C 544 -30.67 -22.62 5.96
CA PRO C 544 -31.85 -23.44 6.31
C PRO C 544 -31.50 -24.64 7.17
N ALA C 545 -32.28 -24.84 8.24
CA ALA C 545 -32.06 -25.92 9.18
C ALA C 545 -33.35 -26.16 9.95
N ASN C 546 -33.60 -27.42 10.30
CA ASN C 546 -34.76 -27.70 11.15
C ASN C 546 -34.36 -28.44 12.43
N TYR C 547 -33.58 -29.51 12.27
CA TYR C 547 -33.04 -30.43 13.28
C TYR C 547 -34.10 -31.36 13.87
N ASN C 548 -35.36 -31.14 13.56
CA ASN C 548 -36.45 -32.02 14.00
C ASN C 548 -36.84 -33.02 12.92
N VAL C 549 -36.30 -32.87 11.72
CA VAL C 549 -36.67 -33.69 10.59
C VAL C 549 -35.39 -33.96 9.80
N ASP C 550 -35.41 -34.99 8.98
CA ASP C 550 -34.24 -35.35 8.17
C ASP C 550 -34.24 -34.57 6.87
N LEU C 551 -33.24 -33.73 6.70
CA LEU C 551 -33.02 -33.02 5.45
C LEU C 551 -32.31 -33.93 4.46
N PRO C 552 -32.39 -33.66 3.16
CA PRO C 552 -31.67 -34.51 2.19
C PRO C 552 -30.16 -34.37 2.32
N PHE C 553 -29.45 -35.46 2.03
CA PHE C 553 -27.99 -35.44 2.10
C PHE C 553 -27.40 -34.58 1.01
N MET C 554 -28.12 -34.44 -0.10
CA MET C 554 -27.60 -33.67 -1.22
C MET C 554 -27.66 -32.18 -0.91
N TYR C 555 -28.47 -31.78 0.07
CA TYR C 555 -28.51 -30.39 0.53
C TYR C 555 -27.23 -30.00 1.25
N SER C 556 -26.72 -30.88 2.12
CA SER C 556 -25.62 -30.50 3.01
C SER C 556 -24.31 -30.35 2.26
N ILE C 557 -24.09 -31.17 1.22
CA ILE C 557 -22.86 -31.05 0.46
C ILE C 557 -22.95 -29.92 -0.54
N THR C 558 -24.17 -29.55 -0.94
CA THR C 558 -24.34 -28.45 -1.88
C THR C 558 -24.24 -27.12 -1.17
N TYR C 559 -24.81 -27.03 0.03
CA TYR C 559 -24.78 -25.76 0.76
C TYR C 559 -23.40 -25.52 1.35
N ALA C 560 -22.63 -26.58 1.60
CA ALA C 560 -21.24 -26.41 2.01
C ALA C 560 -20.40 -25.90 0.86
N ALA C 561 -20.62 -26.44 -0.34
CA ALA C 561 -19.91 -25.95 -1.52
C ALA C 561 -20.34 -24.53 -1.85
N PHE C 562 -21.61 -24.21 -1.64
CA PHE C 562 -22.13 -22.86 -1.89
C PHE C 562 -21.53 -21.86 -0.92
N ALA C 563 -21.39 -22.23 0.36
CA ALA C 563 -20.95 -21.30 1.37
C ALA C 563 -19.46 -20.99 1.24
N ILE C 564 -18.68 -21.95 0.75
CA ILE C 564 -17.25 -21.72 0.55
C ILE C 564 -17.02 -20.84 -0.67
N ILE C 565 -17.81 -21.06 -1.73
CA ILE C 565 -17.73 -20.26 -2.94
C ILE C 565 -18.16 -18.81 -2.66
N ALA C 566 -19.24 -18.65 -1.90
CA ALA C 566 -19.76 -17.31 -1.62
C ALA C 566 -18.83 -16.53 -0.70
N THR C 567 -18.12 -17.23 0.19
CA THR C 567 -17.19 -16.56 1.09
C THR C 567 -15.96 -16.08 0.34
N LEU C 568 -15.45 -16.91 -0.57
CA LEU C 568 -14.26 -16.54 -1.33
C LEU C 568 -14.55 -15.41 -2.30
N LEU C 569 -15.76 -15.37 -2.85
CA LEU C 569 -16.06 -14.35 -3.85
C LEU C 569 -16.39 -13.01 -3.21
N MET C 570 -16.86 -13.02 -1.96
CA MET C 570 -17.09 -11.76 -1.28
C MET C 570 -15.80 -11.20 -0.70
N LEU C 571 -14.78 -12.05 -0.51
CA LEU C 571 -13.47 -11.54 -0.13
C LEU C 571 -12.69 -11.09 -1.36
N ASN C 572 -12.90 -11.75 -2.50
CA ASN C 572 -12.25 -11.33 -3.73
C ASN C 572 -12.85 -10.03 -4.26
N LEU C 573 -14.08 -9.71 -3.85
CA LEU C 573 -14.66 -8.42 -4.20
C LEU C 573 -13.93 -7.29 -3.50
N LEU C 574 -13.58 -7.50 -2.23
CA LEU C 574 -12.91 -6.49 -1.42
C LEU C 574 -11.48 -6.25 -1.90
N ILE C 575 -10.77 -7.31 -2.27
CA ILE C 575 -9.37 -7.18 -2.69
C ILE C 575 -9.28 -6.54 -4.07
N ALA C 576 -10.24 -6.86 -4.95
CA ALA C 576 -10.22 -6.30 -6.29
C ALA C 576 -10.61 -4.83 -6.29
N MET C 577 -11.43 -4.41 -5.33
CA MET C 577 -11.74 -2.99 -5.18
C MET C 577 -10.55 -2.22 -4.62
N MET C 578 -9.76 -2.86 -3.76
CA MET C 578 -8.55 -2.24 -3.24
C MET C 578 -7.50 -2.06 -4.31
N GLY C 579 -7.33 -3.08 -5.17
CA GLY C 579 -6.32 -2.98 -6.21
C GLY C 579 -6.73 -2.07 -7.34
N ASP C 580 -8.04 -1.82 -7.46
CA ASP C 580 -8.51 -0.92 -8.50
C ASP C 580 -8.63 0.51 -7.99
N THR C 581 -8.73 0.66 -6.66
CA THR C 581 -8.58 1.99 -6.05
C THR C 581 -7.15 2.48 -6.19
N HIS C 582 -6.18 1.62 -5.91
CA HIS C 582 -4.76 1.97 -6.04
C HIS C 582 -4.39 2.35 -7.46
N TRP C 583 -4.98 1.66 -8.45
CA TRP C 583 -4.63 1.93 -9.83
C TRP C 583 -5.10 3.30 -10.28
N ARG C 584 -6.31 3.70 -9.91
CA ARG C 584 -6.84 4.95 -10.40
C ARG C 584 -6.31 6.15 -9.62
N VAL C 585 -5.81 5.93 -8.40
CA VAL C 585 -5.26 7.03 -7.61
C VAL C 585 -3.79 7.23 -7.96
N ALA C 586 -3.03 6.14 -7.99
CA ALA C 586 -1.58 6.24 -8.14
C ALA C 586 -1.07 6.15 -9.57
N HIS C 587 -1.80 5.51 -10.48
CA HIS C 587 -1.24 5.23 -11.80
C HIS C 587 -1.94 5.99 -12.92
N GLU C 588 -3.26 6.11 -12.84
CA GLU C 588 -4.00 6.78 -13.90
C GLU C 588 -3.83 8.28 -13.84
N ARG C 589 -3.78 8.83 -12.61
CA ARG C 589 -3.67 10.26 -12.33
C ARG C 589 -4.75 11.07 -13.04
N ASP C 590 -6.01 10.72 -12.80
CA ASP C 590 -7.14 11.34 -13.48
C ASP C 590 -7.75 12.36 -12.53
N GLU C 591 -7.91 13.60 -13.01
CA GLU C 591 -8.22 14.74 -12.14
C GLU C 591 -9.59 14.65 -11.48
N LEU C 592 -10.64 14.98 -12.24
CA LEU C 592 -12.05 14.79 -11.92
C LEU C 592 -12.59 15.50 -10.68
N TRP C 593 -11.78 16.27 -9.94
CA TRP C 593 -12.33 16.87 -8.73
C TRP C 593 -12.75 18.32 -8.99
N ARG C 594 -12.21 18.94 -10.03
CA ARG C 594 -12.52 20.33 -10.31
C ARG C 594 -13.73 20.44 -11.23
N ALA C 595 -13.80 19.58 -12.26
CA ALA C 595 -14.80 19.75 -13.31
C ALA C 595 -16.21 19.40 -12.85
N GLN C 596 -16.33 18.82 -11.67
CA GLN C 596 -17.65 18.46 -11.16
C GLN C 596 -18.23 19.58 -10.31
N ILE C 597 -17.42 20.58 -9.94
CA ILE C 597 -18.00 21.79 -9.37
C ILE C 597 -17.95 22.93 -10.38
N VAL C 598 -17.25 22.73 -11.50
CA VAL C 598 -17.33 23.69 -12.60
C VAL C 598 -18.68 23.56 -13.31
N ALA C 599 -19.02 22.33 -13.72
CA ALA C 599 -20.22 22.12 -14.52
C ALA C 599 -21.48 22.22 -13.65
N THR C 600 -21.32 22.06 -12.34
CA THR C 600 -22.40 22.39 -11.43
C THR C 600 -22.64 23.89 -11.41
N THR C 601 -21.56 24.66 -11.45
CA THR C 601 -21.66 26.12 -11.37
C THR C 601 -22.24 26.71 -12.65
N VAL C 602 -22.02 26.04 -13.79
CA VAL C 602 -22.54 26.54 -15.05
C VAL C 602 -24.05 26.38 -15.13
N MET C 603 -24.55 25.20 -14.73
CA MET C 603 -25.99 24.93 -14.83
C MET C 603 -26.78 25.78 -13.83
N LEU C 604 -26.17 26.13 -12.70
CA LEU C 604 -26.80 27.10 -11.81
C LEU C 604 -26.78 28.50 -12.39
N GLU C 605 -25.71 28.85 -13.10
CA GLU C 605 -25.55 30.22 -13.59
C GLU C 605 -26.50 30.48 -14.76
N ARG C 606 -26.84 29.44 -15.51
CA ARG C 606 -27.81 29.61 -16.60
C ARG C 606 -29.22 29.77 -16.06
N LYS C 607 -29.60 28.91 -15.11
CA LYS C 607 -30.98 28.86 -14.64
C LYS C 607 -31.33 29.99 -13.69
N LEU C 608 -30.35 30.69 -13.15
CA LEU C 608 -30.62 31.79 -12.23
C LEU C 608 -30.40 33.12 -12.91
N PRO C 609 -31.19 34.15 -12.57
CA PRO C 609 -31.04 35.45 -13.22
C PRO C 609 -29.79 36.18 -12.76
N ARG C 610 -29.38 37.15 -13.60
CA ARG C 610 -28.17 37.94 -13.40
C ARG C 610 -28.22 38.80 -12.14
N CYS C 611 -29.41 39.18 -11.68
CA CYS C 611 -29.55 39.99 -10.47
C CYS C 611 -29.12 39.26 -9.21
N LEU C 612 -29.14 37.93 -9.20
CA LEU C 612 -28.64 37.17 -8.06
C LEU C 612 -27.23 36.64 -8.27
N TRP C 613 -26.75 36.63 -9.51
CA TRP C 613 -25.42 36.14 -9.86
C TRP C 613 -24.60 37.31 -10.38
N PRO C 614 -23.81 37.96 -9.53
CA PRO C 614 -22.94 39.04 -10.01
C PRO C 614 -21.84 38.49 -10.90
N ARG C 615 -21.44 39.31 -11.88
CA ARG C 615 -20.35 38.95 -12.78
C ARG C 615 -19.04 38.90 -12.01
N SER C 616 -18.33 37.79 -12.16
CA SER C 616 -17.11 37.57 -11.40
C SER C 616 -15.98 38.43 -11.93
N GLY C 617 -15.12 38.87 -11.03
CA GLY C 617 -14.07 39.82 -11.36
C GLY C 617 -14.59 41.24 -11.42
N ILE C 618 -13.65 42.17 -11.49
CA ILE C 618 -13.96 43.60 -11.49
C ILE C 618 -13.80 44.16 -12.89
N CYS C 619 -14.59 45.18 -13.20
CA CYS C 619 -14.67 45.70 -14.55
C CYS C 619 -13.70 46.87 -14.75
N GLY C 620 -13.79 47.48 -15.93
CA GLY C 620 -13.05 48.68 -16.23
C GLY C 620 -13.92 49.91 -16.18
N ARG C 621 -13.47 50.98 -16.85
CA ARG C 621 -14.16 52.26 -17.06
C ARG C 621 -14.35 53.09 -15.78
N GLU C 622 -13.96 52.54 -14.63
CA GLU C 622 -13.84 53.29 -13.40
C GLU C 622 -12.37 53.28 -13.04
N TYR C 623 -11.61 52.44 -13.74
CA TYR C 623 -10.19 52.27 -13.50
C TYR C 623 -9.46 52.38 -14.83
N GLY C 624 -10.23 52.37 -15.92
CA GLY C 624 -9.72 52.68 -17.24
C GLY C 624 -8.78 51.68 -17.86
N LEU C 625 -9.27 50.48 -18.16
CA LEU C 625 -8.47 49.50 -18.88
C LEU C 625 -9.24 48.97 -20.08
N GLY C 626 -10.54 49.24 -20.12
CA GLY C 626 -11.41 48.79 -21.17
C GLY C 626 -12.76 48.35 -20.63
N ASP C 627 -13.44 47.52 -21.41
CA ASP C 627 -14.66 46.87 -20.97
C ASP C 627 -14.41 45.51 -20.34
N ARG C 628 -13.14 45.17 -20.10
CA ARG C 628 -12.76 43.79 -19.81
C ARG C 628 -12.79 43.55 -18.30
N TRP C 629 -13.23 42.36 -17.93
CA TRP C 629 -13.49 42.00 -16.54
C TRP C 629 -12.29 41.28 -15.94
N PHE C 630 -11.45 42.02 -15.24
CA PHE C 630 -10.16 41.52 -14.78
C PHE C 630 -10.28 40.82 -13.43
N LEU C 631 -9.24 40.06 -13.08
CA LEU C 631 -9.16 39.37 -11.80
C LEU C 631 -7.76 39.54 -11.22
N ARG C 632 -7.70 40.01 -9.98
CA ARG C 632 -6.44 40.30 -9.31
C ARG C 632 -6.00 39.11 -8.45
N VAL C 633 -4.76 38.68 -8.62
CA VAL C 633 -4.20 37.56 -7.89
C VAL C 633 -2.89 38.04 -7.26
N GLU C 634 -2.73 37.84 -5.95
CA GLU C 634 -1.51 38.23 -5.26
C GLU C 634 -0.81 36.99 -4.70
N ASP C 635 0.51 36.94 -4.88
CA ASP C 635 1.26 35.77 -4.46
C ASP C 635 2.63 36.17 -3.93
N ARG C 636 3.25 35.22 -3.22
CA ARG C 636 4.56 35.41 -2.60
C ARG C 636 5.58 34.54 -3.33
N GLN C 637 6.71 35.14 -3.71
CA GLN C 637 7.66 34.43 -4.57
C GLN C 637 8.60 33.54 -3.78
N ASP C 638 8.97 33.97 -2.57
CA ASP C 638 9.94 33.30 -1.68
C ASP C 638 11.29 33.05 -2.35
N GLU D 27 -15.11 37.23 0.42
CA GLU D 27 -15.59 38.23 1.36
C GLU D 27 -15.60 39.62 0.74
N SER D 28 -16.48 40.49 1.24
CA SER D 28 -16.48 41.88 0.80
C SER D 28 -15.35 42.67 1.42
N TRP D 29 -14.66 42.12 2.41
CA TRP D 29 -13.41 42.69 2.89
C TRP D 29 -12.33 42.59 1.83
N ALA D 30 -12.12 41.38 1.29
CA ALA D 30 -11.10 41.18 0.26
C ALA D 30 -11.54 41.79 -1.07
N GLN D 31 -12.85 41.94 -1.27
CA GLN D 31 -13.36 42.67 -2.43
C GLN D 31 -12.99 44.15 -2.32
N SER D 32 -13.08 44.70 -1.11
CA SER D 32 -12.77 46.12 -0.92
C SER D 32 -11.28 46.37 -1.03
N ARG D 33 -10.45 45.35 -0.73
CA ARG D 33 -9.01 45.49 -0.91
C ARG D 33 -8.64 45.60 -2.39
N ASP D 34 -9.26 44.80 -3.25
CA ASP D 34 -8.89 44.79 -4.66
C ASP D 34 -9.37 46.04 -5.38
N GLU D 35 -10.38 46.72 -4.83
CA GLU D 35 -10.87 47.95 -5.44
C GLU D 35 -9.85 49.07 -5.31
N GLN D 36 -9.20 49.16 -4.16
CA GLN D 36 -8.27 50.26 -3.93
C GLN D 36 -6.90 49.97 -4.54
N ASN D 37 -6.64 48.71 -4.89
CA ASN D 37 -5.44 48.41 -5.67
C ASN D 37 -5.61 48.85 -7.12
N LEU D 38 -6.84 48.83 -7.63
CA LEU D 38 -7.09 49.35 -8.97
C LEU D 38 -7.32 50.86 -8.93
N LEU D 39 -7.87 51.36 -7.82
CA LEU D 39 -8.06 52.80 -7.66
C LEU D 39 -6.74 53.52 -7.54
N GLN D 40 -5.73 52.85 -6.97
CA GLN D 40 -4.37 53.38 -6.89
C GLN D 40 -3.77 53.54 -8.27
N GLN D 41 -3.93 52.52 -9.12
CA GLN D 41 -3.33 52.56 -10.45
C GLN D 41 -4.06 53.53 -11.37
N LYS D 42 -5.32 53.81 -11.07
CA LYS D 42 -6.06 54.80 -11.86
C LYS D 42 -5.61 56.22 -11.54
N ARG D 43 -5.48 56.54 -10.26
CA ARG D 43 -5.15 57.90 -9.85
C ARG D 43 -3.70 58.26 -10.18
N ILE D 44 -2.82 57.25 -10.31
CA ILE D 44 -1.48 57.51 -10.82
C ILE D 44 -1.54 57.80 -12.32
N TRP D 45 -2.37 57.04 -13.03
CA TRP D 45 -2.46 57.16 -14.48
C TRP D 45 -3.15 58.46 -14.88
N GLU D 46 -3.97 59.03 -13.99
CA GLU D 46 -4.57 60.34 -14.23
C GLU D 46 -3.54 61.44 -14.09
N SER D 47 -2.88 61.53 -12.94
CA SER D 47 -1.94 62.60 -12.62
C SER D 47 -0.65 62.46 -13.43
N PRO D 48 -0.21 63.53 -14.10
CA PRO D 48 1.07 63.45 -14.82
C PRO D 48 2.28 63.38 -13.89
N LEU D 49 2.14 63.87 -12.65
CA LEU D 49 3.25 63.83 -11.71
C LEU D 49 3.49 62.42 -11.19
N LEU D 50 2.41 61.71 -10.86
CA LEU D 50 2.50 60.36 -10.31
C LEU D 50 2.90 59.37 -11.39
N LEU D 51 2.48 59.62 -12.63
CA LEU D 51 2.78 58.71 -13.73
C LEU D 51 4.25 58.76 -14.11
N ALA D 52 4.84 59.97 -14.11
CA ALA D 52 6.23 60.11 -14.52
C ALA D 52 7.17 59.57 -13.44
N ALA D 53 6.73 59.57 -12.19
CA ALA D 53 7.47 58.93 -11.11
C ALA D 53 7.47 57.41 -11.28
N LYS D 54 6.32 56.86 -11.68
CA LYS D 54 6.19 55.44 -11.96
C LYS D 54 7.03 54.99 -13.14
N ASP D 55 6.81 55.59 -14.30
CA ASP D 55 7.44 55.16 -15.54
C ASP D 55 8.88 55.63 -15.69
N ASN D 56 9.42 56.35 -14.68
CA ASN D 56 10.78 56.88 -14.65
C ASN D 56 11.02 57.81 -15.85
N ASP D 57 10.06 58.72 -16.07
CA ASP D 57 10.17 59.71 -17.15
C ASP D 57 10.63 61.05 -16.56
N VAL D 58 11.96 61.15 -16.39
CA VAL D 58 12.56 62.33 -15.76
C VAL D 58 12.51 63.55 -16.67
N GLN D 59 12.22 63.36 -17.95
CA GLN D 59 11.92 64.46 -18.87
C GLN D 59 10.69 65.22 -18.41
N ALA D 60 9.70 64.50 -17.88
CA ALA D 60 8.48 65.14 -17.43
C ALA D 60 8.62 65.71 -16.02
N LEU D 61 9.60 65.24 -15.25
CA LEU D 61 9.82 65.72 -13.88
C LEU D 61 10.25 67.18 -13.84
N ASN D 62 11.22 67.55 -14.68
CA ASN D 62 11.73 68.92 -14.66
C ASN D 62 10.70 69.90 -15.22
N LYS D 63 9.85 69.44 -16.13
CA LYS D 63 8.85 70.31 -16.72
C LYS D 63 7.75 70.65 -15.74
N LEU D 64 7.29 69.65 -14.97
CA LEU D 64 6.17 69.87 -14.06
C LEU D 64 6.58 70.66 -12.82
N LEU D 65 7.87 70.78 -12.55
CA LEU D 65 8.31 71.60 -11.42
C LEU D 65 8.53 73.05 -11.83
N LYS D 66 9.01 73.28 -13.05
CA LYS D 66 9.21 74.65 -13.51
C LYS D 66 7.90 75.34 -13.88
N TYR D 67 6.82 74.57 -14.06
CA TYR D 67 5.50 75.16 -14.28
C TYR D 67 5.01 75.92 -13.06
N GLU D 68 4.96 75.25 -11.91
CA GLU D 68 4.50 75.84 -10.65
C GLU D 68 4.93 74.90 -9.53
N ASP D 69 5.11 75.42 -8.31
CA ASP D 69 5.23 74.55 -7.15
C ASP D 69 3.88 73.95 -6.81
N CYS D 70 3.49 72.91 -7.55
CA CYS D 70 2.13 72.40 -7.55
C CYS D 70 1.83 71.53 -6.34
N LYS D 71 0.72 70.80 -6.40
CA LYS D 71 0.32 69.92 -5.31
C LYS D 71 1.23 68.71 -5.25
N VAL D 72 2.33 68.82 -4.50
CA VAL D 72 3.25 67.71 -4.30
C VAL D 72 2.83 66.97 -3.03
N HIS D 73 1.69 67.34 -2.48
CA HIS D 73 1.08 66.65 -1.35
C HIS D 73 -0.29 66.12 -1.77
N GLN D 74 -0.37 65.60 -3.00
CA GLN D 74 -1.57 64.92 -3.48
C GLN D 74 -1.70 63.59 -2.74
N ARG D 75 -2.58 63.56 -1.75
CA ARG D 75 -2.86 62.34 -1.01
C ARG D 75 -3.95 61.57 -1.75
N GLY D 76 -3.57 60.51 -2.44
CA GLY D 76 -4.47 59.78 -3.30
C GLY D 76 -5.38 58.81 -2.57
N ALA D 77 -5.51 57.59 -3.12
CA ALA D 77 -6.43 56.61 -2.54
C ALA D 77 -5.94 56.11 -1.20
N MET D 78 -4.77 55.47 -1.19
CA MET D 78 -4.16 54.99 0.05
C MET D 78 -3.14 55.99 0.59
N GLY D 79 -3.56 57.26 0.62
CA GLY D 79 -2.81 58.38 1.18
C GLY D 79 -1.34 58.57 0.83
N GLU D 80 -0.91 58.10 -0.33
CA GLU D 80 0.50 58.14 -0.66
C GLU D 80 0.85 59.39 -1.46
N THR D 81 2.15 59.65 -1.56
CA THR D 81 2.68 60.78 -2.31
C THR D 81 3.43 60.27 -3.53
N ALA D 82 4.05 61.19 -4.26
CA ALA D 82 4.82 60.80 -5.44
C ALA D 82 6.14 60.15 -5.06
N LEU D 83 6.64 60.45 -3.87
CA LEU D 83 7.88 59.84 -3.42
C LEU D 83 7.66 58.38 -3.05
N HIS D 84 6.47 58.05 -2.56
CA HIS D 84 6.11 56.66 -2.27
C HIS D 84 6.04 55.85 -3.55
N ILE D 85 5.53 56.45 -4.63
CA ILE D 85 5.39 55.76 -5.89
C ILE D 85 6.74 55.58 -6.55
N ALA D 86 7.65 56.54 -6.37
CA ALA D 86 9.01 56.38 -6.87
C ALA D 86 9.75 55.29 -6.10
N ALA D 87 9.39 55.11 -4.83
CA ALA D 87 10.01 54.05 -4.03
C ALA D 87 9.39 52.70 -4.35
N LEU D 88 8.09 52.68 -4.69
CA LEU D 88 7.39 51.42 -4.89
C LEU D 88 7.80 50.75 -6.20
N TYR D 89 8.12 51.55 -7.22
CA TYR D 89 8.48 51.01 -8.52
C TYR D 89 9.97 51.07 -8.80
N ASP D 90 10.78 51.37 -7.78
CA ASP D 90 12.24 51.37 -7.81
C ASP D 90 12.83 52.29 -8.87
N ASN D 91 12.60 53.59 -8.73
CA ASN D 91 13.06 54.58 -9.70
C ASN D 91 13.97 55.56 -8.96
N LEU D 92 15.28 55.37 -9.14
CA LEU D 92 16.27 56.18 -8.45
C LEU D 92 16.24 57.63 -8.93
N GLU D 93 16.19 57.83 -10.25
CA GLU D 93 16.29 59.17 -10.82
C GLU D 93 15.03 59.99 -10.54
N ALA D 94 13.87 59.33 -10.52
CA ALA D 94 12.63 60.04 -10.24
C ALA D 94 12.51 60.38 -8.76
N ALA D 95 13.11 59.58 -7.90
CA ALA D 95 12.98 59.78 -6.45
C ALA D 95 13.85 60.92 -5.97
N MET D 96 15.00 61.13 -6.63
CA MET D 96 15.92 62.18 -6.23
C MET D 96 15.34 63.57 -6.47
N VAL D 97 14.70 63.74 -7.63
CA VAL D 97 14.21 65.05 -8.08
C VAL D 97 13.12 65.55 -7.15
N LEU D 98 12.31 64.63 -6.61
CA LEU D 98 11.33 64.96 -5.59
C LEU D 98 12.00 65.47 -4.30
N MET D 99 13.18 64.96 -3.99
CA MET D 99 13.82 65.28 -2.72
C MET D 99 14.49 66.65 -2.75
N GLU D 100 15.09 67.03 -3.89
CA GLU D 100 15.69 68.36 -3.95
C GLU D 100 14.62 69.44 -4.12
N ALA D 101 13.54 69.12 -4.83
CA ALA D 101 12.50 70.11 -5.08
C ALA D 101 11.68 70.38 -3.82
N ALA D 102 11.26 69.33 -3.13
CA ALA D 102 10.48 69.43 -1.90
C ALA D 102 11.02 68.42 -0.90
N PRO D 103 11.89 68.86 0.02
CA PRO D 103 12.48 67.90 0.97
C PRO D 103 11.54 67.45 2.08
N GLU D 104 10.32 67.99 2.15
CA GLU D 104 9.42 67.72 3.26
C GLU D 104 8.57 66.47 3.04
N LEU D 105 8.90 65.69 2.01
CA LEU D 105 8.10 64.50 1.68
C LEU D 105 8.68 63.24 2.33
N VAL D 106 9.92 63.31 2.79
CA VAL D 106 10.53 62.16 3.47
C VAL D 106 9.93 62.04 4.86
N PHE D 107 9.45 63.14 5.42
CA PHE D 107 8.77 63.12 6.71
C PHE D 107 7.27 63.00 6.53
N GLU D 108 6.81 62.05 5.72
CA GLU D 108 5.38 61.90 5.46
C GLU D 108 5.02 60.43 5.48
N PRO D 109 4.12 60.01 6.36
CA PRO D 109 3.62 58.63 6.30
C PRO D 109 2.36 58.53 5.46
N MET D 110 2.03 57.32 5.00
CA MET D 110 0.72 57.07 4.41
C MET D 110 -0.36 57.15 5.49
N THR D 111 -1.51 57.70 5.13
CA THR D 111 -2.52 58.05 6.12
C THR D 111 -3.82 57.25 5.98
N SER D 112 -3.82 56.19 5.18
CA SER D 112 -5.03 55.37 5.06
C SER D 112 -5.07 54.33 6.17
N GLU D 113 -6.06 53.44 6.12
CA GLU D 113 -6.20 52.38 7.11
C GLU D 113 -5.39 51.14 6.75
N LEU D 114 -5.26 50.84 5.46
CA LEU D 114 -4.58 49.62 5.03
C LEU D 114 -3.06 49.76 5.19
N TYR D 115 -2.55 50.98 5.05
CA TYR D 115 -1.10 51.22 5.11
C TYR D 115 -0.76 52.34 6.08
N GLU D 116 -1.30 52.29 7.30
CA GLU D 116 -1.13 53.38 8.25
C GLU D 116 0.31 53.47 8.75
N GLY D 117 0.91 54.65 8.55
CA GLY D 117 2.20 54.96 9.13
C GLY D 117 3.39 54.62 8.27
N GLN D 118 3.17 53.99 7.12
CA GLN D 118 4.28 53.57 6.28
C GLN D 118 4.88 54.78 5.56
N THR D 119 6.21 54.92 5.70
CA THR D 119 6.92 56.01 5.05
C THR D 119 7.61 55.48 3.81
N ALA D 120 8.30 56.37 3.10
CA ALA D 120 9.05 55.96 1.92
C ALA D 120 10.28 55.16 2.30
N LEU D 121 10.77 55.32 3.53
CA LEU D 121 11.91 54.56 3.99
C LEU D 121 11.56 53.10 4.19
N HIS D 122 10.33 52.82 4.62
CA HIS D 122 9.84 51.45 4.72
C HIS D 122 9.80 50.76 3.35
N ILE D 123 9.45 51.53 2.32
CA ILE D 123 9.21 50.94 1.01
C ILE D 123 10.53 50.59 0.33
N ALA D 124 11.51 51.49 0.40
CA ALA D 124 12.79 51.25 -0.26
C ALA D 124 13.61 50.17 0.43
N VAL D 125 13.36 49.96 1.73
CA VAL D 125 14.08 48.93 2.47
C VAL D 125 13.60 47.54 2.05
N VAL D 126 12.27 47.36 1.93
CA VAL D 126 11.71 46.09 1.50
C VAL D 126 12.11 45.77 0.07
N ASN D 127 12.11 46.78 -0.79
CA ASN D 127 12.50 46.62 -2.18
C ASN D 127 14.02 46.55 -2.36
N GLN D 128 14.78 46.79 -1.30
CA GLN D 128 16.25 46.65 -1.25
C GLN D 128 16.96 47.55 -2.25
N ASN D 129 16.39 48.73 -2.50
CA ASN D 129 17.00 49.71 -3.39
C ASN D 129 18.02 50.49 -2.55
N MET D 130 19.22 49.92 -2.45
CA MET D 130 20.17 50.32 -1.42
C MET D 130 20.82 51.67 -1.75
N ASN D 131 20.79 52.08 -3.02
CA ASN D 131 21.29 53.39 -3.39
C ASN D 131 20.31 54.47 -2.95
N LEU D 132 19.02 54.15 -2.93
CA LEU D 132 18.03 55.09 -2.44
C LEU D 132 18.09 55.21 -0.93
N VAL D 133 18.58 54.16 -0.25
CA VAL D 133 18.67 54.16 1.20
C VAL D 133 19.71 55.17 1.67
N ARG D 134 20.81 55.31 0.91
CA ARG D 134 21.79 56.36 1.19
C ARG D 134 21.20 57.76 1.04
N ALA D 135 20.37 57.96 0.02
CA ALA D 135 19.80 59.27 -0.25
C ALA D 135 18.72 59.62 0.76
N LEU D 136 18.02 58.62 1.28
CA LEU D 136 16.98 58.88 2.26
C LEU D 136 17.55 59.09 3.65
N LEU D 137 18.60 58.36 4.02
CA LEU D 137 19.21 58.55 5.32
C LEU D 137 20.04 59.83 5.38
N ALA D 138 20.43 60.34 4.22
CA ALA D 138 21.11 61.63 4.14
C ALA D 138 20.16 62.76 4.55
N ARG D 139 18.88 62.61 4.24
CA ARG D 139 17.88 63.62 4.56
C ARG D 139 17.12 63.31 5.84
N ARG D 140 17.78 62.63 6.79
CA ARG D 140 17.33 62.30 8.15
C ARG D 140 15.90 61.74 8.18
N ALA D 141 15.70 60.70 7.37
CA ALA D 141 14.45 59.96 7.36
C ALA D 141 14.32 59.17 8.66
N SER D 142 13.12 59.17 9.22
CA SER D 142 12.85 58.55 10.52
C SER D 142 13.01 57.03 10.48
N VAL D 143 13.98 56.51 11.24
CA VAL D 143 14.22 55.08 11.32
C VAL D 143 13.46 54.50 12.50
N SER D 144 12.60 55.30 13.12
CA SER D 144 11.79 54.84 14.24
C SER D 144 10.30 55.02 13.99
N ALA D 145 9.89 55.26 12.75
CA ALA D 145 8.47 55.35 12.45
C ALA D 145 7.84 53.97 12.46
N ARG D 146 6.60 53.91 12.93
CA ARG D 146 5.91 52.64 13.15
C ARG D 146 4.79 52.50 12.14
N ALA D 147 4.94 51.53 11.24
CA ALA D 147 3.92 51.21 10.23
C ALA D 147 2.84 50.37 10.91
N THR D 148 1.82 51.04 11.44
CA THR D 148 0.81 50.38 12.24
C THR D 148 -0.46 50.08 11.44
N GLY D 149 -0.29 49.74 10.16
CA GLY D 149 -1.42 49.50 9.29
C GLY D 149 -2.00 48.10 9.46
N THR D 150 -3.18 47.90 8.87
CA THR D 150 -3.83 46.59 8.94
C THR D 150 -3.16 45.57 8.05
N ALA D 151 -2.37 46.00 7.07
CA ALA D 151 -1.58 45.10 6.24
C ALA D 151 -0.19 44.85 6.79
N PHE D 152 0.03 45.17 8.07
CA PHE D 152 1.32 44.93 8.71
C PHE D 152 1.19 44.12 9.99
N ARG D 153 -0.01 43.97 10.54
CA ARG D 153 -0.23 43.14 11.70
C ARG D 153 -0.09 41.67 11.32
N ARG D 154 0.18 40.84 12.32
CA ARG D 154 0.24 39.41 12.08
C ARG D 154 -1.16 38.85 11.94
N SER D 155 -1.44 38.23 10.79
CA SER D 155 -2.74 37.69 10.50
C SER D 155 -2.56 36.55 9.53
N PRO D 156 -3.44 35.54 9.53
CA PRO D 156 -3.39 34.51 8.50
C PRO D 156 -3.92 34.95 7.15
N CYS D 157 -4.41 36.19 7.02
CA CYS D 157 -4.85 36.74 5.75
C CYS D 157 -3.79 37.59 5.07
N ASN D 158 -2.66 37.82 5.72
CA ASN D 158 -1.54 38.56 5.14
C ASN D 158 -0.46 37.57 4.73
N LEU D 159 0.15 37.82 3.58
CA LEU D 159 1.27 37.00 3.14
C LEU D 159 2.57 37.38 3.84
N ILE D 160 2.65 38.55 4.43
CA ILE D 160 3.87 39.02 5.08
C ILE D 160 3.54 39.39 6.52
N TYR D 161 4.48 39.11 7.42
CA TYR D 161 4.54 39.74 8.74
C TYR D 161 6.00 40.07 8.98
N PHE D 162 6.36 41.32 8.70
CA PHE D 162 7.74 41.75 8.80
C PHE D 162 7.97 42.72 9.95
N GLY D 163 6.98 42.95 10.80
CA GLY D 163 7.13 43.88 11.90
C GLY D 163 6.51 45.23 11.64
N GLU D 164 7.02 46.27 12.30
CA GLU D 164 6.48 47.62 12.14
C GLU D 164 7.58 48.65 11.99
N HIS D 165 8.83 48.23 12.06
CA HIS D 165 9.98 49.12 12.12
C HIS D 165 10.90 48.84 10.95
N PRO D 166 11.71 49.83 10.51
CA PRO D 166 12.61 49.61 9.37
C PRO D 166 13.72 48.59 9.63
N LEU D 167 14.13 48.39 10.88
CA LEU D 167 15.02 47.26 11.18
C LEU D 167 14.30 45.95 11.02
N SER D 168 13.03 45.89 11.44
CA SER D 168 12.26 44.68 11.33
C SER D 168 11.97 44.33 9.87
N PHE D 169 11.78 45.35 9.03
CA PHE D 169 11.56 45.10 7.61
C PHE D 169 12.84 44.66 6.92
N ALA D 170 13.99 45.19 7.36
CA ALA D 170 15.25 44.89 6.69
C ALA D 170 15.77 43.51 7.05
N ALA D 171 15.51 43.06 8.28
CA ALA D 171 16.04 41.78 8.73
C ALA D 171 15.31 40.61 8.08
N CYS D 172 14.04 40.82 7.72
CA CYS D 172 13.21 39.74 7.21
C CYS D 172 13.33 39.55 5.71
N VAL D 173 13.88 40.53 4.99
CA VAL D 173 14.15 40.36 3.56
C VAL D 173 15.58 39.91 3.31
N ASN D 174 16.33 39.59 4.37
CA ASN D 174 17.75 39.19 4.32
C ASN D 174 18.60 40.25 3.63
N SER D 175 18.69 41.42 4.23
CA SER D 175 19.53 42.49 3.71
C SER D 175 20.58 42.82 4.78
N GLU D 176 21.77 42.28 4.58
CA GLU D 176 22.86 42.48 5.53
C GLU D 176 23.40 43.90 5.46
N GLU D 177 23.38 44.51 4.28
CA GLU D 177 23.99 45.83 4.13
C GLU D 177 23.09 46.94 4.68
N ILE D 178 21.78 46.71 4.74
CA ILE D 178 20.88 47.74 5.22
C ILE D 178 20.77 47.70 6.75
N VAL D 179 20.84 46.51 7.34
CA VAL D 179 20.79 46.42 8.81
C VAL D 179 22.09 46.96 9.41
N ARG D 180 23.19 46.90 8.67
CA ARG D 180 24.40 47.58 9.11
C ARG D 180 24.24 49.09 8.93
N LEU D 181 23.46 49.50 7.94
CA LEU D 181 23.34 50.92 7.63
C LEU D 181 22.37 51.61 8.59
N LEU D 182 21.34 50.90 9.04
CA LEU D 182 20.31 51.54 9.86
C LEU D 182 20.72 51.64 11.32
N ILE D 183 21.50 50.68 11.81
CA ILE D 183 21.96 50.71 13.20
C ILE D 183 22.94 51.86 13.40
N GLU D 184 23.79 52.11 12.40
CA GLU D 184 24.74 53.22 12.42
C GLU D 184 24.04 54.57 12.44
N HIS D 185 22.85 54.65 11.84
CA HIS D 185 22.09 55.90 11.78
C HIS D 185 21.10 56.05 12.92
N GLY D 186 21.23 55.25 13.98
CA GLY D 186 20.48 55.46 15.20
C GLY D 186 19.15 54.75 15.31
N ALA D 187 19.04 53.53 14.80
CA ALA D 187 17.80 52.77 14.92
C ALA D 187 17.86 51.84 16.12
N ASP D 188 16.74 51.75 16.84
CA ASP D 188 16.69 50.98 18.08
C ASP D 188 16.46 49.51 17.76
N ILE D 189 17.33 48.65 18.29
CA ILE D 189 17.22 47.22 18.05
C ILE D 189 16.09 46.60 18.88
N ARG D 190 15.82 47.15 20.06
CA ARG D 190 14.86 46.58 21.00
C ARG D 190 13.51 47.29 20.93
N ALA D 191 13.19 47.86 19.77
CA ALA D 191 11.85 48.37 19.55
C ALA D 191 10.88 47.21 19.37
N GLN D 192 9.63 47.41 19.77
CA GLN D 192 8.64 46.36 19.77
C GLN D 192 7.42 46.76 18.97
N ASP D 193 6.67 45.74 18.55
CA ASP D 193 5.44 45.91 17.80
C ASP D 193 4.29 46.16 18.76
N SER D 194 3.06 46.09 18.29
CA SER D 194 1.93 45.97 19.21
C SER D 194 1.57 44.51 19.47
N LEU D 195 2.59 43.69 19.70
CA LEU D 195 2.46 42.32 20.19
C LEU D 195 3.60 42.06 21.16
N GLY D 196 4.47 43.05 21.32
CA GLY D 196 5.66 42.94 22.14
C GLY D 196 6.85 42.32 21.45
N ASN D 197 6.69 41.87 20.22
CA ASN D 197 7.77 41.20 19.49
C ASN D 197 8.88 42.17 19.14
N THR D 198 10.11 41.83 19.54
CA THR D 198 11.27 42.55 19.06
C THR D 198 11.66 42.02 17.69
N VAL D 199 12.82 42.43 17.20
CA VAL D 199 13.28 41.96 15.89
C VAL D 199 13.73 40.51 15.98
N LEU D 200 14.10 40.04 17.17
CA LEU D 200 14.57 38.67 17.32
C LEU D 200 13.40 37.69 17.30
N HIS D 201 12.23 38.15 17.77
CA HIS D 201 11.02 37.35 17.70
C HIS D 201 10.56 37.12 16.26
N ILE D 202 10.64 38.16 15.43
CA ILE D 202 10.06 38.13 14.09
C ILE D 202 10.86 37.23 13.17
N LEU D 203 12.18 37.13 13.40
CA LEU D 203 13.03 36.25 12.60
C LEU D 203 12.67 34.78 12.80
N ILE D 204 12.13 34.44 13.96
CA ILE D 204 11.66 33.09 14.22
C ILE D 204 10.39 32.80 13.44
N LEU D 205 9.62 33.83 13.10
CA LEU D 205 8.35 33.69 12.40
C LEU D 205 8.51 33.74 10.89
N GLN D 206 9.72 33.57 10.37
CA GLN D 206 9.99 33.69 8.95
C GLN D 206 10.05 32.31 8.31
N PRO D 207 9.66 32.18 7.03
CA PRO D 207 9.63 30.84 6.42
C PRO D 207 11.00 30.29 6.08
N ASN D 208 11.99 31.15 5.82
CA ASN D 208 13.33 30.71 5.48
C ASN D 208 14.12 30.66 6.77
N LYS D 209 14.32 29.43 7.29
CA LYS D 209 14.99 29.27 8.58
C LYS D 209 16.48 29.54 8.48
N THR D 210 17.08 29.25 7.33
CA THR D 210 18.53 29.37 7.18
C THR D 210 18.95 30.84 7.19
N PHE D 211 18.24 31.67 6.44
CA PHE D 211 18.53 33.11 6.44
C PHE D 211 18.14 33.75 7.76
N ALA D 212 17.23 33.13 8.51
CA ALA D 212 16.82 33.65 9.79
C ALA D 212 17.92 33.47 10.83
N CYS D 213 18.72 32.40 10.69
CA CYS D 213 19.76 32.13 11.67
C CYS D 213 20.95 33.05 11.50
N GLN D 214 21.32 33.35 10.24
CA GLN D 214 22.43 34.25 9.99
C GLN D 214 22.10 35.68 10.40
N MET D 215 20.84 36.09 10.19
CA MET D 215 20.44 37.43 10.60
C MET D 215 20.26 37.51 12.11
N TYR D 216 20.06 36.37 12.77
CA TYR D 216 19.91 36.35 14.22
C TYR D 216 21.25 36.64 14.90
N ASN D 217 22.32 36.01 14.40
CA ASN D 217 23.66 36.19 14.94
C ASN D 217 24.17 37.61 14.74
N LEU D 218 23.79 38.22 13.62
CA LEU D 218 24.24 39.58 13.32
C LEU D 218 23.59 40.60 14.24
N LEU D 219 22.35 40.34 14.64
CA LEU D 219 21.65 41.31 15.48
C LEU D 219 22.03 41.17 16.95
N LEU D 220 22.67 40.07 17.34
CA LEU D 220 23.19 39.96 18.70
C LEU D 220 24.55 40.60 18.81
N SER D 221 25.29 40.66 17.70
CA SER D 221 26.65 41.20 17.71
C SER D 221 26.63 42.72 17.88
N TYR D 222 25.49 43.36 17.58
CA TYR D 222 25.35 44.78 17.85
C TYR D 222 24.77 45.07 19.23
N ASP D 223 24.77 44.12 20.15
CA ASP D 223 24.35 44.37 21.52
C ASP D 223 25.59 44.44 22.40
N ARG D 224 26.66 45.06 21.87
CA ARG D 224 27.92 45.21 22.60
C ARG D 224 27.77 46.13 23.81
N HIS D 225 26.80 47.04 23.77
CA HIS D 225 26.66 48.07 24.78
C HIS D 225 25.74 47.62 25.91
N GLY D 226 25.74 46.32 26.20
CA GLY D 226 24.87 45.76 27.23
C GLY D 226 25.12 46.26 28.63
N ASP D 227 24.21 47.12 29.09
CA ASP D 227 24.12 47.55 30.48
C ASP D 227 22.67 47.53 30.90
N HIS D 228 21.80 47.38 29.89
CA HIS D 228 20.37 47.13 30.04
C HIS D 228 20.11 45.87 30.85
N LEU D 229 19.04 45.90 31.65
CA LEU D 229 18.67 44.86 32.63
C LEU D 229 18.46 43.54 31.91
N GLN D 230 17.73 43.49 30.81
CA GLN D 230 17.53 42.22 30.11
C GLN D 230 18.29 42.24 28.78
N PRO D 231 19.00 41.16 28.43
CA PRO D 231 19.53 41.03 27.07
C PRO D 231 18.41 40.80 26.07
N LEU D 232 18.73 40.99 24.79
CA LEU D 232 17.74 40.93 23.71
C LEU D 232 17.07 39.57 23.59
N ASP D 233 17.83 38.50 23.84
CA ASP D 233 17.29 37.16 23.76
C ASP D 233 16.53 36.77 25.03
N LEU D 234 16.44 37.69 25.99
CA LEU D 234 15.73 37.47 27.24
C LEU D 234 14.67 38.55 27.43
N VAL D 235 14.13 39.08 26.33
CA VAL D 235 13.06 40.05 26.39
C VAL D 235 11.77 39.37 25.95
N PRO D 236 10.74 39.32 26.78
CA PRO D 236 9.49 38.68 26.37
C PRO D 236 8.62 39.62 25.55
N ASN D 237 7.71 39.01 24.78
CA ASN D 237 6.66 39.77 24.11
C ASN D 237 5.47 39.96 25.04
N HIS D 238 4.33 40.41 24.52
CA HIS D 238 3.16 40.62 25.35
C HIS D 238 2.51 39.33 25.83
N GLN D 239 2.81 38.20 25.21
CA GLN D 239 2.37 36.92 25.74
C GLN D 239 3.35 36.33 26.76
N GLY D 240 4.48 36.99 27.00
CA GLY D 240 5.46 36.54 27.95
C GLY D 240 6.52 35.62 27.38
N LEU D 241 6.39 35.24 26.11
CA LEU D 241 7.32 34.31 25.50
C LEU D 241 8.62 34.99 25.13
N THR D 242 9.72 34.34 25.46
CA THR D 242 11.06 34.70 25.02
C THR D 242 11.26 34.19 23.59
N PRO D 243 12.33 34.65 22.89
CA PRO D 243 12.65 34.03 21.58
C PRO D 243 12.95 32.55 21.65
N PHE D 244 13.50 32.07 22.76
CA PHE D 244 13.75 30.63 22.91
C PHE D 244 12.44 29.86 23.04
N LYS D 245 11.47 30.43 23.76
CA LYS D 245 10.19 29.75 23.90
C LYS D 245 9.36 29.84 22.64
N LEU D 246 9.47 30.95 21.91
CA LEU D 246 8.70 31.11 20.68
C LEU D 246 9.20 30.16 19.59
N ALA D 247 10.48 29.81 19.63
CA ALA D 247 10.99 28.79 18.72
C ALA D 247 10.44 27.41 19.08
N GLY D 248 10.12 27.21 20.35
CA GLY D 248 9.52 25.97 20.80
C GLY D 248 8.04 25.86 20.45
N VAL D 249 7.31 26.97 20.59
CA VAL D 249 5.89 26.98 20.26
C VAL D 249 5.64 26.85 18.77
N GLU D 250 6.40 27.57 17.95
CA GLU D 250 6.15 27.59 16.52
C GLU D 250 6.72 26.38 15.79
N GLY D 251 7.39 25.47 16.49
CA GLY D 251 7.96 24.31 15.84
C GLY D 251 9.19 24.59 15.03
N ASN D 252 9.92 25.64 15.36
CA ASN D 252 11.10 26.06 14.61
C ASN D 252 12.30 25.30 15.19
N THR D 253 12.54 24.11 14.64
CA THR D 253 13.57 23.22 15.18
C THR D 253 14.96 23.68 14.79
N VAL D 254 15.08 24.46 13.71
CA VAL D 254 16.38 24.96 13.28
C VAL D 254 16.88 26.02 14.25
N MET D 255 16.00 26.95 14.63
CA MET D 255 16.40 27.99 15.58
C MET D 255 16.43 27.46 17.00
N PHE D 256 15.75 26.34 17.26
CA PHE D 256 15.73 25.77 18.61
C PHE D 256 17.09 25.18 18.97
N GLN D 257 17.68 24.41 18.05
CA GLN D 257 18.96 23.78 18.32
C GLN D 257 20.08 24.81 18.37
N HIS D 258 19.95 25.91 17.64
CA HIS D 258 20.98 26.93 17.64
C HIS D 258 20.91 27.77 18.92
N LEU D 259 19.70 28.00 19.43
CA LEU D 259 19.53 28.69 20.69
C LEU D 259 19.83 27.81 21.88
N MET D 260 19.95 26.51 21.68
CA MET D 260 20.25 25.60 22.79
C MET D 260 21.75 25.59 23.09
N GLN D 261 22.58 26.07 22.16
CA GLN D 261 24.02 26.14 22.39
C GLN D 261 24.36 27.16 23.47
N LYS D 262 23.53 28.17 23.62
CA LYS D 262 23.69 29.17 24.68
C LYS D 262 23.33 28.61 26.05
N ARG D 263 22.56 27.52 26.11
CA ARG D 263 22.14 26.92 27.37
C ARG D 263 23.03 25.77 27.82
N LYS D 264 23.80 25.18 26.91
CA LYS D 264 24.67 24.05 27.23
C LYS D 264 25.86 24.46 28.09
N HIS D 265 26.54 23.45 28.65
CA HIS D 265 27.82 23.63 29.29
C HIS D 265 28.58 22.31 29.32
N THR D 266 29.60 22.17 28.48
CA THR D 266 30.33 20.92 28.42
C THR D 266 31.31 20.81 29.57
N GLN D 267 31.16 19.76 30.38
CA GLN D 267 32.03 19.51 31.51
C GLN D 267 33.36 18.91 31.12
N TRP D 268 33.35 17.78 30.41
CA TRP D 268 34.57 17.13 29.98
C TRP D 268 34.32 16.35 28.70
N THR D 269 35.41 16.06 27.99
CA THR D 269 35.38 15.24 26.80
C THR D 269 36.43 14.15 26.97
N TYR D 270 36.03 12.90 26.86
CA TYR D 270 36.94 11.76 27.06
C TYR D 270 36.88 10.88 25.81
N GLY D 271 37.73 11.22 24.84
CA GLY D 271 37.75 10.52 23.59
C GLY D 271 36.50 10.80 22.77
N PRO D 272 35.69 9.77 22.55
CA PRO D 272 34.36 9.97 21.94
C PRO D 272 33.27 10.38 22.91
N LEU D 273 33.51 10.28 24.21
CA LEU D 273 32.52 10.65 25.22
C LEU D 273 32.49 12.15 25.43
N THR D 274 31.30 12.66 25.71
CA THR D 274 31.09 14.06 26.04
C THR D 274 30.02 14.16 27.11
N SER D 275 30.29 14.94 28.15
CA SER D 275 29.35 15.16 29.24
C SER D 275 28.88 16.61 29.19
N THR D 276 27.65 16.81 28.74
CA THR D 276 27.06 18.13 28.60
C THR D 276 26.11 18.36 29.78
N LEU D 277 25.92 19.63 30.14
CA LEU D 277 25.12 20.00 31.29
C LEU D 277 24.10 21.06 30.86
N TYR D 278 22.84 20.67 30.77
CA TYR D 278 21.79 21.51 30.20
C TYR D 278 21.11 22.34 31.28
N ASP D 279 20.44 23.41 30.86
CA ASP D 279 20.09 24.47 31.80
C ASP D 279 18.75 24.23 32.47
N LEU D 280 17.73 23.81 31.71
CA LEU D 280 16.39 23.43 32.22
C LEU D 280 15.70 24.53 33.03
N THR D 281 15.98 25.80 32.73
CA THR D 281 15.28 26.88 33.41
C THR D 281 14.00 27.28 32.70
N GLU D 282 14.06 27.52 31.40
CA GLU D 282 12.87 27.81 30.62
C GLU D 282 12.27 26.56 29.98
N ILE D 283 12.75 25.38 30.34
CA ILE D 283 12.25 24.13 29.80
C ILE D 283 11.42 23.37 30.83
N ASP D 284 11.97 23.16 32.01
CA ASP D 284 11.32 22.35 33.03
C ASP D 284 10.19 23.13 33.67
N SER D 285 9.22 22.39 34.22
CA SER D 285 8.06 22.99 34.85
C SER D 285 8.45 23.70 36.14
N SER D 286 8.42 25.03 36.10
CA SER D 286 8.86 25.85 37.23
C SER D 286 7.82 25.85 38.35
N GLY D 287 6.60 25.43 38.04
CA GLY D 287 5.54 25.41 39.03
C GLY D 287 4.68 26.65 39.09
N ASP D 288 5.15 27.77 38.55
CA ASP D 288 4.37 29.00 38.53
C ASP D 288 4.10 29.45 37.09
N GLU D 289 5.16 29.54 36.30
CA GLU D 289 5.04 30.01 34.93
C GLU D 289 4.84 28.82 34.00
N GLN D 290 4.08 29.04 32.93
CA GLN D 290 3.84 28.02 31.91
C GLN D 290 5.14 27.69 31.18
N SER D 291 5.63 26.49 31.40
CA SER D 291 6.92 26.06 30.88
C SER D 291 6.81 25.64 29.42
N LEU D 292 7.97 25.40 28.81
CA LEU D 292 8.04 25.04 27.40
C LEU D 292 7.41 23.69 27.12
N LEU D 293 7.40 22.77 28.08
CA LEU D 293 6.70 21.50 27.90
C LEU D 293 5.19 21.70 27.85
N GLU D 294 4.70 22.74 28.53
CA GLU D 294 3.26 22.97 28.58
C GLU D 294 2.77 23.70 27.33
N LEU D 295 3.64 24.53 26.74
CA LEU D 295 3.26 25.30 25.56
C LEU D 295 3.21 24.43 24.31
N ILE D 296 4.11 23.46 24.20
CA ILE D 296 4.16 22.61 23.03
C ILE D 296 3.01 21.61 23.01
N ILE D 297 2.57 21.14 24.18
CA ILE D 297 1.41 20.27 24.27
C ILE D 297 0.12 21.01 23.92
N THR D 298 -0.05 22.22 24.43
CA THR D 298 -1.31 22.96 24.28
C THR D 298 -1.33 23.85 23.05
N THR D 299 -0.61 23.50 21.98
CA THR D 299 -0.70 24.24 20.74
C THR D 299 -1.34 23.36 19.68
N LYS D 300 -1.98 23.99 18.69
CA LYS D 300 -2.68 23.28 17.62
C LYS D 300 -1.81 23.07 16.39
N LYS D 301 -0.59 22.56 16.58
CA LYS D 301 0.36 22.45 15.47
C LYS D 301 0.90 21.02 15.38
N ARG D 302 1.76 20.78 14.41
CA ARG D 302 2.30 19.43 14.22
C ARG D 302 3.82 19.40 14.24
N GLU D 303 4.51 20.42 13.73
CA GLU D 303 5.97 20.43 13.73
C GLU D 303 6.55 20.81 15.09
N ALA D 304 5.71 21.28 16.02
CA ALA D 304 6.17 21.48 17.39
C ALA D 304 6.42 20.16 18.09
N ARG D 305 5.77 19.08 17.65
CA ARG D 305 5.94 17.78 18.26
C ARG D 305 7.28 17.14 17.93
N GLN D 306 8.05 17.71 17.01
CA GLN D 306 9.41 17.24 16.78
C GLN D 306 10.37 17.75 17.84
N ILE D 307 9.99 18.78 18.59
CA ILE D 307 10.84 19.32 19.64
C ILE D 307 10.84 18.40 20.86
N LEU D 308 9.79 17.57 21.00
CA LEU D 308 9.76 16.49 21.98
C LEU D 308 10.85 15.44 21.76
N ASP D 309 11.44 15.37 20.56
CA ASP D 309 12.53 14.44 20.29
C ASP D 309 13.90 15.11 20.27
N GLN D 310 13.98 16.39 20.61
CA GLN D 310 15.27 17.06 20.73
C GLN D 310 15.94 16.62 22.02
N THR D 311 17.25 16.85 22.14
CA THR D 311 18.09 16.20 23.14
C THR D 311 17.78 16.55 24.60
N PRO D 312 17.68 17.82 25.05
CA PRO D 312 17.39 18.01 26.49
C PRO D 312 15.95 17.68 26.86
N VAL D 313 15.06 17.65 25.88
CA VAL D 313 13.63 17.48 26.16
C VAL D 313 13.29 15.99 26.18
N LYS D 314 13.99 15.19 25.38
CA LYS D 314 13.70 13.77 25.28
C LYS D 314 14.09 13.01 26.54
N GLU D 315 15.25 13.32 27.11
CA GLU D 315 15.67 12.64 28.34
C GLU D 315 15.05 13.28 29.57
N LEU D 316 14.45 14.46 29.42
CA LEU D 316 13.76 15.07 30.55
C LEU D 316 12.45 14.35 30.83
N VAL D 317 11.65 14.14 29.79
CA VAL D 317 10.33 13.54 30.00
C VAL D 317 10.45 12.03 30.15
N SER D 318 11.56 11.45 29.69
CA SER D 318 11.80 10.04 29.97
C SER D 318 12.21 9.85 31.42
N LEU D 319 12.89 10.84 32.00
CA LEU D 319 13.25 10.78 33.40
C LEU D 319 12.02 10.88 34.30
N LYS D 320 11.08 11.74 33.92
CA LYS D 320 9.89 11.97 34.73
C LYS D 320 8.93 10.79 34.65
N TRP D 321 8.88 10.12 33.51
CA TRP D 321 7.90 9.06 33.31
C TRP D 321 8.34 7.77 33.97
N LYS D 322 9.63 7.43 33.88
CA LYS D 322 10.11 6.20 34.47
C LYS D 322 10.13 6.24 35.99
N ARG D 323 10.42 7.40 36.58
CA ARG D 323 10.55 7.49 38.02
C ARG D 323 9.26 7.90 38.72
N TYR D 324 8.48 8.82 38.16
CA TYR D 324 7.30 9.32 38.85
C TYR D 324 6.04 9.33 38.01
N GLY D 325 6.13 9.25 36.69
CA GLY D 325 4.94 9.31 35.86
C GLY D 325 4.20 8.00 35.78
N ARG D 326 4.89 6.95 35.38
CA ARG D 326 4.26 5.65 35.22
C ARG D 326 3.82 4.99 36.53
N PRO D 327 4.58 5.07 37.68
CA PRO D 327 4.00 4.56 38.93
C PRO D 327 2.74 5.30 39.38
N TYR D 328 2.72 6.62 39.28
CA TYR D 328 1.53 7.36 39.70
C TYR D 328 0.36 7.19 38.74
N PHE D 329 0.61 6.97 37.46
CA PHE D 329 -0.47 6.76 36.51
C PHE D 329 -1.12 5.39 36.69
N CYS D 330 -0.35 4.40 37.11
CA CYS D 330 -0.89 3.06 37.29
C CYS D 330 -1.54 2.89 38.66
N MET D 331 -1.18 3.76 39.62
CA MET D 331 -1.91 3.78 40.87
C MET D 331 -3.28 4.41 40.69
N LEU D 332 -3.36 5.49 39.92
CA LEU D 332 -4.65 6.10 39.62
C LEU D 332 -5.49 5.21 38.73
N GLY D 333 -4.85 4.37 37.93
CA GLY D 333 -5.59 3.50 37.02
C GLY D 333 -6.23 2.32 37.73
N ALA D 334 -5.60 1.86 38.82
CA ALA D 334 -6.13 0.72 39.55
C ALA D 334 -7.21 1.16 40.55
N ILE D 335 -7.13 2.40 41.02
CA ILE D 335 -8.14 2.91 41.94
C ILE D 335 -9.42 3.24 41.18
N TYR D 336 -9.29 3.74 39.95
CA TYR D 336 -10.47 4.04 39.14
C TYR D 336 -11.20 2.77 38.75
N LEU D 337 -10.46 1.68 38.51
CA LEU D 337 -11.07 0.42 38.11
C LEU D 337 -11.85 -0.21 39.26
N LEU D 338 -11.36 -0.05 40.48
CA LEU D 338 -12.09 -0.56 41.64
C LEU D 338 -13.28 0.33 41.97
N TYR D 339 -13.21 1.60 41.58
CA TYR D 339 -14.34 2.51 41.75
C TYR D 339 -15.49 2.16 40.82
N ILE D 340 -15.19 1.66 39.62
CA ILE D 340 -16.24 1.36 38.65
C ILE D 340 -16.88 0.01 38.94
N ILE D 341 -16.11 -0.92 39.52
CA ILE D 341 -16.67 -2.19 39.96
C ILE D 341 -17.61 -1.99 41.14
N CYS D 342 -17.29 -1.01 42.00
CA CYS D 342 -18.19 -0.67 43.10
C CYS D 342 -19.45 0.02 42.59
N PHE D 343 -19.33 0.83 41.54
CA PHE D 343 -20.51 1.44 40.95
C PHE D 343 -21.35 0.41 40.22
N THR D 344 -20.72 -0.63 39.67
CA THR D 344 -21.44 -1.62 38.89
C THR D 344 -22.31 -2.48 39.78
N MET D 345 -21.83 -2.82 40.98
CA MET D 345 -22.59 -3.70 41.86
C MET D 345 -23.70 -2.96 42.58
N CYS D 346 -23.63 -1.63 42.62
CA CYS D 346 -24.72 -0.87 43.21
C CYS D 346 -25.84 -0.67 42.22
N CYS D 347 -25.57 -0.93 40.94
CA CYS D 347 -26.62 -0.84 39.92
C CYS D 347 -27.26 -2.20 39.69
N ILE D 348 -26.48 -3.27 39.86
CA ILE D 348 -27.03 -4.62 39.77
C ILE D 348 -28.00 -4.89 40.90
N TYR D 349 -27.66 -4.45 42.11
CA TYR D 349 -28.49 -4.69 43.30
C TYR D 349 -29.37 -3.50 43.64
N ARG D 350 -29.82 -2.76 42.63
CA ARG D 350 -30.67 -1.60 42.85
C ARG D 350 -32.05 -2.04 43.34
N PRO D 351 -32.74 -1.21 44.16
CA PRO D 351 -33.97 -1.65 44.84
C PRO D 351 -35.13 -1.83 43.88
N LEU D 352 -35.62 -3.06 43.78
CA LEU D 352 -36.74 -3.39 42.91
C LEU D 352 -37.75 -4.24 43.67
N LYS D 353 -39.02 -4.03 43.39
CA LYS D 353 -40.11 -4.74 44.02
C LYS D 353 -41.10 -5.15 42.95
N PRO D 354 -41.94 -6.16 43.20
CA PRO D 354 -43.01 -6.48 42.24
C PRO D 354 -44.00 -5.32 42.10
N ARG D 355 -44.57 -5.21 40.90
CA ARG D 355 -45.45 -4.11 40.57
C ARG D 355 -46.78 -4.24 41.32
N THR D 356 -47.42 -3.10 41.55
CA THR D 356 -48.67 -3.06 42.32
C THR D 356 -49.88 -3.32 41.43
N ASN D 357 -50.02 -2.54 40.36
CA ASN D 357 -51.16 -2.67 39.47
C ASN D 357 -51.02 -3.84 38.51
N ASN D 358 -52.00 -4.02 37.63
CA ASN D 358 -52.01 -5.14 36.69
C ASN D 358 -51.64 -4.65 35.30
N ARG D 359 -51.26 -5.58 34.44
CA ARG D 359 -50.85 -5.24 33.08
C ARG D 359 -52.02 -4.75 32.27
N THR D 360 -51.80 -3.69 31.50
CA THR D 360 -52.89 -3.01 30.80
C THR D 360 -53.23 -3.71 29.48
N SER D 361 -52.27 -3.75 28.57
CA SER D 361 -52.41 -4.39 27.27
C SER D 361 -51.73 -5.75 27.33
N PRO D 362 -51.95 -6.65 26.38
CA PRO D 362 -51.12 -7.87 26.30
C PRO D 362 -49.71 -7.62 25.76
N ARG D 363 -49.38 -6.39 25.39
CA ARG D 363 -48.03 -6.00 25.02
C ARG D 363 -47.24 -5.45 26.19
N ASP D 364 -47.77 -5.53 27.41
CA ASP D 364 -47.08 -5.03 28.58
C ASP D 364 -46.23 -6.15 29.15
N ASN D 365 -44.92 -5.91 29.27
CA ASN D 365 -43.98 -6.97 29.64
C ASN D 365 -43.43 -6.79 31.04
N THR D 366 -43.77 -5.71 31.72
CA THR D 366 -43.09 -5.31 32.94
C THR D 366 -43.59 -6.10 34.14
N LEU D 367 -42.65 -6.67 34.90
CA LEU D 367 -42.99 -7.38 36.12
C LEU D 367 -42.66 -6.61 37.39
N LEU D 368 -41.59 -5.82 37.40
CA LEU D 368 -41.10 -5.21 38.63
C LEU D 368 -41.12 -3.70 38.49
N GLN D 369 -40.90 -3.02 39.62
CA GLN D 369 -40.75 -1.58 39.63
C GLN D 369 -39.85 -1.18 40.79
N GLN D 370 -39.53 0.12 40.85
CA GLN D 370 -38.64 0.63 41.87
C GLN D 370 -39.32 0.67 43.23
N LYS D 371 -38.56 0.38 44.28
CA LYS D 371 -39.00 0.63 45.64
C LYS D 371 -39.01 2.13 45.91
N LEU D 372 -39.72 2.52 46.96
CA LEU D 372 -39.68 3.88 47.45
C LEU D 372 -38.47 4.04 48.37
N LEU D 373 -38.20 5.28 48.74
CA LEU D 373 -36.99 5.60 49.52
C LEU D 373 -37.06 5.02 50.93
N GLN D 374 -38.26 4.98 51.51
CA GLN D 374 -38.41 4.41 52.83
C GLN D 374 -38.39 2.89 52.78
N GLU D 375 -38.71 2.32 51.62
CA GLU D 375 -38.63 0.89 51.42
C GLU D 375 -37.23 0.43 51.02
N ALA D 376 -36.42 1.34 50.45
CA ALA D 376 -35.17 0.95 49.83
C ALA D 376 -34.07 0.61 50.84
N TYR D 377 -34.24 0.99 52.10
CA TYR D 377 -33.20 0.76 53.12
C TYR D 377 -33.89 0.21 54.37
N MET D 378 -34.08 -1.10 54.44
CA MET D 378 -34.74 -1.69 55.60
C MET D 378 -33.98 -2.91 56.12
N THR D 379 -33.26 -3.59 55.25
CA THR D 379 -32.52 -4.80 55.57
C THR D 379 -31.04 -4.48 55.65
N PRO D 380 -30.24 -5.25 56.40
CA PRO D 380 -28.79 -5.02 56.40
C PRO D 380 -28.09 -5.31 55.08
N LYS D 381 -28.75 -5.96 54.13
CA LYS D 381 -28.19 -6.07 52.79
C LYS D 381 -28.21 -4.72 52.08
N ASP D 382 -29.15 -3.86 52.45
CA ASP D 382 -29.22 -2.53 51.85
C ASP D 382 -28.13 -1.63 52.41
N ASP D 383 -27.73 -1.86 53.68
CA ASP D 383 -26.73 -1.01 54.31
C ASP D 383 -25.35 -1.26 53.73
N ILE D 384 -25.10 -2.48 53.26
CA ILE D 384 -23.87 -2.75 52.52
C ILE D 384 -23.89 -2.02 51.18
N ARG D 385 -25.05 -1.98 50.54
CA ARG D 385 -25.19 -1.18 49.32
C ARG D 385 -25.15 0.31 49.63
N LEU D 386 -25.59 0.69 50.83
CA LEU D 386 -25.58 2.11 51.22
C LEU D 386 -24.16 2.63 51.36
N VAL D 387 -23.22 1.76 51.72
CA VAL D 387 -21.80 2.15 51.77
C VAL D 387 -21.29 2.39 50.35
N GLY D 388 -21.56 1.43 49.45
CA GLY D 388 -21.04 1.54 48.09
C GLY D 388 -21.68 2.64 47.28
N GLU D 389 -22.92 3.01 47.64
CA GLU D 389 -23.54 4.16 47.00
C GLU D 389 -22.93 5.47 47.50
N LEU D 390 -22.45 5.48 48.74
CA LEU D 390 -21.75 6.66 49.25
C LEU D 390 -20.36 6.78 48.65
N VAL D 391 -19.70 5.64 48.39
CA VAL D 391 -18.40 5.65 47.71
C VAL D 391 -18.55 6.22 46.30
N THR D 392 -19.68 5.92 45.67
CA THR D 392 -19.93 6.37 44.31
C THR D 392 -20.22 7.87 44.25
N VAL D 393 -21.00 8.37 45.21
CA VAL D 393 -21.38 9.79 45.23
C VAL D 393 -20.19 10.66 45.61
N ILE D 394 -19.45 10.27 46.66
CA ILE D 394 -18.25 11.00 47.07
C ILE D 394 -17.20 10.98 45.98
N GLY D 395 -17.08 9.86 45.28
CA GLY D 395 -16.13 9.77 44.18
C GLY D 395 -16.53 10.61 42.98
N ALA D 396 -17.82 10.92 42.87
CA ALA D 396 -18.29 11.73 41.74
C ALA D 396 -18.13 13.21 42.02
N ILE D 397 -18.10 13.60 43.30
CA ILE D 397 -17.89 14.99 43.66
C ILE D 397 -16.41 15.34 43.52
N ILE D 398 -15.52 14.39 43.81
CA ILE D 398 -14.09 14.60 43.65
C ILE D 398 -13.74 14.77 42.18
N ILE D 399 -14.47 14.10 41.28
CA ILE D 399 -14.31 14.32 39.85
C ILE D 399 -14.68 15.75 39.48
N LEU D 400 -15.74 16.27 40.09
CA LEU D 400 -16.16 17.64 39.83
C LEU D 400 -15.43 18.67 40.70
N LEU D 401 -14.40 18.32 41.45
CA LEU D 401 -13.60 19.31 42.17
C LEU D 401 -12.14 19.31 41.76
N VAL D 402 -11.70 18.32 41.00
CA VAL D 402 -10.33 18.25 40.52
C VAL D 402 -10.31 18.82 39.10
N GLU D 403 -11.43 18.69 38.40
CA GLU D 403 -11.42 18.87 36.96
C GLU D 403 -12.39 19.97 36.53
N VAL D 404 -13.24 20.43 37.43
CA VAL D 404 -14.01 21.64 37.16
C VAL D 404 -13.18 22.89 37.47
N PRO D 405 -12.47 23.05 38.65
CA PRO D 405 -11.72 24.30 38.81
C PRO D 405 -10.37 24.34 38.10
N ASP D 406 -10.31 23.85 36.85
CA ASP D 406 -9.24 24.20 35.93
C ASP D 406 -9.81 24.31 34.52
N ILE D 407 -11.12 24.10 34.38
CA ILE D 407 -11.74 24.05 33.07
C ILE D 407 -12.50 25.36 32.85
N PHE D 408 -12.54 26.21 33.88
CA PHE D 408 -13.06 27.56 33.64
C PHE D 408 -12.01 28.62 33.97
N ARG D 409 -11.18 28.37 34.99
CA ARG D 409 -10.18 29.37 35.37
C ARG D 409 -8.99 29.33 34.41
N MET D 410 -8.85 28.25 33.65
CA MET D 410 -7.86 28.16 32.57
C MET D 410 -8.54 28.12 31.21
N GLY D 411 -9.59 28.91 31.03
CA GLY D 411 -10.21 29.08 29.74
C GLY D 411 -11.63 28.59 29.64
N VAL D 412 -12.58 29.51 29.40
CA VAL D 412 -13.99 29.16 29.27
C VAL D 412 -14.42 28.97 27.82
N THR D 413 -13.82 29.69 26.87
CA THR D 413 -14.12 29.54 25.45
C THR D 413 -12.80 29.53 24.69
N ARG D 414 -12.63 28.49 23.87
CA ARG D 414 -11.55 28.30 22.89
C ARG D 414 -10.16 28.07 23.51
N PHE D 415 -10.06 28.15 24.84
CA PHE D 415 -8.94 27.59 25.56
C PHE D 415 -9.50 26.34 26.23
N PHE D 416 -10.78 26.42 26.59
CA PHE D 416 -11.61 25.24 26.86
C PHE D 416 -11.58 24.26 25.70
N GLY D 417 -11.81 24.76 24.48
CA GLY D 417 -11.86 23.92 23.29
C GLY D 417 -10.55 23.26 22.92
N GLN D 418 -9.44 23.84 23.38
CA GLN D 418 -8.13 23.19 23.24
C GLN D 418 -7.97 22.02 24.19
N THR D 419 -8.69 22.04 25.31
CA THR D 419 -8.65 20.95 26.28
C THR D 419 -9.63 19.86 25.89
N ILE D 420 -10.35 20.04 24.78
CA ILE D 420 -11.29 19.04 24.29
C ILE D 420 -10.78 18.38 23.01
N LEU D 421 -9.99 19.09 22.19
CA LEU D 421 -9.48 18.58 20.91
C LEU D 421 -8.56 17.38 21.13
N GLY D 422 -7.52 17.55 21.93
CA GLY D 422 -6.70 16.42 22.32
C GLY D 422 -7.11 15.89 23.69
N GLY D 423 -8.33 16.21 24.10
CA GLY D 423 -8.83 15.88 25.42
C GLY D 423 -10.19 15.20 25.50
N PRO D 424 -10.49 14.17 24.66
CA PRO D 424 -11.87 13.67 24.60
C PRO D 424 -12.34 12.90 25.84
N PHE D 425 -11.44 12.60 26.77
CA PHE D 425 -11.82 11.95 28.01
C PHE D 425 -12.06 12.90 29.16
N HIS D 426 -11.87 14.20 28.97
CA HIS D 426 -12.34 15.19 29.94
C HIS D 426 -13.85 15.30 29.93
N VAL D 427 -14.46 15.28 28.75
CA VAL D 427 -15.91 15.43 28.63
C VAL D 427 -16.61 14.19 29.17
N LEU D 428 -16.03 13.02 28.89
CA LEU D 428 -16.65 11.74 29.24
C LEU D 428 -16.70 11.53 30.74
N ILE D 429 -15.67 11.95 31.47
CA ILE D 429 -15.63 11.67 32.90
C ILE D 429 -16.39 12.75 33.67
N ILE D 430 -16.61 13.91 33.06
CA ILE D 430 -17.45 14.93 33.68
C ILE D 430 -18.92 14.63 33.43
N THR D 431 -19.23 14.12 32.23
CA THR D 431 -20.61 13.71 31.93
C THR D 431 -21.00 12.49 32.75
N TYR D 432 -20.04 11.61 33.03
CA TYR D 432 -20.23 10.53 33.99
C TYR D 432 -20.60 11.06 35.37
N ALA D 433 -19.90 12.10 35.83
CA ALA D 433 -20.09 12.58 37.19
C ALA D 433 -21.42 13.31 37.34
N PHE D 434 -21.92 13.94 36.26
CA PHE D 434 -23.25 14.51 36.32
C PHE D 434 -24.32 13.44 36.33
N MET D 435 -24.13 12.35 35.56
CA MET D 435 -25.11 11.27 35.50
C MET D 435 -25.22 10.55 36.84
N VAL D 436 -24.14 10.48 37.62
CA VAL D 436 -24.21 9.86 38.93
C VAL D 436 -24.99 10.75 39.90
N LEU D 437 -24.86 12.07 39.75
CA LEU D 437 -25.53 12.96 40.67
C LEU D 437 -27.00 13.16 40.30
N VAL D 438 -27.36 12.92 39.04
CA VAL D 438 -28.77 12.91 38.66
C VAL D 438 -29.45 11.70 39.28
N THR D 439 -28.75 10.57 39.34
CA THR D 439 -29.30 9.35 39.92
C THR D 439 -29.47 9.49 41.43
N MET D 440 -28.63 10.32 42.07
CA MET D 440 -28.76 10.57 43.50
C MET D 440 -30.00 11.37 43.81
N VAL D 441 -30.28 12.41 43.02
CA VAL D 441 -31.42 13.28 43.28
C VAL D 441 -32.73 12.52 43.05
N MET D 442 -32.76 11.67 42.02
CA MET D 442 -33.97 10.90 41.73
C MET D 442 -34.21 9.83 42.79
N ARG D 443 -33.15 9.37 43.46
CA ARG D 443 -33.33 8.43 44.56
C ARG D 443 -33.90 9.12 45.78
N LEU D 444 -33.51 10.38 46.01
CA LEU D 444 -33.98 11.11 47.18
C LEU D 444 -35.42 11.59 47.01
N ILE D 445 -35.79 12.02 45.81
CA ILE D 445 -37.17 12.47 45.59
C ILE D 445 -38.07 11.34 45.12
N SER D 446 -37.55 10.10 45.08
CA SER D 446 -38.29 8.88 44.73
C SER D 446 -38.89 8.95 43.33
N ALA D 447 -38.18 9.58 42.41
CA ALA D 447 -38.65 9.66 41.03
C ALA D 447 -38.47 8.32 40.33
N SER D 448 -39.32 8.07 39.34
CA SER D 448 -39.29 6.86 38.57
C SER D 448 -38.49 7.11 37.30
N GLY D 449 -37.61 6.17 36.95
CA GLY D 449 -36.83 6.31 35.74
C GLY D 449 -35.35 6.43 35.97
N GLU D 450 -34.83 5.77 37.00
CA GLU D 450 -33.40 5.85 37.30
C GLU D 450 -32.57 5.02 36.33
N VAL D 451 -33.22 4.18 35.52
CA VAL D 451 -32.49 3.36 34.56
C VAL D 451 -31.93 4.22 33.43
N VAL D 452 -32.52 5.39 33.21
CA VAL D 452 -32.05 6.29 32.15
C VAL D 452 -30.76 7.00 32.55
N PRO D 453 -30.59 7.58 33.76
CA PRO D 453 -29.24 8.10 34.08
C PRO D 453 -28.20 7.03 34.36
N MET D 454 -28.62 5.85 34.86
CA MET D 454 -27.66 4.79 35.14
C MET D 454 -27.06 4.20 33.87
N SER D 455 -27.87 4.07 32.81
CA SER D 455 -27.40 3.43 31.60
C SER D 455 -26.36 4.26 30.89
N PHE D 456 -26.47 5.58 30.97
CA PHE D 456 -25.39 6.44 30.50
C PHE D 456 -24.18 6.32 31.40
N ALA D 457 -24.39 6.18 32.70
CA ALA D 457 -23.27 6.20 33.64
C ALA D 457 -22.51 4.87 33.63
N LEU D 458 -23.18 3.77 33.28
CA LEU D 458 -22.46 2.51 33.15
C LEU D 458 -21.59 2.47 31.91
N VAL D 459 -22.09 3.01 30.80
CA VAL D 459 -21.33 2.98 29.55
C VAL D 459 -20.21 4.00 29.59
N LEU D 460 -20.49 5.20 30.10
CA LEU D 460 -19.45 6.22 30.22
C LEU D 460 -18.47 5.86 31.33
N GLY D 461 -18.89 5.07 32.30
CA GLY D 461 -17.98 4.65 33.35
C GLY D 461 -16.95 3.65 32.89
N TRP D 462 -17.36 2.67 32.11
CA TRP D 462 -16.43 1.63 31.68
C TRP D 462 -15.63 2.03 30.45
N CYS D 463 -16.11 3.00 29.67
CA CYS D 463 -15.34 3.41 28.50
C CYS D 463 -14.22 4.37 28.87
N ASN D 464 -14.19 4.85 30.11
CA ASN D 464 -13.07 5.68 30.55
C ASN D 464 -11.89 4.83 31.01
N VAL D 465 -12.06 3.51 31.06
CA VAL D 465 -10.95 2.63 31.41
C VAL D 465 -9.96 2.56 30.26
N MET D 466 -10.45 2.83 29.05
CA MET D 466 -9.66 2.80 27.83
C MET D 466 -8.66 3.96 27.79
N TYR D 467 -8.91 5.00 28.60
CA TYR D 467 -7.95 6.08 28.80
C TYR D 467 -6.62 5.58 29.34
N PHE D 468 -6.66 4.63 30.27
CA PHE D 468 -5.46 4.20 30.96
C PHE D 468 -4.64 3.20 30.14
N ALA D 469 -5.08 2.90 28.93
CA ALA D 469 -4.34 2.03 28.04
C ALA D 469 -3.10 2.69 27.46
N ARG D 470 -2.98 4.01 27.57
CA ARG D 470 -1.84 4.72 27.02
C ARG D 470 -0.59 4.57 27.89
N GLY D 471 -0.73 4.15 29.13
CA GLY D 471 0.42 4.01 29.99
C GLY D 471 1.16 2.70 29.89
N PHE D 472 1.00 1.97 28.79
CA PHE D 472 1.63 0.66 28.62
C PHE D 472 2.27 0.59 27.24
N GLN D 473 3.46 -0.01 27.18
CA GLN D 473 4.14 -0.22 25.91
C GLN D 473 3.39 -1.17 24.99
N MET D 474 2.73 -2.18 25.55
CA MET D 474 2.09 -3.21 24.75
C MET D 474 0.79 -2.72 24.11
N LEU D 475 0.05 -1.87 24.82
CA LEU D 475 -1.22 -1.35 24.31
C LEU D 475 -1.13 0.08 23.80
N GLY D 476 0.02 0.71 23.91
CA GLY D 476 0.16 2.12 23.62
C GLY D 476 -0.05 2.51 22.17
N PRO D 477 0.85 2.09 21.29
CA PRO D 477 0.69 2.44 19.87
C PRO D 477 -0.47 1.72 19.19
N PHE D 478 -0.97 0.63 19.76
CA PHE D 478 -2.06 -0.08 19.11
C PHE D 478 -3.41 0.58 19.39
N THR D 479 -3.55 1.20 20.56
CA THR D 479 -4.79 1.90 20.87
C THR D 479 -4.89 3.19 20.07
N ILE D 480 -3.74 3.74 19.67
CA ILE D 480 -3.69 4.89 18.77
C ILE D 480 -4.37 4.57 17.44
N MET D 481 -4.07 3.39 16.89
CA MET D 481 -4.60 3.02 15.58
C MET D 481 -6.07 2.65 15.67
N ILE D 482 -6.48 1.99 16.75
CA ILE D 482 -7.87 1.60 16.94
C ILE D 482 -8.78 2.81 17.19
N GLN D 483 -8.34 3.77 18.00
CA GLN D 483 -9.16 4.93 18.32
C GLN D 483 -9.25 5.95 17.20
N LYS D 484 -8.22 6.05 16.36
CA LYS D 484 -8.18 7.11 15.34
C LYS D 484 -9.19 6.84 14.24
N MET D 485 -10.07 7.81 14.00
CA MET D 485 -11.05 7.73 12.92
C MET D 485 -11.33 9.13 12.41
N ILE D 486 -11.62 9.24 11.12
CA ILE D 486 -11.72 10.52 10.42
C ILE D 486 -13.17 10.99 10.42
N PHE D 487 -13.40 12.24 10.81
CA PHE D 487 -14.74 12.78 10.90
C PHE D 487 -15.17 13.47 9.61
N GLY D 488 -14.44 13.23 8.53
CA GLY D 488 -14.85 13.71 7.23
C GLY D 488 -15.57 12.64 6.45
N ASP D 489 -14.97 11.44 6.41
CA ASP D 489 -15.58 10.30 5.74
C ASP D 489 -16.50 9.49 6.62
N LEU D 490 -16.62 9.84 7.92
CA LEU D 490 -17.58 9.15 8.78
C LEU D 490 -18.82 10.00 9.02
N MET D 491 -18.70 11.32 8.97
CA MET D 491 -19.89 12.15 8.94
C MET D 491 -20.51 12.14 7.55
N ARG D 492 -19.75 11.73 6.54
CA ARG D 492 -20.33 11.47 5.23
C ARG D 492 -21.10 10.16 5.25
N PHE D 493 -20.54 9.13 5.88
CA PHE D 493 -21.21 7.83 5.94
C PHE D 493 -22.48 7.91 6.78
N CYS D 494 -22.45 8.65 7.88
CA CYS D 494 -23.59 8.68 8.79
C CYS D 494 -24.71 9.53 8.23
N TRP D 495 -24.41 10.41 7.27
CA TRP D 495 -25.48 11.11 6.57
C TRP D 495 -26.03 10.25 5.43
N LEU D 496 -25.16 9.50 4.77
CA LEU D 496 -25.62 8.63 3.69
C LEU D 496 -26.26 7.35 4.22
N MET D 497 -25.94 6.97 5.46
CA MET D 497 -26.68 5.88 6.09
C MET D 497 -28.08 6.31 6.45
N ALA D 498 -28.24 7.56 6.94
CA ALA D 498 -29.55 8.03 7.37
C ALA D 498 -30.46 8.31 6.19
N VAL D 499 -29.88 8.54 5.01
CA VAL D 499 -30.67 8.76 3.81
C VAL D 499 -31.23 7.45 3.28
N VAL D 500 -30.45 6.37 3.36
CA VAL D 500 -30.91 5.06 2.91
C VAL D 500 -31.98 4.53 3.85
N ILE D 501 -31.82 4.76 5.16
CA ILE D 501 -32.76 4.25 6.14
C ILE D 501 -34.11 4.94 5.99
N LEU D 502 -34.12 6.27 5.83
CA LEU D 502 -35.39 6.99 5.71
C LEU D 502 -36.09 6.68 4.38
N GLY D 503 -35.33 6.37 3.35
CA GLY D 503 -35.95 6.05 2.07
C GLY D 503 -36.51 4.64 2.03
N PHE D 504 -35.83 3.71 2.70
CA PHE D 504 -36.25 2.32 2.63
C PHE D 504 -37.15 1.91 3.79
N ALA D 505 -37.08 2.59 4.94
CA ALA D 505 -38.04 2.27 5.99
C ALA D 505 -39.42 2.79 5.63
N SER D 506 -39.48 3.90 4.90
CA SER D 506 -40.77 4.42 4.45
C SER D 506 -41.35 3.54 3.36
N ALA D 507 -40.49 2.95 2.52
CA ALA D 507 -40.95 2.00 1.53
C ALA D 507 -41.42 0.72 2.18
N PHE D 508 -40.64 0.20 3.15
CA PHE D 508 -41.02 -1.01 3.86
C PHE D 508 -42.24 -0.81 4.72
N TYR D 509 -42.50 0.43 5.15
CA TYR D 509 -43.68 0.70 5.96
C TYR D 509 -44.96 0.58 5.12
N ILE D 510 -44.97 1.21 3.95
CA ILE D 510 -46.22 1.25 3.18
C ILE D 510 -46.47 -0.05 2.45
N ILE D 511 -45.45 -0.88 2.26
CA ILE D 511 -45.66 -2.19 1.67
C ILE D 511 -46.39 -3.12 2.63
N PHE D 512 -45.96 -3.16 3.88
CA PHE D 512 -46.59 -3.99 4.90
C PHE D 512 -47.67 -3.26 5.67
N GLN D 513 -48.15 -2.12 5.16
CA GLN D 513 -49.13 -1.34 5.87
C GLN D 513 -50.51 -1.96 5.80
N THR D 514 -50.78 -2.76 4.77
CA THR D 514 -52.05 -3.45 4.59
C THR D 514 -52.00 -4.91 5.03
N GLU D 515 -50.96 -5.33 5.74
CA GLU D 515 -50.74 -6.73 6.05
C GLU D 515 -50.97 -6.98 7.53
N ASP D 516 -51.01 -8.26 7.89
CA ASP D 516 -51.17 -8.67 9.28
C ASP D 516 -49.80 -8.69 9.97
N PRO D 517 -49.60 -7.91 11.03
CA PRO D 517 -48.28 -7.89 11.68
C PRO D 517 -48.03 -9.05 12.62
N GLU D 518 -48.98 -9.98 12.76
CA GLU D 518 -48.77 -11.13 13.64
C GLU D 518 -47.73 -12.08 13.07
N GLU D 519 -47.69 -12.23 11.76
CA GLU D 519 -46.68 -13.06 11.12
C GLU D 519 -45.35 -12.33 11.02
N LEU D 520 -45.35 -11.19 10.35
CA LEU D 520 -44.16 -10.39 10.15
C LEU D 520 -44.42 -9.00 10.73
N GLY D 521 -43.84 -8.73 11.88
CA GLY D 521 -44.14 -7.49 12.58
C GLY D 521 -42.99 -6.51 12.64
N HIS D 522 -42.07 -6.63 11.69
CA HIS D 522 -40.87 -5.81 11.62
C HIS D 522 -41.16 -4.34 11.38
N PHE D 523 -42.31 -4.00 10.82
CA PHE D 523 -42.59 -2.64 10.36
C PHE D 523 -43.98 -2.22 10.79
N TYR D 524 -44.41 -2.59 12.00
CA TYR D 524 -45.81 -2.45 12.35
C TYR D 524 -46.21 -1.00 12.60
N ASP D 525 -45.33 -0.19 13.16
CA ASP D 525 -45.50 1.25 13.11
C ASP D 525 -44.20 1.90 12.66
N TYR D 526 -44.27 3.19 12.39
CA TYR D 526 -43.17 3.87 11.72
C TYR D 526 -41.91 4.06 12.56
N PRO D 527 -41.94 4.29 13.89
CA PRO D 527 -40.67 4.27 14.63
C PRO D 527 -40.00 2.90 14.69
N MET D 528 -40.77 1.81 14.64
CA MET D 528 -40.15 0.49 14.61
C MET D 528 -39.53 0.19 13.26
N ALA D 529 -40.16 0.65 12.19
CA ALA D 529 -39.65 0.42 10.84
C ALA D 529 -38.34 1.17 10.61
N LEU D 530 -38.15 2.29 11.30
CA LEU D 530 -36.87 2.98 11.26
C LEU D 530 -35.80 2.19 11.99
N PHE D 531 -36.18 1.52 13.07
CA PHE D 531 -35.20 0.76 13.85
C PHE D 531 -34.90 -0.58 13.20
N SER D 532 -35.87 -1.15 12.49
CA SER D 532 -35.63 -2.42 11.80
C SER D 532 -34.75 -2.22 10.58
N THR D 533 -34.97 -1.15 9.82
CA THR D 533 -34.17 -0.88 8.63
C THR D 533 -32.75 -0.47 9.01
N PHE D 534 -32.58 0.14 10.18
CA PHE D 534 -31.26 0.40 10.71
C PHE D 534 -30.51 -0.89 11.04
N GLU D 535 -31.23 -1.86 11.60
CA GLU D 535 -30.62 -3.14 11.94
C GLU D 535 -30.38 -3.99 10.71
N LEU D 536 -31.23 -3.89 9.70
CA LEU D 536 -31.02 -4.59 8.44
C LEU D 536 -29.90 -3.98 7.62
N PHE D 537 -29.64 -2.68 7.78
CA PHE D 537 -28.53 -2.04 7.08
C PHE D 537 -27.20 -2.55 7.57
N LEU D 538 -27.06 -2.72 8.88
CA LEU D 538 -25.85 -3.23 9.50
C LEU D 538 -25.78 -4.74 9.51
N THR D 539 -26.82 -5.42 9.03
CA THR D 539 -26.99 -6.87 8.96
C THR D 539 -26.83 -7.52 10.33
N ILE D 540 -27.50 -6.96 11.34
CA ILE D 540 -27.44 -7.49 12.69
C ILE D 540 -28.74 -8.17 13.11
N ILE D 541 -29.79 -8.07 12.31
CA ILE D 541 -30.95 -8.94 12.38
C ILE D 541 -31.17 -9.51 10.99
N ASP D 542 -31.91 -10.61 10.92
CA ASP D 542 -32.13 -11.29 9.65
C ASP D 542 -33.19 -10.57 8.82
N GLY D 543 -33.11 -10.76 7.51
CA GLY D 543 -34.14 -10.32 6.60
C GLY D 543 -35.46 -10.99 6.91
N PRO D 544 -36.54 -10.20 6.92
CA PRO D 544 -37.85 -10.75 7.29
C PRO D 544 -38.38 -11.76 6.27
N ALA D 545 -38.90 -12.86 6.78
CA ALA D 545 -39.40 -13.95 5.95
C ALA D 545 -40.38 -14.78 6.74
N ASN D 546 -41.39 -15.33 6.07
CA ASN D 546 -42.29 -16.24 6.77
C ASN D 546 -42.31 -17.62 6.13
N TYR D 547 -42.56 -17.66 4.82
CA TYR D 547 -42.69 -18.81 3.91
C TYR D 547 -43.99 -19.59 4.11
N ASN D 548 -44.76 -19.28 5.15
CA ASN D 548 -46.07 -19.87 5.34
C ASN D 548 -47.18 -18.99 4.78
N VAL D 549 -46.83 -17.81 4.26
CA VAL D 549 -47.83 -16.83 3.83
C VAL D 549 -47.23 -16.11 2.63
N ASP D 550 -48.10 -15.43 1.88
CA ASP D 550 -47.66 -14.69 0.71
C ASP D 550 -47.30 -13.26 1.10
N LEU D 551 -46.00 -12.96 1.06
CA LEU D 551 -45.53 -11.60 1.25
C LEU D 551 -45.79 -10.78 0.01
N PRO D 552 -45.86 -9.45 0.11
CA PRO D 552 -46.10 -8.63 -1.08
C PRO D 552 -44.96 -8.69 -2.07
N PHE D 553 -45.29 -8.43 -3.34
CA PHE D 553 -44.29 -8.55 -4.40
C PHE D 553 -43.29 -7.40 -4.35
N MET D 554 -43.70 -6.25 -3.82
CA MET D 554 -42.78 -5.12 -3.77
C MET D 554 -41.75 -5.29 -2.66
N TYR D 555 -41.98 -6.21 -1.74
CA TYR D 555 -40.99 -6.47 -0.68
C TYR D 555 -39.72 -7.09 -1.23
N SER D 556 -39.86 -8.08 -2.12
CA SER D 556 -38.68 -8.77 -2.64
C SER D 556 -37.87 -7.86 -3.55
N ILE D 557 -38.54 -6.98 -4.30
CA ILE D 557 -37.83 -6.08 -5.20
C ILE D 557 -37.09 -5.01 -4.40
N THR D 558 -37.71 -4.54 -3.32
CA THR D 558 -37.13 -3.44 -2.56
C THR D 558 -36.01 -3.93 -1.66
N TYR D 559 -36.19 -5.10 -1.03
CA TYR D 559 -35.18 -5.57 -0.09
C TYR D 559 -33.95 -6.09 -0.83
N ALA D 560 -34.11 -6.53 -2.06
CA ALA D 560 -32.94 -6.90 -2.87
C ALA D 560 -32.16 -5.66 -3.29
N ALA D 561 -32.87 -4.56 -3.56
CA ALA D 561 -32.18 -3.31 -3.87
C ALA D 561 -31.54 -2.73 -2.61
N PHE D 562 -32.19 -2.89 -1.47
CA PHE D 562 -31.66 -2.40 -0.20
C PHE D 562 -30.40 -3.15 0.21
N ALA D 563 -30.34 -4.45 -0.09
CA ALA D 563 -29.20 -5.26 0.33
C ALA D 563 -27.95 -4.93 -0.48
N ILE D 564 -28.13 -4.50 -1.72
CA ILE D 564 -26.98 -4.14 -2.56
C ILE D 564 -26.45 -2.78 -2.16
N ILE D 565 -27.35 -1.85 -1.81
CA ILE D 565 -26.94 -0.51 -1.41
C ILE D 565 -26.23 -0.53 -0.06
N ALA D 566 -26.70 -1.37 0.87
CA ALA D 566 -26.03 -1.53 2.16
C ALA D 566 -24.67 -2.18 2.01
N THR D 567 -24.55 -3.13 1.08
CA THR D 567 -23.26 -3.71 0.74
C THR D 567 -22.33 -2.68 0.10
N LEU D 568 -22.90 -1.80 -0.72
CA LEU D 568 -22.12 -0.76 -1.38
C LEU D 568 -21.55 0.24 -0.39
N LEU D 569 -22.37 0.68 0.56
CA LEU D 569 -21.93 1.74 1.47
C LEU D 569 -20.98 1.20 2.54
N MET D 570 -21.03 -0.10 2.82
CA MET D 570 -20.02 -0.69 3.70
C MET D 570 -18.67 -0.74 3.02
N LEU D 571 -18.66 -1.03 1.71
CA LEU D 571 -17.40 -1.07 0.98
C LEU D 571 -16.85 0.33 0.74
N ASN D 572 -17.71 1.35 0.72
CA ASN D 572 -17.23 2.73 0.68
C ASN D 572 -16.51 3.09 1.97
N LEU D 573 -16.98 2.55 3.09
CA LEU D 573 -16.40 2.92 4.37
C LEU D 573 -15.05 2.27 4.58
N LEU D 574 -14.86 1.06 4.06
CA LEU D 574 -13.56 0.40 4.15
C LEU D 574 -12.51 1.10 3.30
N ILE D 575 -12.85 1.42 2.05
CA ILE D 575 -11.90 2.07 1.15
C ILE D 575 -11.59 3.50 1.62
N ALA D 576 -12.54 4.16 2.28
CA ALA D 576 -12.28 5.47 2.85
C ALA D 576 -11.36 5.38 4.06
N MET D 577 -11.45 4.28 4.82
CA MET D 577 -10.58 4.10 5.97
C MET D 577 -9.19 3.59 5.61
N MET D 578 -8.81 3.58 4.33
CA MET D 578 -7.51 3.10 3.90
C MET D 578 -6.68 4.20 3.24
N GLY D 579 -7.06 5.45 3.40
CA GLY D 579 -6.42 6.48 2.62
C GLY D 579 -5.97 7.72 3.35
N ASP D 580 -4.65 7.97 3.33
CA ASP D 580 -4.01 9.26 3.59
C ASP D 580 -4.10 9.78 5.01
N THR D 581 -4.84 9.09 5.89
CA THR D 581 -4.78 9.43 7.31
C THR D 581 -4.34 8.21 8.11
N HIS D 582 -4.96 7.06 7.84
CA HIS D 582 -4.52 5.82 8.46
C HIS D 582 -3.18 5.38 7.91
N TRP D 583 -2.83 5.85 6.71
CA TRP D 583 -1.48 5.66 6.19
C TRP D 583 -0.46 6.48 6.96
N ARG D 584 -0.92 7.59 7.55
CA ARG D 584 -0.03 8.44 8.34
C ARG D 584 0.06 7.96 9.79
N VAL D 585 -1.07 7.50 10.34
CA VAL D 585 -1.12 7.04 11.72
C VAL D 585 -0.36 5.73 11.88
N ALA D 586 -0.34 4.89 10.83
CA ALA D 586 0.44 3.67 10.87
C ALA D 586 1.94 3.94 10.87
N HIS D 587 2.36 5.10 10.36
CA HIS D 587 3.76 5.48 10.33
C HIS D 587 4.14 6.41 11.49
N GLU D 588 3.17 6.93 12.24
CA GLU D 588 3.45 7.90 13.29
C GLU D 588 2.91 7.45 14.65
N ARG D 589 2.65 6.16 14.83
CA ARG D 589 1.96 5.72 16.04
C ARG D 589 2.87 5.76 17.26
N ASP D 590 4.18 5.74 17.04
CA ASP D 590 5.11 5.80 18.17
C ASP D 590 5.37 7.22 18.61
N GLU D 591 5.36 8.15 17.65
CA GLU D 591 5.51 9.56 17.99
C GLU D 591 4.24 10.12 18.61
N LEU D 592 3.08 9.63 18.20
CA LEU D 592 1.82 10.06 18.80
C LEU D 592 1.65 9.48 20.20
N TRP D 593 2.21 8.29 20.44
CA TRP D 593 2.09 7.70 21.76
C TRP D 593 3.02 8.38 22.75
N ARG D 594 4.19 8.81 22.32
CA ARG D 594 5.08 9.54 23.21
C ARG D 594 4.57 10.95 23.48
N ALA D 595 3.77 11.49 22.58
CA ALA D 595 3.17 12.80 22.81
C ALA D 595 2.01 12.70 23.79
N GLN D 596 1.49 11.49 24.03
CA GLN D 596 0.51 11.30 25.08
C GLN D 596 1.17 11.10 26.43
N ILE D 597 2.37 10.52 26.44
CA ILE D 597 3.15 10.37 27.66
C ILE D 597 3.55 11.73 28.22
N VAL D 598 3.93 12.65 27.34
CA VAL D 598 4.32 13.99 27.76
C VAL D 598 3.11 14.77 28.24
N ALA D 599 1.96 14.59 27.56
CA ALA D 599 0.76 15.31 27.94
C ALA D 599 0.19 14.81 29.26
N THR D 600 0.43 13.55 29.58
CA THR D 600 -0.04 12.99 30.84
C THR D 600 0.88 13.40 31.99
N THR D 601 2.19 13.40 31.74
CA THR D 601 3.19 13.74 32.76
C THR D 601 3.07 15.19 33.20
N VAL D 602 2.72 16.07 32.26
CA VAL D 602 2.48 17.48 32.59
C VAL D 602 1.23 17.63 33.46
N MET D 603 0.20 16.83 33.15
CA MET D 603 -1.04 16.89 33.92
C MET D 603 -0.84 16.35 35.34
N LEU D 604 -0.08 15.27 35.47
CA LEU D 604 0.13 14.68 36.79
C LEU D 604 1.06 15.53 37.65
N GLU D 605 1.95 16.28 37.01
CA GLU D 605 2.90 17.08 37.78
C GLU D 605 2.24 18.34 38.35
N ARG D 606 1.23 18.86 37.67
CA ARG D 606 0.52 20.02 38.20
C ARG D 606 -0.37 19.63 39.36
N LYS D 607 -1.13 18.55 39.21
CA LYS D 607 -2.18 18.25 40.17
C LYS D 607 -1.63 17.60 41.44
N LEU D 608 -0.61 16.75 41.29
CA LEU D 608 0.03 16.18 42.46
C LEU D 608 0.85 17.26 43.17
N PRO D 609 0.91 17.21 44.50
CA PRO D 609 1.72 18.19 45.24
C PRO D 609 3.21 17.96 45.06
N ARG D 610 3.99 18.95 45.46
CA ARG D 610 5.44 18.94 45.24
C ARG D 610 6.12 17.95 46.19
N CYS D 611 5.44 17.60 47.28
CA CYS D 611 5.93 16.58 48.19
C CYS D 611 5.97 15.18 47.59
N LEU D 612 5.10 14.86 46.64
CA LEU D 612 5.12 13.55 46.00
C LEU D 612 5.88 13.56 44.68
N TRP D 613 6.15 14.74 44.13
CA TRP D 613 6.86 14.86 42.85
C TRP D 613 8.11 15.68 43.09
N PRO D 614 9.28 15.06 43.25
CA PRO D 614 10.53 15.84 43.32
C PRO D 614 10.85 16.51 42.00
N ARG D 615 11.50 17.65 42.09
CA ARG D 615 11.80 18.46 40.91
C ARG D 615 12.94 17.82 40.12
N SER D 616 12.85 17.92 38.80
CA SER D 616 13.74 17.21 37.90
C SER D 616 15.05 17.96 37.71
N GLY D 617 16.12 17.21 37.51
CA GLY D 617 17.44 17.77 37.43
C GLY D 617 18.14 17.78 38.77
N ILE D 618 19.28 18.48 38.79
CA ILE D 618 20.07 18.65 40.01
C ILE D 618 20.30 20.13 40.23
N CYS D 619 19.95 20.61 41.42
CA CYS D 619 20.14 22.00 41.78
C CYS D 619 21.62 22.29 41.95
N GLY D 620 22.16 23.19 41.14
CA GLY D 620 23.57 23.50 41.18
C GLY D 620 23.95 24.59 42.18
N ARG D 621 23.24 24.64 43.30
CA ARG D 621 23.52 25.61 44.34
C ARG D 621 24.74 25.24 45.16
N GLU D 622 24.85 23.98 45.58
CA GLU D 622 26.00 23.50 46.34
C GLU D 622 27.14 23.05 45.44
N TYR D 623 27.06 23.31 44.14
CA TYR D 623 28.14 22.97 43.21
C TYR D 623 28.71 24.21 42.53
N GLY D 624 28.34 25.41 42.98
CA GLY D 624 28.86 26.64 42.42
C GLY D 624 28.39 26.94 41.02
N LEU D 625 27.09 26.81 40.78
CA LEU D 625 26.58 27.04 39.44
C LEU D 625 25.37 27.98 39.42
N GLY D 626 25.00 28.59 40.54
CA GLY D 626 23.80 29.38 40.64
C GLY D 626 22.62 28.56 41.15
N ASP D 627 21.51 29.26 41.31
CA ASP D 627 20.27 28.62 41.78
C ASP D 627 19.45 28.10 40.61
N ARG D 628 20.02 27.13 39.88
CA ARG D 628 19.40 26.56 38.70
C ARG D 628 19.44 25.04 38.79
N TRP D 629 18.55 24.40 38.03
CA TRP D 629 18.41 22.95 38.03
C TRP D 629 18.94 22.36 36.73
N PHE D 630 20.03 21.61 36.83
CA PHE D 630 20.76 21.20 35.64
C PHE D 630 20.52 19.72 35.35
N LEU D 631 20.54 19.39 34.06
CA LEU D 631 20.43 18.01 33.60
C LEU D 631 21.73 17.62 32.91
N ARG D 632 22.35 16.54 33.39
CA ARG D 632 23.62 16.08 32.87
C ARG D 632 23.37 14.94 31.89
N VAL D 633 23.76 15.14 30.63
CA VAL D 633 23.51 14.18 29.55
C VAL D 633 24.86 13.74 29.01
N GLU D 634 25.09 12.44 28.93
CA GLU D 634 26.32 11.89 28.41
C GLU D 634 26.06 11.09 27.15
N ASP D 635 26.77 11.43 26.07
CA ASP D 635 26.59 10.76 24.80
C ASP D 635 27.93 10.45 24.17
N ARG D 636 27.90 9.69 23.08
CA ARG D 636 29.08 9.36 22.30
C ARG D 636 28.94 9.98 20.91
N GLN D 637 29.97 10.71 20.48
CA GLN D 637 29.85 11.54 19.28
C GLN D 637 30.09 10.76 17.99
N ASP D 638 30.77 9.62 18.08
CA ASP D 638 31.30 8.75 16.98
C ASP D 638 31.32 9.27 15.53
#